data_3ZOC
# 
_entry.id   3ZOC 
# 
_audit_conform.dict_name       mmcif_pdbx.dic 
_audit_conform.dict_version    5.383 
_audit_conform.dict_location   http://mmcif.pdb.org/dictionaries/ascii/mmcif_pdbx.dic 
# 
loop_
_database_2.database_id 
_database_2.database_code 
_database_2.pdbx_database_accession 
_database_2.pdbx_DOI 
PDB   3ZOC         pdb_00003zoc 10.2210/pdb3zoc/pdb 
PDBE  EBI-55915    ?            ?                   
WWPDB D_1290055915 ?            ?                   
# 
loop_
_pdbx_database_related.db_name 
_pdbx_database_related.db_id 
_pdbx_database_related.content_type 
_pdbx_database_related.details 
PDB 3ZOD unspecified 
'CRYSTAL STRUCTURE OF FMN-BINDING PROTEIN (NP_142786.1) FROM PYROCOCCUS HORIKOSHII WITH BOUND BENZENE-1,4-DIOL'   
PDB 3ZOE unspecified 
'CRYSTAL STRUCTURE OF FMN-BINDING PROTEIN (YP_005476) FROM THERMUS THERMOPHILUS WITH BOUND P-HYDROXYBENZALDEHYDE' 
PDB 3ZOF unspecified 'CRYSTAL STRUCTURE OF FMN-BINDING PROTEIN (YP_005476) FROM THERMUS THERMOPHILUS WITH BOUND BENZENE-1,4-DIOL' 
# 
_pdbx_database_status.status_code                     REL 
_pdbx_database_status.entry_id                        3ZOC 
_pdbx_database_status.deposit_site                    PDBE 
_pdbx_database_status.process_site                    PDBE 
_pdbx_database_status.SG_entry                        . 
_pdbx_database_status.recvd_initial_deposition_date   2013-02-21 
_pdbx_database_status.pdb_format_compatible           Y 
_pdbx_database_status.status_code_sf                  REL 
_pdbx_database_status.status_code_mr                  ? 
_pdbx_database_status.status_code_cs                  ? 
_pdbx_database_status.methods_development_category    ? 
_pdbx_database_status.status_code_nmr_data            ? 
# 
loop_
_audit_author.name 
_audit_author.pdbx_ordinal 
'Pavkov-Keller, T.' 1 
'Steinkellner, G.'  2 
'Gruber, C.C.'      3 
'Steiner, K.'       4 
'Winkler, C.'       5 
'Schwamberger, O.'  6 
'Schwab, H.'        7 
'Faber, K.'         8 
'Gruber, K.'        9 
# 
_citation.id                        primary 
_citation.title                     
'Identification of Promiscuous Ene-Reductase Activity by Mining Structural Databases Using Active Site Constellations.' 
_citation.journal_abbrev            Nat.Commun. 
_citation.journal_volume            5 
_citation.page_first                4150 
_citation.page_last                 ? 
_citation.year                      2014 
_citation.journal_id_ASTM           ? 
_citation.country                   UK 
_citation.journal_id_ISSN           2041-1723 
_citation.journal_id_CSD            ? 
_citation.book_publisher            ? 
_citation.pdbx_database_id_PubMed   24954722 
_citation.pdbx_database_id_DOI      10.1038/NCOMMS5150 
# 
loop_
_citation_author.citation_id 
_citation_author.name 
_citation_author.ordinal 
_citation_author.identifier_ORCID 
primary 'Steinkellner, G.'  1  ? 
primary 'Gruber, C.C.'      2  ? 
primary 'Pavkov-Keller, T.' 3  ? 
primary 'Binter, A.'        4  ? 
primary 'Steiner, K.'       5  ? 
primary 'Winkler, C.'       6  ? 
primary 'Lyskowski, A.'     7  ? 
primary 'Schwamberger, O.'  8  ? 
primary 'Oberer, M.'        9  ? 
primary 'Schwab, H.'        10 ? 
primary 'Faber, K.'         11 ? 
primary 'Macheroux, P.'     12 ? 
primary 'Gruber, K.'        13 ? 
# 
_cell.entry_id           3ZOC 
_cell.length_a           46.321 
_cell.length_b           46.321 
_cell.length_c           268.770 
_cell.angle_alpha        90.00 
_cell.angle_beta         90.00 
_cell.angle_gamma        120.00 
_cell.Z_PDB              12 
_cell.pdbx_unique_axis   ? 
# 
_symmetry.entry_id                         3ZOC 
_symmetry.space_group_name_H-M             'P 61 2 2' 
_symmetry.pdbx_full_space_group_name_H-M   ? 
_symmetry.cell_setting                     ? 
_symmetry.Int_Tables_number                178 
# 
loop_
_entity.id 
_entity.type 
_entity.src_method 
_entity.pdbx_description 
_entity.formula_weight 
_entity.pdbx_number_of_molecules 
_entity.pdbx_ec 
_entity.pdbx_mutation 
_entity.pdbx_fragment 
_entity.details 
1 polymer     man 'FMN-BINDING PROTEIN'   21691.045 1  ? ? ? ? 
2 non-polymer syn 'FLAVIN MONONUCLEOTIDE' 456.344   1  ? ? ? ? 
3 non-polymer syn P-HYDROXYBENZALDEHYDE   122.121   1  ? ? ? ? 
4 water       nat water                   18.015    18 ? ? ? ? 
# 
_entity_name_com.entity_id   1 
_entity_name_com.name        'UNCHARACTERIZED PROTEIN PH0856' 
# 
_entity_poly.entity_id                      1 
_entity_poly.type                           'polypeptide(L)' 
_entity_poly.nstd_linkage                   no 
_entity_poly.nstd_monomer                   no 
_entity_poly.pdbx_seq_one_letter_code       
;MGSDKIHHHHHHENLYFQGMEGYRLLYPMRTYLIVSGHGEETNVMAADWVTVVSFDPFIVGVAVAPKRTTHKLIKKYGEF
VISVPSLDVLRDVWIAGTKKGPSKLKEMSVTLIPSKKVKVPSIEEALANIECRVIDARSYGDHTFFVGEVVGYTYKDYAF
EKGKPNLKAKFLAHVSWSEFVTFSEKVHKAE
;
_entity_poly.pdbx_seq_one_letter_code_can   
;MGSDKIHHHHHHENLYFQGMEGYRLLYPMRTYLIVSGHGEETNVMAADWVTVVSFDPFIVGVAVAPKRTTHKLIKKYGEF
VISVPSLDVLRDVWIAGTKKGPSKLKEMSVTLIPSKKVKVPSIEEALANIECRVIDARSYGDHTFFVGEVVGYTYKDYAF
EKGKPNLKAKFLAHVSWSEFVTFSEKVHKAE
;
_entity_poly.pdbx_strand_id                 A 
_entity_poly.pdbx_target_identifier         ? 
# 
loop_
_entity_poly_seq.entity_id 
_entity_poly_seq.num 
_entity_poly_seq.mon_id 
_entity_poly_seq.hetero 
1 1   MET n 
1 2   GLY n 
1 3   SER n 
1 4   ASP n 
1 5   LYS n 
1 6   ILE n 
1 7   HIS n 
1 8   HIS n 
1 9   HIS n 
1 10  HIS n 
1 11  HIS n 
1 12  HIS n 
1 13  GLU n 
1 14  ASN n 
1 15  LEU n 
1 16  TYR n 
1 17  PHE n 
1 18  GLN n 
1 19  GLY n 
1 20  MET n 
1 21  GLU n 
1 22  GLY n 
1 23  TYR n 
1 24  ARG n 
1 25  LEU n 
1 26  LEU n 
1 27  TYR n 
1 28  PRO n 
1 29  MET n 
1 30  ARG n 
1 31  THR n 
1 32  TYR n 
1 33  LEU n 
1 34  ILE n 
1 35  VAL n 
1 36  SER n 
1 37  GLY n 
1 38  HIS n 
1 39  GLY n 
1 40  GLU n 
1 41  GLU n 
1 42  THR n 
1 43  ASN n 
1 44  VAL n 
1 45  MET n 
1 46  ALA n 
1 47  ALA n 
1 48  ASP n 
1 49  TRP n 
1 50  VAL n 
1 51  THR n 
1 52  VAL n 
1 53  VAL n 
1 54  SER n 
1 55  PHE n 
1 56  ASP n 
1 57  PRO n 
1 58  PHE n 
1 59  ILE n 
1 60  VAL n 
1 61  GLY n 
1 62  VAL n 
1 63  ALA n 
1 64  VAL n 
1 65  ALA n 
1 66  PRO n 
1 67  LYS n 
1 68  ARG n 
1 69  THR n 
1 70  THR n 
1 71  HIS n 
1 72  LYS n 
1 73  LEU n 
1 74  ILE n 
1 75  LYS n 
1 76  LYS n 
1 77  TYR n 
1 78  GLY n 
1 79  GLU n 
1 80  PHE n 
1 81  VAL n 
1 82  ILE n 
1 83  SER n 
1 84  VAL n 
1 85  PRO n 
1 86  SER n 
1 87  LEU n 
1 88  ASP n 
1 89  VAL n 
1 90  LEU n 
1 91  ARG n 
1 92  ASP n 
1 93  VAL n 
1 94  TRP n 
1 95  ILE n 
1 96  ALA n 
1 97  GLY n 
1 98  THR n 
1 99  LYS n 
1 100 LYS n 
1 101 GLY n 
1 102 PRO n 
1 103 SER n 
1 104 LYS n 
1 105 LEU n 
1 106 LYS n 
1 107 GLU n 
1 108 MET n 
1 109 SER n 
1 110 VAL n 
1 111 THR n 
1 112 LEU n 
1 113 ILE n 
1 114 PRO n 
1 115 SER n 
1 116 LYS n 
1 117 LYS n 
1 118 VAL n 
1 119 LYS n 
1 120 VAL n 
1 121 PRO n 
1 122 SER n 
1 123 ILE n 
1 124 GLU n 
1 125 GLU n 
1 126 ALA n 
1 127 LEU n 
1 128 ALA n 
1 129 ASN n 
1 130 ILE n 
1 131 GLU n 
1 132 CYS n 
1 133 ARG n 
1 134 VAL n 
1 135 ILE n 
1 136 ASP n 
1 137 ALA n 
1 138 ARG n 
1 139 SER n 
1 140 TYR n 
1 141 GLY n 
1 142 ASP n 
1 143 HIS n 
1 144 THR n 
1 145 PHE n 
1 146 PHE n 
1 147 VAL n 
1 148 GLY n 
1 149 GLU n 
1 150 VAL n 
1 151 VAL n 
1 152 GLY n 
1 153 TYR n 
1 154 THR n 
1 155 TYR n 
1 156 LYS n 
1 157 ASP n 
1 158 TYR n 
1 159 ALA n 
1 160 PHE n 
1 161 GLU n 
1 162 LYS n 
1 163 GLY n 
1 164 LYS n 
1 165 PRO n 
1 166 ASN n 
1 167 LEU n 
1 168 LYS n 
1 169 ALA n 
1 170 LYS n 
1 171 PHE n 
1 172 LEU n 
1 173 ALA n 
1 174 HIS n 
1 175 VAL n 
1 176 SER n 
1 177 TRP n 
1 178 SER n 
1 179 GLU n 
1 180 PHE n 
1 181 VAL n 
1 182 THR n 
1 183 PHE n 
1 184 SER n 
1 185 GLU n 
1 186 LYS n 
1 187 VAL n 
1 188 HIS n 
1 189 LYS n 
1 190 ALA n 
1 191 GLU n 
# 
_entity_src_gen.entity_id                          1 
_entity_src_gen.pdbx_src_id                        1 
_entity_src_gen.pdbx_alt_source_flag               sample 
_entity_src_gen.pdbx_seq_type                      ? 
_entity_src_gen.pdbx_beg_seq_num                   ? 
_entity_src_gen.pdbx_end_seq_num                   ? 
_entity_src_gen.gene_src_common_name               ? 
_entity_src_gen.gene_src_genus                     ? 
_entity_src_gen.pdbx_gene_src_gene                 ? 
_entity_src_gen.gene_src_species                   ? 
_entity_src_gen.gene_src_strain                    ? 
_entity_src_gen.gene_src_tissue                    ? 
_entity_src_gen.gene_src_tissue_fraction           ? 
_entity_src_gen.gene_src_details                   ? 
_entity_src_gen.pdbx_gene_src_fragment             ? 
_entity_src_gen.pdbx_gene_src_scientific_name      'PYROCOCCUS HORIKOSHII' 
_entity_src_gen.pdbx_gene_src_ncbi_taxonomy_id     53953 
_entity_src_gen.pdbx_gene_src_variant              ? 
_entity_src_gen.pdbx_gene_src_cell_line            ? 
_entity_src_gen.pdbx_gene_src_atcc                 ? 
_entity_src_gen.pdbx_gene_src_organ                ? 
_entity_src_gen.pdbx_gene_src_organelle            ? 
_entity_src_gen.pdbx_gene_src_cell                 ? 
_entity_src_gen.pdbx_gene_src_cellular_location    ? 
_entity_src_gen.host_org_common_name               ? 
_entity_src_gen.pdbx_host_org_scientific_name      'ESCHERICHIA COLI' 
_entity_src_gen.pdbx_host_org_ncbi_taxonomy_id     562 
_entity_src_gen.host_org_genus                     ? 
_entity_src_gen.pdbx_host_org_gene                 ? 
_entity_src_gen.pdbx_host_org_organ                ? 
_entity_src_gen.host_org_species                   ? 
_entity_src_gen.pdbx_host_org_tissue               ? 
_entity_src_gen.pdbx_host_org_tissue_fraction      ? 
_entity_src_gen.pdbx_host_org_strain               ? 
_entity_src_gen.pdbx_host_org_variant              ? 
_entity_src_gen.pdbx_host_org_cell_line            ? 
_entity_src_gen.pdbx_host_org_atcc                 ? 
_entity_src_gen.pdbx_host_org_culture_collection   ? 
_entity_src_gen.pdbx_host_org_cell                 ? 
_entity_src_gen.pdbx_host_org_organelle            ? 
_entity_src_gen.pdbx_host_org_cellular_location    ? 
_entity_src_gen.pdbx_host_org_vector_type          ? 
_entity_src_gen.pdbx_host_org_vector               ? 
_entity_src_gen.host_org_details                   ? 
_entity_src_gen.expression_system_id               ? 
_entity_src_gen.plasmid_name                       ? 
_entity_src_gen.plasmid_details                    ? 
_entity_src_gen.pdbx_description                   ? 
# 
_struct_ref.id                         1 
_struct_ref.db_name                    UNP 
_struct_ref.db_code                    Y856_PYRHO 
_struct_ref.entity_id                  1 
_struct_ref.pdbx_seq_one_letter_code   ? 
_struct_ref.pdbx_align_begin           ? 
_struct_ref.pdbx_db_accession          O58586 
_struct_ref.pdbx_db_isoform            ? 
# 
_struct_ref_seq.align_id                      1 
_struct_ref_seq.ref_id                        1 
_struct_ref_seq.pdbx_PDB_id_code              3ZOC 
_struct_ref_seq.pdbx_strand_id                A 
_struct_ref_seq.seq_align_beg                 20 
_struct_ref_seq.pdbx_seq_align_beg_ins_code   ? 
_struct_ref_seq.seq_align_end                 191 
_struct_ref_seq.pdbx_seq_align_end_ins_code   ? 
_struct_ref_seq.pdbx_db_accession             O58586 
_struct_ref_seq.db_align_beg                  1 
_struct_ref_seq.pdbx_db_align_beg_ins_code    ? 
_struct_ref_seq.db_align_end                  172 
_struct_ref_seq.pdbx_db_align_end_ins_code    ? 
_struct_ref_seq.pdbx_auth_seq_align_beg       1 
_struct_ref_seq.pdbx_auth_seq_align_end       172 
# 
loop_
_struct_ref_seq_dif.align_id 
_struct_ref_seq_dif.pdbx_pdb_id_code 
_struct_ref_seq_dif.mon_id 
_struct_ref_seq_dif.pdbx_pdb_strand_id 
_struct_ref_seq_dif.seq_num 
_struct_ref_seq_dif.pdbx_pdb_ins_code 
_struct_ref_seq_dif.pdbx_seq_db_name 
_struct_ref_seq_dif.pdbx_seq_db_accession_code 
_struct_ref_seq_dif.db_mon_id 
_struct_ref_seq_dif.pdbx_seq_db_seq_num 
_struct_ref_seq_dif.details 
_struct_ref_seq_dif.pdbx_auth_seq_num 
_struct_ref_seq_dif.pdbx_ordinal 
1 3ZOC MET A 1  ? UNP O58586 ? ? 'expression tag' -18 1  
1 3ZOC GLY A 2  ? UNP O58586 ? ? 'expression tag' -17 2  
1 3ZOC SER A 3  ? UNP O58586 ? ? 'expression tag' -16 3  
1 3ZOC ASP A 4  ? UNP O58586 ? ? 'expression tag' -15 4  
1 3ZOC LYS A 5  ? UNP O58586 ? ? 'expression tag' -14 5  
1 3ZOC ILE A 6  ? UNP O58586 ? ? 'expression tag' -13 6  
1 3ZOC HIS A 7  ? UNP O58586 ? ? 'expression tag' -12 7  
1 3ZOC HIS A 8  ? UNP O58586 ? ? 'expression tag' -11 8  
1 3ZOC HIS A 9  ? UNP O58586 ? ? 'expression tag' -10 9  
1 3ZOC HIS A 10 ? UNP O58586 ? ? 'expression tag' -9  10 
1 3ZOC HIS A 11 ? UNP O58586 ? ? 'expression tag' -8  11 
1 3ZOC HIS A 12 ? UNP O58586 ? ? 'expression tag' -7  12 
1 3ZOC GLU A 13 ? UNP O58586 ? ? 'expression tag' -6  13 
1 3ZOC ASN A 14 ? UNP O58586 ? ? 'expression tag' -5  14 
1 3ZOC LEU A 15 ? UNP O58586 ? ? 'expression tag' -4  15 
1 3ZOC TYR A 16 ? UNP O58586 ? ? 'expression tag' -3  16 
1 3ZOC PHE A 17 ? UNP O58586 ? ? 'expression tag' -2  17 
1 3ZOC GLN A 18 ? UNP O58586 ? ? 'expression tag' -1  18 
1 3ZOC GLY A 19 ? UNP O58586 ? ? 'expression tag' 0   19 
# 
loop_
_chem_comp.id 
_chem_comp.type 
_chem_comp.mon_nstd_flag 
_chem_comp.name 
_chem_comp.pdbx_synonyms 
_chem_comp.formula 
_chem_comp.formula_weight 
ALA 'L-peptide linking' y ALANINE                 ?                          'C3 H7 N O2'      89.093  
ARG 'L-peptide linking' y ARGININE                ?                          'C6 H15 N4 O2 1'  175.209 
ASN 'L-peptide linking' y ASPARAGINE              ?                          'C4 H8 N2 O3'     132.118 
ASP 'L-peptide linking' y 'ASPARTIC ACID'         ?                          'C4 H7 N O4'      133.103 
CYS 'L-peptide linking' y CYSTEINE                ?                          'C3 H7 N O2 S'    121.158 
FMN non-polymer         . 'FLAVIN MONONUCLEOTIDE' 'RIBOFLAVIN MONOPHOSPHATE' 'C17 H21 N4 O9 P' 456.344 
GLN 'L-peptide linking' y GLUTAMINE               ?                          'C5 H10 N2 O3'    146.144 
GLU 'L-peptide linking' y 'GLUTAMIC ACID'         ?                          'C5 H9 N O4'      147.129 
GLY 'peptide linking'   y GLYCINE                 ?                          'C2 H5 N O2'      75.067  
HBA non-polymer         . P-HYDROXYBENZALDEHYDE   ?                          'C7 H6 O2'        122.121 
HIS 'L-peptide linking' y HISTIDINE               ?                          'C6 H10 N3 O2 1'  156.162 
HOH non-polymer         . WATER                   ?                          'H2 O'            18.015  
ILE 'L-peptide linking' y ISOLEUCINE              ?                          'C6 H13 N O2'     131.173 
LEU 'L-peptide linking' y LEUCINE                 ?                          'C6 H13 N O2'     131.173 
LYS 'L-peptide linking' y LYSINE                  ?                          'C6 H15 N2 O2 1'  147.195 
MET 'L-peptide linking' y METHIONINE              ?                          'C5 H11 N O2 S'   149.211 
PHE 'L-peptide linking' y PHENYLALANINE           ?                          'C9 H11 N O2'     165.189 
PRO 'L-peptide linking' y PROLINE                 ?                          'C5 H9 N O2'      115.130 
SER 'L-peptide linking' y SERINE                  ?                          'C3 H7 N O3'      105.093 
THR 'L-peptide linking' y THREONINE               ?                          'C4 H9 N O3'      119.119 
TRP 'L-peptide linking' y TRYPTOPHAN              ?                          'C11 H12 N2 O2'   204.225 
TYR 'L-peptide linking' y TYROSINE                ?                          'C9 H11 N O3'     181.189 
VAL 'L-peptide linking' y VALINE                  ?                          'C5 H11 N O2'     117.146 
# 
_exptl.entry_id          3ZOC 
_exptl.method            'X-RAY DIFFRACTION' 
_exptl.crystals_number   1 
# 
_exptl_crystal.id                    1 
_exptl_crystal.density_meas          ? 
_exptl_crystal.density_Matthews      2 
_exptl_crystal.density_percent_sol   39 
_exptl_crystal.description           NONE 
# 
_exptl_crystal_grow.crystal_id      1 
_exptl_crystal_grow.method          'VAPOR DIFFUSION' 
_exptl_crystal_grow.temp            293 
_exptl_crystal_grow.temp_details    ? 
_exptl_crystal_grow.pH              ? 
_exptl_crystal_grow.pdbx_pH_range   ? 
_exptl_crystal_grow.pdbx_details    
;VAPOR DIFFUSION AT 293K; CONDITIONS CONTAINING PEG 3350 OR 6000 (10-20% W/V) AS PRECIPITATION AGENT AND DIFFERENT SALTS (50-200 MM MAGNESIUM CLORIDE, POTASSIUM FORMATE, NATRIUM FORMATE, AMMONIUM FORMATE, MAGNESIUM FORMATE)
;
# 
_diffrn.id                     1 
_diffrn.ambient_temp           100 
_diffrn.ambient_temp_details   ? 
_diffrn.crystal_id             1 
# 
_diffrn_detector.diffrn_id              1 
_diffrn_detector.detector               CCD 
_diffrn_detector.type                   'MARRESEARCH SX-165' 
_diffrn_detector.pdbx_collection_date   2012-04-30 
_diffrn_detector.details                ? 
# 
_diffrn_radiation.diffrn_id                        1 
_diffrn_radiation.wavelength_id                    1 
_diffrn_radiation.pdbx_monochromatic_or_laue_m_l   M 
_diffrn_radiation.monochromator                    ? 
_diffrn_radiation.pdbx_diffrn_protocol             'SINGLE WAVELENGTH' 
_diffrn_radiation.pdbx_scattering_type             x-ray 
# 
_diffrn_radiation_wavelength.id           1 
_diffrn_radiation_wavelength.wavelength   1.0 
_diffrn_radiation_wavelength.wt           1.0 
# 
_diffrn_source.diffrn_id                   1 
_diffrn_source.source                      SYNCHROTRON 
_diffrn_source.type                        'ELETTRA BEAMLINE 5.2R' 
_diffrn_source.pdbx_synchrotron_site       ELETTRA 
_diffrn_source.pdbx_synchrotron_beamline   5.2R 
_diffrn_source.pdbx_wavelength             1.0 
_diffrn_source.pdbx_wavelength_list        ? 
# 
_reflns.pdbx_diffrn_id               1 
_reflns.pdbx_ordinal                 1 
_reflns.entry_id                     3ZOC 
_reflns.observed_criterion_sigma_I   4.0 
_reflns.observed_criterion_sigma_F   ? 
_reflns.d_resolution_low             20.00 
_reflns.d_resolution_high            2.10 
_reflns.number_obs                   9300 
_reflns.number_all                   ? 
_reflns.percent_possible_obs         85.1 
_reflns.pdbx_Rmerge_I_obs            0.06 
_reflns.pdbx_Rsym_value              ? 
_reflns.pdbx_netI_over_sigmaI        21.40 
_reflns.B_iso_Wilson_estimate        ? 
_reflns.pdbx_redundancy              7.8 
# 
_reflns_shell.pdbx_diffrn_id         1 
_reflns_shell.pdbx_ordinal           1 
_reflns_shell.d_res_high             2.10 
_reflns_shell.d_res_low              2.20 
_reflns_shell.percent_possible_all   90.0 
_reflns_shell.Rmerge_I_obs           0.25 
_reflns_shell.pdbx_Rsym_value        ? 
_reflns_shell.meanI_over_sigI_obs    4.30 
_reflns_shell.pdbx_redundancy        3.8 
# 
_refine.pdbx_refine_id                           'X-RAY DIFFRACTION' 
_refine.entry_id                                 3ZOC 
_refine.pdbx_diffrn_id                           1 
_refine.pdbx_TLS_residual_ADP_flag               ? 
_refine.ls_number_reflns_obs                     8389 
_refine.ls_number_reflns_all                     ? 
_refine.pdbx_ls_sigma_I                          ? 
_refine.pdbx_ls_sigma_F                          . 
_refine.pdbx_data_cutoff_high_absF               ? 
_refine.pdbx_data_cutoff_low_absF                ? 
_refine.pdbx_data_cutoff_high_rms_absF           ? 
_refine.ls_d_res_low                             19.57 
_refine.ls_d_res_high                            2.10 
_refine.ls_percent_reflns_obs                    81.46 
_refine.ls_R_factor_obs                          0.24341 
_refine.ls_R_factor_all                          ? 
_refine.ls_R_factor_R_work                       0.24202 
_refine.ls_R_factor_R_free                       0.26885 
_refine.ls_R_factor_R_free_error                 ? 
_refine.ls_R_factor_R_free_error_details         ? 
_refine.ls_percent_reflns_R_free                 5.0 
_refine.ls_number_reflns_R_free                  442 
_refine.ls_number_parameters                     ? 
_refine.ls_number_restraints                     ? 
_refine.occupancy_min                            ? 
_refine.occupancy_max                            ? 
_refine.correlation_coeff_Fo_to_Fc               0.926 
_refine.correlation_coeff_Fo_to_Fc_free          0.904 
_refine.B_iso_mean                               25.634 
_refine.aniso_B[1][1]                            0.89 
_refine.aniso_B[2][2]                            0.89 
_refine.aniso_B[3][3]                            -2.89 
_refine.aniso_B[1][2]                            0.89 
_refine.aniso_B[1][3]                            0.00 
_refine.aniso_B[2][3]                            0.00 
_refine.solvent_model_details                    MASK 
_refine.solvent_model_param_ksol                 ? 
_refine.solvent_model_param_bsol                 ? 
_refine.pdbx_solvent_vdw_probe_radii             1.20 
_refine.pdbx_solvent_ion_probe_radii             0.80 
_refine.pdbx_solvent_shrinkage_radii             0.80 
_refine.pdbx_ls_cross_valid_method               THROUGHOUT 
_refine.details                                  
'HYDROGENS HAVE BEEN ADDED IN THE RIDING POSITIONS. ONLY FEW RESIDUES FROM THE HIS-TAG AND LINKER REGIONS CAN BE RESOLVED' 
_refine.pdbx_starting_model                      'PDB ENTRY 2R6V' 
_refine.pdbx_method_to_determine_struct          'MOLECULAR REPLACEMENT' 
_refine.pdbx_isotropic_thermal_model             ? 
_refine.pdbx_stereochemistry_target_values       'MAXIMUM LIKELIHOOD' 
_refine.pdbx_stereochem_target_val_spec_case     ? 
_refine.pdbx_R_Free_selection_details            RANDOM 
_refine.pdbx_overall_ESU_R                       0.423 
_refine.pdbx_overall_ESU_R_Free                  0.258 
_refine.overall_SU_ML                            0.198 
_refine.pdbx_overall_phase_error                 ? 
_refine.overall_SU_B                             7.731 
_refine.overall_SU_R_Cruickshank_DPI             ? 
_refine.pdbx_overall_SU_R_free_Cruickshank_DPI   ? 
_refine.pdbx_overall_SU_R_Blow_DPI               ? 
_refine.pdbx_overall_SU_R_free_Blow_DPI          ? 
# 
_refine_hist.pdbx_refine_id                   'X-RAY DIFFRACTION' 
_refine_hist.cycle_id                         LAST 
_refine_hist.pdbx_number_atoms_protein        1403 
_refine_hist.pdbx_number_atoms_nucleic_acid   0 
_refine_hist.pdbx_number_atoms_ligand         40 
_refine_hist.number_atoms_solvent             18 
_refine_hist.number_atoms_total               1461 
_refine_hist.d_res_high                       2.10 
_refine_hist.d_res_low                        19.57 
# 
loop_
_refine_ls_restr.type 
_refine_ls_restr.dev_ideal 
_refine_ls_restr.dev_ideal_target 
_refine_ls_restr.weight 
_refine_ls_restr.number 
_refine_ls_restr.pdbx_refine_id 
_refine_ls_restr.pdbx_restraint_function 
r_bond_refined_d             0.011  0.019  ? 1488 'X-RAY DIFFRACTION' ? 
r_bond_other_d               ?      ?      ? ?    'X-RAY DIFFRACTION' ? 
r_angle_refined_deg          1.719  1.989  ? 2020 'X-RAY DIFFRACTION' ? 
r_angle_other_deg            ?      ?      ? ?    'X-RAY DIFFRACTION' ? 
r_dihedral_angle_1_deg       6.285  5.000  ? 177  'X-RAY DIFFRACTION' ? 
r_dihedral_angle_2_deg       35.712 23.158 ? 57   'X-RAY DIFFRACTION' ? 
r_dihedral_angle_3_deg       18.156 15.000 ? 254  'X-RAY DIFFRACTION' ? 
r_dihedral_angle_4_deg       22.915 15.000 ? 6    'X-RAY DIFFRACTION' ? 
r_chiral_restr               0.112  0.200  ? 221  'X-RAY DIFFRACTION' ? 
r_gen_planes_refined         0.007  0.021  ? 1095 'X-RAY DIFFRACTION' ? 
r_gen_planes_other           ?      ?      ? ?    'X-RAY DIFFRACTION' ? 
r_nbd_refined                ?      ?      ? ?    'X-RAY DIFFRACTION' ? 
r_nbd_other                  ?      ?      ? ?    'X-RAY DIFFRACTION' ? 
r_nbtor_refined              ?      ?      ? ?    'X-RAY DIFFRACTION' ? 
r_nbtor_other                ?      ?      ? ?    'X-RAY DIFFRACTION' ? 
r_xyhbond_nbd_refined        ?      ?      ? ?    'X-RAY DIFFRACTION' ? 
r_xyhbond_nbd_other          ?      ?      ? ?    'X-RAY DIFFRACTION' ? 
r_metal_ion_refined          ?      ?      ? ?    'X-RAY DIFFRACTION' ? 
r_metal_ion_other            ?      ?      ? ?    'X-RAY DIFFRACTION' ? 
r_symmetry_vdw_refined       ?      ?      ? ?    'X-RAY DIFFRACTION' ? 
r_symmetry_vdw_other         ?      ?      ? ?    'X-RAY DIFFRACTION' ? 
r_symmetry_hbond_refined     ?      ?      ? ?    'X-RAY DIFFRACTION' ? 
r_symmetry_hbond_other       ?      ?      ? ?    'X-RAY DIFFRACTION' ? 
r_symmetry_metal_ion_refined ?      ?      ? ?    'X-RAY DIFFRACTION' ? 
r_symmetry_metal_ion_other   ?      ?      ? ?    'X-RAY DIFFRACTION' ? 
r_mcbond_it                  ?      ?      ? ?    'X-RAY DIFFRACTION' ? 
r_mcbond_other               ?      ?      ? ?    'X-RAY DIFFRACTION' ? 
r_mcangle_it                 ?      ?      ? ?    'X-RAY DIFFRACTION' ? 
r_mcangle_other              ?      ?      ? ?    'X-RAY DIFFRACTION' ? 
r_scbond_it                  ?      ?      ? ?    'X-RAY DIFFRACTION' ? 
r_scbond_other               ?      ?      ? ?    'X-RAY DIFFRACTION' ? 
r_scangle_it                 ?      ?      ? ?    'X-RAY DIFFRACTION' ? 
r_scangle_other              ?      ?      ? ?    'X-RAY DIFFRACTION' ? 
r_long_range_B_refined       ?      ?      ? ?    'X-RAY DIFFRACTION' ? 
r_long_range_B_other         ?      ?      ? ?    'X-RAY DIFFRACTION' ? 
r_rigid_bond_restr           ?      ?      ? ?    'X-RAY DIFFRACTION' ? 
r_sphericity_free            ?      ?      ? ?    'X-RAY DIFFRACTION' ? 
r_sphericity_bonded          ?      ?      ? ?    'X-RAY DIFFRACTION' ? 
# 
_refine_ls_shell.pdbx_refine_id                   'X-RAY DIFFRACTION' 
_refine_ls_shell.pdbx_total_number_of_bins_used   20 
_refine_ls_shell.d_res_high                       2.105 
_refine_ls_shell.d_res_low                        2.159 
_refine_ls_shell.number_reflns_R_work             656 
_refine_ls_shell.R_factor_R_work                  0.248 
_refine_ls_shell.percent_reflns_obs               94.40 
_refine_ls_shell.R_factor_R_free                  0.284 
_refine_ls_shell.R_factor_R_free_error            ? 
_refine_ls_shell.percent_reflns_R_free            ? 
_refine_ls_shell.number_reflns_R_free             35 
_refine_ls_shell.number_reflns_all                ? 
_refine_ls_shell.R_factor_all                     ? 
# 
_struct.entry_id                  3ZOC 
_struct.title                     
'Crystal structure of FMN-binding protein (NP_142786.1) from Pyrococcus horikoshii with bound p-hydroxybenzaldehyde' 
_struct.pdbx_model_details        ? 
_struct.pdbx_CASP_flag            ? 
_struct.pdbx_model_type_details   ? 
# 
_struct_keywords.entry_id        3ZOC 
_struct_keywords.pdbx_keywords   'FMN-BINDING PROTEIN' 
_struct_keywords.text            'FMN-BINDING PROTEIN' 
# 
loop_
_struct_asym.id 
_struct_asym.pdbx_blank_PDB_chainid_flag 
_struct_asym.pdbx_modified 
_struct_asym.entity_id 
_struct_asym.details 
A N N 1 ? 
B N N 2 ? 
C N N 3 ? 
D N N 4 ? 
# 
_struct_biol.id   1 
# 
loop_
_struct_conf.conf_type_id 
_struct_conf.id 
_struct_conf.pdbx_PDB_helix_id 
_struct_conf.beg_label_comp_id 
_struct_conf.beg_label_asym_id 
_struct_conf.beg_label_seq_id 
_struct_conf.pdbx_beg_PDB_ins_code 
_struct_conf.end_label_comp_id 
_struct_conf.end_label_asym_id 
_struct_conf.end_label_seq_id 
_struct_conf.pdbx_end_PDB_ins_code 
_struct_conf.beg_auth_comp_id 
_struct_conf.beg_auth_asym_id 
_struct_conf.beg_auth_seq_id 
_struct_conf.end_auth_comp_id 
_struct_conf.end_auth_asym_id 
_struct_conf.end_auth_seq_id 
_struct_conf.pdbx_PDB_helix_class 
_struct_conf.details 
_struct_conf.pdbx_PDB_helix_length 
HELX_P HELX_P1 1 GLU A 21  ? TYR A 27  ? GLU A 2   TYR A 8   5 ? 7  
HELX_P HELX_P2 2 HIS A 38  ? THR A 42  ? HIS A 19  THR A 23  5 ? 5  
HELX_P HELX_P3 3 ARG A 68  ? GLY A 78  ? ARG A 49  GLY A 59  1 ? 11 
HELX_P HELX_P4 4 VAL A 89  ? LYS A 99  ? VAL A 70  LYS A 80  1 ? 11 
HELX_P HELX_P5 5 GLY A 101 ? GLU A 107 ? GLY A 82  GLU A 88  5 ? 7  
HELX_P HELX_P6 6 ASP A 157 ? GLU A 161 ? ASP A 138 GLU A 142 5 ? 5  
HELX_P HELX_P7 7 ASN A 166 ? LYS A 170 ? ASN A 147 LYS A 151 5 ? 5  
# 
_struct_conf_type.id          HELX_P 
_struct_conf_type.criteria    ? 
_struct_conf_type.reference   ? 
# 
loop_
_struct_mon_prot_cis.pdbx_id 
_struct_mon_prot_cis.label_comp_id 
_struct_mon_prot_cis.label_seq_id 
_struct_mon_prot_cis.label_asym_id 
_struct_mon_prot_cis.label_alt_id 
_struct_mon_prot_cis.pdbx_PDB_ins_code 
_struct_mon_prot_cis.auth_comp_id 
_struct_mon_prot_cis.auth_seq_id 
_struct_mon_prot_cis.auth_asym_id 
_struct_mon_prot_cis.pdbx_label_comp_id_2 
_struct_mon_prot_cis.pdbx_label_seq_id_2 
_struct_mon_prot_cis.pdbx_label_asym_id_2 
_struct_mon_prot_cis.pdbx_PDB_ins_code_2 
_struct_mon_prot_cis.pdbx_auth_comp_id_2 
_struct_mon_prot_cis.pdbx_auth_seq_id_2 
_struct_mon_prot_cis.pdbx_auth_asym_id_2 
_struct_mon_prot_cis.pdbx_PDB_model_num 
_struct_mon_prot_cis.pdbx_omega_angle 
1 TYR 27 A . ? TYR 8  A PRO 28 A ? PRO 9  A 1 4.94  
2 ASP 56 A . ? ASP 37 A PRO 57 A ? PRO 38 A 1 -1.52 
# 
loop_
_struct_sheet.id 
_struct_sheet.type 
_struct_sheet.number_strands 
_struct_sheet.details 
AA ? 3 ? 
AB ? 7 ? 
AC ? 2 ? 
# 
loop_
_struct_sheet_order.sheet_id 
_struct_sheet_order.range_id_1 
_struct_sheet_order.range_id_2 
_struct_sheet_order.offset 
_struct_sheet_order.sense 
AA 1 2 ? anti-parallel 
AA 2 3 ? anti-parallel 
AB 1 2 ? anti-parallel 
AB 2 3 ? anti-parallel 
AB 3 4 ? anti-parallel 
AB 4 5 ? anti-parallel 
AB 5 6 ? anti-parallel 
AB 6 7 ? anti-parallel 
AC 1 2 ? anti-parallel 
# 
loop_
_struct_sheet_range.sheet_id 
_struct_sheet_range.id 
_struct_sheet_range.beg_label_comp_id 
_struct_sheet_range.beg_label_asym_id 
_struct_sheet_range.beg_label_seq_id 
_struct_sheet_range.pdbx_beg_PDB_ins_code 
_struct_sheet_range.end_label_comp_id 
_struct_sheet_range.end_label_asym_id 
_struct_sheet_range.end_label_seq_id 
_struct_sheet_range.pdbx_end_PDB_ins_code 
_struct_sheet_range.beg_auth_comp_id 
_struct_sheet_range.beg_auth_asym_id 
_struct_sheet_range.beg_auth_seq_id 
_struct_sheet_range.end_auth_comp_id 
_struct_sheet_range.end_auth_asym_id 
_struct_sheet_range.end_auth_seq_id 
AA 1 MET A 29  ? ARG A 30  ? MET A 10  ARG A 11  
AA 2 ALA A 173 ? SER A 176 ? ALA A 154 SER A 157 
AA 3 GLU A 179 ? VAL A 181 ? GLU A 160 VAL A 162 
AB 1 ASN A 43  ? ALA A 47  ? ASN A 24  ALA A 28  
AB 2 TYR A 32  ? SER A 36  ? TYR A 13  SER A 17  
AB 3 GLU A 79  ? VAL A 84  ? GLU A 60  VAL A 65  
AB 4 ALA A 128 ? TYR A 140 ? ALA A 109 TYR A 121 
AB 5 HIS A 143 ? TYR A 155 ? HIS A 124 TYR A 136 
AB 6 ILE A 59  ? VAL A 64  ? ILE A 40  VAL A 45  
AB 7 VAL A 50  ? SER A 54  ? VAL A 31  SER A 35  
AC 1 LEU A 112 ? ILE A 113 ? LEU A 93  ILE A 94  
AC 2 SER A 122 ? ILE A 123 ? SER A 103 ILE A 104 
# 
loop_
_pdbx_struct_sheet_hbond.sheet_id 
_pdbx_struct_sheet_hbond.range_id_1 
_pdbx_struct_sheet_hbond.range_id_2 
_pdbx_struct_sheet_hbond.range_1_label_atom_id 
_pdbx_struct_sheet_hbond.range_1_label_comp_id 
_pdbx_struct_sheet_hbond.range_1_label_asym_id 
_pdbx_struct_sheet_hbond.range_1_label_seq_id 
_pdbx_struct_sheet_hbond.range_1_PDB_ins_code 
_pdbx_struct_sheet_hbond.range_1_auth_atom_id 
_pdbx_struct_sheet_hbond.range_1_auth_comp_id 
_pdbx_struct_sheet_hbond.range_1_auth_asym_id 
_pdbx_struct_sheet_hbond.range_1_auth_seq_id 
_pdbx_struct_sheet_hbond.range_2_label_atom_id 
_pdbx_struct_sheet_hbond.range_2_label_comp_id 
_pdbx_struct_sheet_hbond.range_2_label_asym_id 
_pdbx_struct_sheet_hbond.range_2_label_seq_id 
_pdbx_struct_sheet_hbond.range_2_PDB_ins_code 
_pdbx_struct_sheet_hbond.range_2_auth_atom_id 
_pdbx_struct_sheet_hbond.range_2_auth_comp_id 
_pdbx_struct_sheet_hbond.range_2_auth_asym_id 
_pdbx_struct_sheet_hbond.range_2_auth_seq_id 
AA 1 2 N MET A 29  ? N MET A 10  O HIS A 174 ? O HIS A 155 
AA 2 3 N VAL A 175 ? N VAL A 156 O GLU A 179 ? O GLU A 160 
AB 1 2 N ALA A 47  ? N ALA A 28  O TYR A 32  ? O TYR A 13  
AB 2 3 N VAL A 35  ? N VAL A 16  O VAL A 81  ? O VAL A 62  
AB 3 4 N VAL A 84  ? N VAL A 65  O ALA A 128 ? O ALA A 109 
AB 4 5 N TYR A 140 ? N TYR A 121 O HIS A 143 ? O HIS A 124 
AB 5 6 N GLY A 148 ? N GLY A 129 O VAL A 60  ? O VAL A 41  
AB 6 7 N GLY A 61  ? N GLY A 42  O THR A 51  ? O THR A 32  
AC 1 2 N ILE A 113 ? N ILE A 94  O SER A 122 ? O SER A 103 
# 
loop_
_struct_site.id 
_struct_site.pdbx_evidence_code 
_struct_site.pdbx_auth_asym_id 
_struct_site.pdbx_auth_comp_id 
_struct_site.pdbx_auth_seq_id 
_struct_site.pdbx_auth_ins_code 
_struct_site.pdbx_num_residues 
_struct_site.details 
AC1 Software A FMN 173  ? 22 'BINDING SITE FOR RESIDUE FMN A 173'  
AC2 Software A HBA 1173 ? 7  'BINDING SITE FOR RESIDUE HBA A 1173' 
# 
loop_
_struct_site_gen.id 
_struct_site_gen.site_id 
_struct_site_gen.pdbx_num_res 
_struct_site_gen.label_comp_id 
_struct_site_gen.label_asym_id 
_struct_site_gen.label_seq_id 
_struct_site_gen.pdbx_auth_ins_code 
_struct_site_gen.auth_comp_id 
_struct_site_gen.auth_asym_id 
_struct_site_gen.auth_seq_id 
_struct_site_gen.label_atom_id 
_struct_site_gen.label_alt_id 
_struct_site_gen.symmetry 
_struct_site_gen.details 
1  AC1 22 ASN A 43  ? ASN A 24   . ? 1_555 ? 
2  AC1 22 MET A 45  ? MET A 26   . ? 1_555 ? 
3  AC1 22 ALA A 46  ? ALA A 27   . ? 1_555 ? 
4  AC1 22 ALA A 47  ? ALA A 28   . ? 1_555 ? 
5  AC1 22 ASP A 48  ? ASP A 29   . ? 1_555 ? 
6  AC1 22 TRP A 49  ? TRP A 30   . ? 1_555 ? 
7  AC1 22 ALA A 63  ? ALA A 44   . ? 1_555 ? 
8  AC1 22 VAL A 64  ? VAL A 45   . ? 1_555 ? 
9  AC1 22 ALA A 65  ? ALA A 46   . ? 1_555 ? 
10 AC1 22 ARG A 68  ? ARG A 49   . ? 1_555 ? 
11 AC1 22 THR A 69  ? THR A 50   . ? 1_555 ? 
12 AC1 22 THR A 70  ? THR A 51   . ? 1_555 ? 
13 AC1 22 ALA A 96  ? ALA A 77   . ? 1_555 ? 
14 AC1 22 GLY A 97  ? GLY A 78   . ? 1_555 ? 
15 AC1 22 LYS A 99  ? LYS A 80   . ? 1_555 ? 
16 AC1 22 LYS A 100 ? LYS A 81   . ? 1_555 ? 
17 AC1 22 GLY A 101 ? GLY A 82   . ? 1_555 ? 
18 AC1 22 LYS A 104 ? LYS A 85   . ? 1_555 ? 
19 AC1 22 HIS A 143 ? HIS A 124  . ? 1_555 ? 
20 AC1 22 HIS A 174 ? HIS A 155  . ? 1_555 ? 
21 AC1 22 PHE A 180 ? PHE A 161  . ? 1_555 ? 
22 AC1 22 HBA C .   ? HBA A 1173 . ? 1_555 ? 
23 AC2 7  TYR A 27  ? TYR A 8    . ? 1_555 ? 
24 AC2 7  ASP A 48  ? ASP A 29   . ? 1_555 ? 
25 AC2 7  TRP A 49  ? TRP A 30   . ? 1_555 ? 
26 AC2 7  ARG A 68  ? ARG A 49   . ? 1_555 ? 
27 AC2 7  HIS A 143 ? HIS A 124  . ? 1_555 ? 
28 AC2 7  HIS A 174 ? HIS A 155  . ? 1_555 ? 
29 AC2 7  FMN B .   ? FMN A 173  . ? 1_555 ? 
# 
_atom_sites.entry_id                    3ZOC 
_atom_sites.fract_transf_matrix[1][1]   0.01147503 
_atom_sites.fract_transf_matrix[1][2]   -0.00651378 
_atom_sites.fract_transf_matrix[1][3]   -0.02114917 
_atom_sites.fract_transf_matrix[2][1]   0.02276052 
_atom_sites.fract_transf_matrix[2][2]   0.00881935 
_atom_sites.fract_transf_matrix[2][3]   -0.00505799 
_atom_sites.fract_transf_matrix[3][1]   0.00151751 
_atom_sites.fract_transf_matrix[3][2]   -0.00292708 
_atom_sites.fract_transf_matrix[3][3]   0.00172488 
_atom_sites.fract_transf_vector[1]      -0.454111 
_atom_sites.fract_transf_vector[2]      -0.383471 
_atom_sites.fract_transf_vector[3]      -0.046550 
# 
loop_
_atom_type.symbol 
C 
N 
O 
P 
S 
# 
loop_
_atom_site.group_PDB 
_atom_site.id 
_atom_site.type_symbol 
_atom_site.label_atom_id 
_atom_site.label_alt_id 
_atom_site.label_comp_id 
_atom_site.label_asym_id 
_atom_site.label_entity_id 
_atom_site.label_seq_id 
_atom_site.pdbx_PDB_ins_code 
_atom_site.Cartn_x 
_atom_site.Cartn_y 
_atom_site.Cartn_z 
_atom_site.occupancy 
_atom_site.B_iso_or_equiv 
_atom_site.pdbx_formal_charge 
_atom_site.auth_seq_id 
_atom_site.auth_comp_id 
_atom_site.auth_asym_id 
_atom_site.auth_atom_id 
_atom_site.pdbx_PDB_model_num 
ATOM   1    N N     . TYR A 1 16  ? -19.127 2.075   18.019  1.00 54.56 ? -3   TYR A N     1 
ATOM   2    C CA    . TYR A 1 16  ? -19.931 2.477   19.212  1.00 54.58 ? -3   TYR A CA    1 
ATOM   3    C C     . TYR A 1 16  ? -21.430 2.497   18.879  1.00 50.18 ? -3   TYR A C     1 
ATOM   4    O O     . TYR A 1 16  ? -22.233 1.873   19.574  1.00 44.18 ? -3   TYR A O     1 
ATOM   5    C CB    . TYR A 1 16  ? -19.478 3.841   19.775  1.00 63.39 ? -3   TYR A CB    1 
ATOM   6    C CG    . TYR A 1 16  ? -17.963 4.087   19.899  1.00 72.90 ? -3   TYR A CG    1 
ATOM   7    C CD1   . TYR A 1 16  ? -17.024 3.057   19.708  1.00 78.94 ? -3   TYR A CD1   1 
ATOM   8    C CD2   . TYR A 1 16  ? -17.475 5.356   20.234  1.00 74.64 ? -3   TYR A CD2   1 
ATOM   9    C CE1   . TYR A 1 16  ? -15.654 3.293   19.824  1.00 79.23 ? -3   TYR A CE1   1 
ATOM   10   C CE2   . TYR A 1 16  ? -16.108 5.595   20.363  1.00 76.36 ? -3   TYR A CE2   1 
ATOM   11   C CZ    . TYR A 1 16  ? -15.204 4.562   20.156  1.00 79.07 ? -3   TYR A CZ    1 
ATOM   12   O OH    . TYR A 1 16  ? -13.853 4.796   20.279  1.00 78.03 ? -3   TYR A OH    1 
ATOM   13   N N     . PHE A 1 17  ? -21.799 3.208   17.814  1.00 49.54 ? -2   PHE A N     1 
ATOM   14   C CA    . PHE A 1 17  ? -23.197 3.291   17.351  1.00 42.66 ? -2   PHE A CA    1 
ATOM   15   C C     . PHE A 1 17  ? -23.336 2.543   16.036  1.00 38.18 ? -2   PHE A C     1 
ATOM   16   O O     . PHE A 1 17  ? -22.813 2.993   15.029  1.00 39.53 ? -2   PHE A O     1 
ATOM   17   C CB    . PHE A 1 17  ? -23.633 4.756   17.139  1.00 43.80 ? -2   PHE A CB    1 
ATOM   18   C CG    . PHE A 1 17  ? -23.409 5.652   18.334  1.00 47.06 ? -2   PHE A CG    1 
ATOM   19   C CD1   . PHE A 1 17  ? -24.207 5.541   19.479  1.00 44.62 ? -2   PHE A CD1   1 
ATOM   20   C CD2   . PHE A 1 17  ? -22.405 6.633   18.312  1.00 48.38 ? -2   PHE A CD2   1 
ATOM   21   C CE1   . PHE A 1 17  ? -23.998 6.375   20.574  1.00 43.47 ? -2   PHE A CE1   1 
ATOM   22   C CE2   . PHE A 1 17  ? -22.194 7.461   19.409  1.00 48.15 ? -2   PHE A CE2   1 
ATOM   23   C CZ    . PHE A 1 17  ? -22.997 7.333   20.541  1.00 44.67 ? -2   PHE A CZ    1 
ATOM   24   N N     . GLN A 1 18  ? -24.034 1.407   16.031  1.00 33.10 ? -1   GLN A N     1 
ATOM   25   C CA    . GLN A 1 18  ? -24.134 0.613   14.824  1.00 29.88 ? -1   GLN A CA    1 
ATOM   26   C C     . GLN A 1 18  ? -24.748 1.441   13.714  1.00 30.26 ? -1   GLN A C     1 
ATOM   27   O O     . GLN A 1 18  ? -25.671 2.208   13.928  1.00 29.31 ? -1   GLN A O     1 
ATOM   28   C CB    . GLN A 1 18  ? -24.961 -0.645  15.041  1.00 29.06 ? -1   GLN A CB    1 
ATOM   29   C CG    . GLN A 1 18  ? -25.080 -1.513  13.796  1.00 29.11 ? -1   GLN A CG    1 
ATOM   30   C CD    . GLN A 1 18  ? -25.804 -2.799  14.083  1.00 27.76 ? -1   GLN A CD    1 
ATOM   31   O OE1   . GLN A 1 18  ? -25.586 -3.417  15.116  1.00 30.06 ? -1   GLN A OE1   1 
ATOM   32   N NE2   . GLN A 1 18  ? -26.690 -3.196  13.194  1.00 30.05 ? -1   GLN A NE2   1 
ATOM   33   N N     . GLY A 1 19  ? -24.234 1.262   12.512  1.00 29.02 ? 0    GLY A N     1 
ATOM   34   C CA    . GLY A 1 19  ? -24.738 1.985   11.378  1.00 28.80 ? 0    GLY A CA    1 
ATOM   35   C C     . GLY A 1 19  ? -23.583 1.994   10.449  1.00 33.04 ? 0    GLY A C     1 
ATOM   36   O O     . GLY A 1 19  ? -22.482 1.557   10.812  1.00 32.45 ? 0    GLY A O     1 
ATOM   37   N N     . MET A 1 20  ? -23.798 2.457   9.232   1.00 37.27 ? 1    MET A N     1 
ATOM   38   C CA    . MET A 1 20  ? -22.659 2.473   8.343   1.00 40.69 ? 1    MET A CA    1 
ATOM   39   C C     . MET A 1 20  ? -21.832 3.729   8.615   1.00 41.14 ? 1    MET A C     1 
ATOM   40   O O     . MET A 1 20  ? -22.338 4.857   8.611   1.00 46.65 ? 1    MET A O     1 
ATOM   41   C CB    . MET A 1 20  ? -23.037 2.233   6.875   1.00 41.75 ? 1    MET A CB    1 
ATOM   42   C CG    . MET A 1 20  ? -23.719 3.372   6.169   1.00 41.88 ? 1    MET A CG    1 
ATOM   43   S SD    . MET A 1 20  ? -22.716 3.700   4.718   1.00 42.40 ? 1    MET A SD    1 
ATOM   44   C CE    . MET A 1 20  ? -23.228 5.380   4.460   1.00 36.53 ? 1    MET A CE    1 
ATOM   45   N N     . GLU A 1 21  ? -20.563 3.498   8.928   1.00 40.36 ? 2    GLU A N     1 
ATOM   46   C CA    . GLU A 1 21  ? -19.647 4.563   9.279   1.00 38.37 ? 2    GLU A CA    1 
ATOM   47   C C     . GLU A 1 21  ? -19.441 5.461   8.071   1.00 32.59 ? 2    GLU A C     1 
ATOM   48   O O     . GLU A 1 21  ? -19.573 5.015   6.906   1.00 32.10 ? 2    GLU A O     1 
ATOM   49   C CB    . GLU A 1 21  ? -18.305 3.996   9.748   1.00 42.08 ? 2    GLU A CB    1 
ATOM   50   C CG    . GLU A 1 21  ? -18.403 2.859   10.763  1.00 46.39 ? 2    GLU A CG    1 
ATOM   51   C CD    . GLU A 1 21  ? -18.050 1.498   10.182  1.00 48.86 ? 2    GLU A CD    1 
ATOM   52   O OE1   . GLU A 1 21  ? -18.036 1.335   8.937   1.00 47.74 ? 2    GLU A OE1   1 
ATOM   53   O OE2   . GLU A 1 21  ? -17.783 0.581   10.985  1.00 50.89 ? 2    GLU A OE2   1 
ATOM   54   N N     . GLY A 1 22  ? -19.129 6.718   8.364   1.00 26.43 ? 3    GLY A N     1 
ATOM   55   C CA    . GLY A 1 22  ? -19.057 7.758   7.372   1.00 24.83 ? 3    GLY A CA    1 
ATOM   56   C C     . GLY A 1 22  ? -17.924 7.609   6.377   1.00 24.25 ? 3    GLY A C     1 
ATOM   57   O O     . GLY A 1 22  ? -18.054 8.089   5.257   1.00 24.14 ? 3    GLY A O     1 
ATOM   58   N N     . TYR A 1 23  ? -16.826 6.942   6.767   1.00 22.60 ? 4    TYR A N     1 
ATOM   59   C CA    . TYR A 1 23  ? -15.704 6.734   5.858   1.00 22.78 ? 4    TYR A CA    1 
ATOM   60   C C     . TYR A 1 23  ? -16.091 5.882   4.630   1.00 21.58 ? 4    TYR A C     1 
ATOM   61   O O     . TYR A 1 23  ? -15.463 5.994   3.583   1.00 18.51 ? 4    TYR A O     1 
ATOM   62   C CB    . TYR A 1 23  ? -14.479 6.159   6.575   1.00 24.08 ? 4    TYR A CB    1 
ATOM   63   C CG    . TYR A 1 23  ? -14.623 4.722   6.932   1.00 27.58 ? 4    TYR A CG    1 
ATOM   64   C CD1   . TYR A 1 23  ? -14.254 3.712   6.027   1.00 30.12 ? 4    TYR A CD1   1 
ATOM   65   C CD2   . TYR A 1 23  ? -15.162 4.350   8.155   1.00 30.55 ? 4    TYR A CD2   1 
ATOM   66   C CE1   . TYR A 1 23  ? -14.407 2.371   6.355   1.00 33.37 ? 4    TYR A CE1   1 
ATOM   67   C CE2   . TYR A 1 23  ? -15.331 3.019   8.488   1.00 34.14 ? 4    TYR A CE2   1 
ATOM   68   C CZ    . TYR A 1 23  ? -14.946 2.038   7.597   1.00 34.11 ? 4    TYR A CZ    1 
ATOM   69   O OH    . TYR A 1 23  ? -15.116 0.730   7.953   1.00 40.83 ? 4    TYR A OH    1 
ATOM   70   N N     . ARG A 1 24  ? -17.118 5.036   4.778   1.00 21.00 ? 5    ARG A N     1 
ATOM   71   C CA    . ARG A 1 24  ? -17.588 4.167   3.705   1.00 21.07 ? 5    ARG A CA    1 
ATOM   72   C C     . ARG A 1 24  ? -18.050 4.935   2.474   1.00 20.10 ? 5    ARG A C     1 
ATOM   73   O O     . ARG A 1 24  ? -18.124 4.357   1.378   1.00 22.48 ? 5    ARG A O     1 
ATOM   74   C CB    . ARG A 1 24  ? -18.722 3.249   4.190   1.00 24.22 ? 5    ARG A CB    1 
ATOM   75   C CG    . ARG A 1 24  ? -18.262 2.003   4.943   1.00 27.42 ? 5    ARG A CG    1 
ATOM   76   C CD    . ARG A 1 24  ? -18.041 0.817   3.999   1.00 32.01 ? 5    ARG A CD    1 
ATOM   77   N NE    . ARG A 1 24  ? -17.175 -0.200  4.609   1.00 36.82 ? 5    ARG A NE    1 
ATOM   78   C CZ    . ARG A 1 24  ? -15.904 -0.410  4.269   1.00 36.49 ? 5    ARG A CZ    1 
ATOM   79   N NH1   . ARG A 1 24  ? -15.336 0.310   3.315   1.00 38.55 ? 5    ARG A NH1   1 
ATOM   80   N NH2   . ARG A 1 24  ? -15.197 -1.353  4.870   1.00 39.40 ? 5    ARG A NH2   1 
ATOM   81   N N     . LEU A 1 25  ? -18.376 6.221   2.655   1.00 17.99 ? 6    LEU A N     1 
ATOM   82   C CA    . LEU A 1 25  ? -18.828 7.099   1.577   1.00 17.29 ? 6    LEU A CA    1 
ATOM   83   C C     . LEU A 1 25  ? -17.727 7.384   0.537   1.00 18.58 ? 6    LEU A C     1 
ATOM   84   O O     . LEU A 1 25  ? -18.060 7.717   -0.607  1.00 21.34 ? 6    LEU A O     1 
ATOM   85   C CB    . LEU A 1 25  ? -19.411 8.400   2.143   1.00 16.06 ? 6    LEU A CB    1 
ATOM   86   C CG    . LEU A 1 25  ? -20.628 8.304   3.102   1.00 16.48 ? 6    LEU A CG    1 
ATOM   87   C CD1   . LEU A 1 25  ? -20.953 9.641   3.787   1.00 15.07 ? 6    LEU A CD1   1 
ATOM   88   C CD2   . LEU A 1 25  ? -21.886 7.766   2.398   1.00 15.51 ? 6    LEU A CD2   1 
ATOM   89   N N     . LEU A 1 26  ? -16.448 7.259   0.914   1.00 17.83 ? 7    LEU A N     1 
ATOM   90   C CA    . LEU A 1 26  ? -15.326 7.392   -0.062  1.00 19.88 ? 7    LEU A CA    1 
ATOM   91   C C     . LEU A 1 26  ? -15.081 6.120   -0.869  1.00 19.26 ? 7    LEU A C     1 
ATOM   92   O O     . LEU A 1 26  ? -14.340 6.142   -1.838  1.00 21.66 ? 7    LEU A O     1 
ATOM   93   C CB    . LEU A 1 26  ? -14.024 7.851   0.616   1.00 19.96 ? 7    LEU A CB    1 
ATOM   94   C CG    . LEU A 1 26  ? -13.916 9.295   1.128   1.00 20.44 ? 7    LEU A CG    1 
ATOM   95   C CD1   . LEU A 1 26  ? -14.619 10.239  0.189   1.00 22.43 ? 7    LEU A CD1   1 
ATOM   96   C CD2   . LEU A 1 26  ? -14.464 9.492   2.515   1.00 20.62 ? 7    LEU A CD2   1 
ATOM   97   N N     . TYR A 1 27  ? -15.747 5.031   -0.502  1.00 17.76 ? 8    TYR A N     1 
ATOM   98   C CA    . TYR A 1 27  ? -15.466 3.711   -1.096  1.00 17.46 ? 8    TYR A CA    1 
ATOM   99   C C     . TYR A 1 27  ? -16.264 3.420   -2.359  1.00 17.05 ? 8    TYR A C     1 
ATOM   100  O O     . TYR A 1 27  ? -17.346 3.983   -2.526  1.00 17.15 ? 8    TYR A O     1 
ATOM   101  C CB    . TYR A 1 27  ? -15.679 2.610   -0.057  1.00 17.12 ? 8    TYR A CB    1 
ATOM   102  C CG    . TYR A 1 27  ? -14.492 2.455   0.870   1.00 17.48 ? 8    TYR A CG    1 
ATOM   103  C CD1   . TYR A 1 27  ? -14.160 3.441   1.812   1.00 16.70 ? 8    TYR A CD1   1 
ATOM   104  C CD2   . TYR A 1 27  ? -13.645 1.348   0.745   1.00 17.63 ? 8    TYR A CD2   1 
ATOM   105  C CE1   . TYR A 1 27  ? -13.037 3.289   2.645   1.00 17.31 ? 8    TYR A CE1   1 
ATOM   106  C CE2   . TYR A 1 27  ? -12.539 1.198   1.560   1.00 17.08 ? 8    TYR A CE2   1 
ATOM   107  C CZ    . TYR A 1 27  ? -12.237 2.169   2.509   1.00 16.67 ? 8    TYR A CZ    1 
ATOM   108  O OH    . TYR A 1 27  ? -11.117 1.985   3.290   1.00 15.39 ? 8    TYR A OH    1 
ATOM   109  N N     . PRO A 1 28  ? -15.760 2.504   -3.223  1.00 16.29 ? 9    PRO A N     1 
ATOM   110  C CA    . PRO A 1 28  ? -14.558 1.659   -3.047  1.00 16.71 ? 9    PRO A CA    1 
ATOM   111  C C     . PRO A 1 28  ? -13.262 2.451   -3.153  1.00 16.43 ? 9    PRO A C     1 
ATOM   112  O O     . PRO A 1 28  ? -13.227 3.448   -3.843  1.00 16.48 ? 9    PRO A O     1 
ATOM   113  C CB    . PRO A 1 28  ? -14.634 0.664   -4.226  1.00 17.76 ? 9    PRO A CB    1 
ATOM   114  C CG    . PRO A 1 28  ? -16.028 0.789   -4.776  1.00 16.77 ? 9    PRO A CG    1 
ATOM   115  C CD    . PRO A 1 28  ? -16.424 2.218   -4.505  1.00 16.00 ? 9    PRO A CD    1 
ATOM   116  N N     . MET A 1 29  ? -12.214 2.012   -2.462  1.00 17.57 ? 10   MET A N     1 
ATOM   117  C CA    . MET A 1 29  ? -10.915 2.688   -2.496  1.00 18.83 ? 10   MET A CA    1 
ATOM   118  C C     . MET A 1 29  ? -9.888  1.696   -2.945  1.00 18.53 ? 10   MET A C     1 
ATOM   119  O O     . MET A 1 29  ? -10.053 0.478   -2.734  1.00 21.86 ? 10   MET A O     1 
ATOM   120  C CB    . MET A 1 29  ? -10.487 3.202   -1.126  1.00 19.98 ? 10   MET A CB    1 
ATOM   121  C CG    . MET A 1 29  ? -11.378 4.260   -0.524  1.00 23.08 ? 10   MET A CG    1 
ATOM   122  S SD    . MET A 1 29  ? -10.634 4.960   0.953   1.00 24.43 ? 10   MET A SD    1 
ATOM   123  C CE    . MET A 1 29  ? -9.274  5.937   0.263   1.00 22.89 ? 10   MET A CE    1 
ATOM   124  N N     . ARG A 1 30  ? -8.824  2.185   -3.545  1.00 15.43 ? 11   ARG A N     1 
ATOM   125  C CA    . ARG A 1 30  ? -7.726  1.301   -3.879  1.00 15.77 ? 11   ARG A CA    1 
ATOM   126  C C     . ARG A 1 30  ? -7.158  0.655   -2.608  1.00 15.66 ? 11   ARG A C     1 
ATOM   127  O O     . ARG A 1 30  ? -7.152  1.270   -1.545  1.00 16.50 ? 11   ARG A O     1 
ATOM   128  C CB    . ARG A 1 30  ? -6.636  2.061   -4.623  1.00 15.51 ? 11   ARG A CB    1 
ATOM   129  C CG    . ARG A 1 30  ? -6.954  2.384   -6.083  1.00 15.38 ? 11   ARG A CG    1 
ATOM   130  C CD    . ARG A 1 30  ? -7.088  1.116   -6.949  1.00 15.31 ? 11   ARG A CD    1 
ATOM   131  N NE    . ARG A 1 30  ? -5.855  0.320   -6.981  1.00 15.49 ? 11   ARG A NE    1 
ATOM   132  C CZ    . ARG A 1 30  ? -4.710  0.717   -7.520  1.00 14.78 ? 11   ARG A CZ    1 
ATOM   133  N NH1   . ARG A 1 30  ? -4.600  1.914   -8.047  1.00 15.10 ? 11   ARG A NH1   1 
ATOM   134  N NH2   . ARG A 1 30  ? -3.656  -0.075  -7.487  1.00 15.33 ? 11   ARG A NH2   1 
ATOM   135  N N     . THR A 1 31  ? -6.656  -0.570  -2.730  1.00 16.21 ? 12   THR A N     1 
ATOM   136  C CA    . THR A 1 31  ? -5.980  -1.227  -1.633  1.00 16.03 ? 12   THR A CA    1 
ATOM   137  C C     . THR A 1 31  ? -4.528  -1.402  -2.014  1.00 15.59 ? 12   THR A C     1 
ATOM   138  O O     . THR A 1 31  ? -4.233  -1.939  -3.074  1.00 15.70 ? 12   THR A O     1 
ATOM   139  C CB    . THR A 1 31  ? -6.606  -2.592  -1.335  1.00 16.09 ? 12   THR A CB    1 
ATOM   140  O OG1   . THR A 1 31  ? -7.947  -2.388  -0.878  1.00 16.80 ? 12   THR A OG1   1 
ATOM   141  C CG2   . THR A 1 31  ? -5.830  -3.329  -0.226  1.00 15.90 ? 12   THR A CG2   1 
ATOM   142  N N     . TYR A 1 32  ? -3.623  -0.974  -1.140  1.00 14.72 ? 13   TYR A N     1 
ATOM   143  C CA    . TYR A 1 32  ? -2.180  -1.155  -1.388  1.00 14.09 ? 13   TYR A CA    1 
ATOM   144  C C     . TYR A 1 32  ? -1.554  -1.988  -0.285  1.00 14.13 ? 13   TYR A C     1 
ATOM   145  O O     . TYR A 1 32  ? -2.218  -2.372  0.689   1.00 16.80 ? 13   TYR A O     1 
ATOM   146  C CB    . TYR A 1 32  ? -1.465  0.193   -1.501  1.00 13.64 ? 13   TYR A CB    1 
ATOM   147  C CG    . TYR A 1 32  ? -2.076  1.155   -2.490  1.00 12.99 ? 13   TYR A CG    1 
ATOM   148  C CD1   . TYR A 1 32  ? -3.132  1.995   -2.125  1.00 12.82 ? 13   TYR A CD1   1 
ATOM   149  C CD2   . TYR A 1 32  ? -1.581  1.248   -3.801  1.00 12.84 ? 13   TYR A CD2   1 
ATOM   150  C CE1   . TYR A 1 32  ? -3.682  2.887   -3.042  1.00 12.80 ? 13   TYR A CE1   1 
ATOM   151  C CE2   . TYR A 1 32  ? -2.147  2.136   -4.736  1.00 11.97 ? 13   TYR A CE2   1 
ATOM   152  C CZ    . TYR A 1 32  ? -3.177  2.940   -4.359  1.00 11.99 ? 13   TYR A CZ    1 
ATOM   153  O OH    . TYR A 1 32  ? -3.737  3.815   -5.257  1.00 11.79 ? 13   TYR A OH    1 
ATOM   154  N N     . LEU A 1 33  ? -0.284  -2.291  -0.418  1.00 14.65 ? 14   LEU A N     1 
ATOM   155  C CA    . LEU A 1 33  ? 0.439   -2.913  0.682   1.00 14.95 ? 14   LEU A CA    1 
ATOM   156  C C     . LEU A 1 33  ? 1.478   -1.910  1.155   1.00 15.40 ? 14   LEU A C     1 
ATOM   157  O O     . LEU A 1 33  ? 2.069   -1.198  0.319   1.00 15.68 ? 14   LEU A O     1 
ATOM   158  C CB    . LEU A 1 33  ? 1.124   -4.199  0.227   1.00 13.93 ? 14   LEU A CB    1 
ATOM   159  C CG    . LEU A 1 33  ? 0.284   -5.415  -0.238  1.00 15.38 ? 14   LEU A CG    1 
ATOM   160  C CD1   . LEU A 1 33  ? 1.208   -6.529  -0.751  1.00 14.86 ? 14   LEU A CD1   1 
ATOM   161  C CD2   . LEU A 1 33  ? -0.664  -5.993  0.813   1.00 14.60 ? 14   LEU A CD2   1 
ATOM   162  N N     . ILE A 1 34  ? 1.709   -1.853  2.463   1.00 15.82 ? 15   ILE A N     1 
ATOM   163  C CA    . ILE A 1 34  ? 2.803   -1.081  2.998   1.00 16.89 ? 15   ILE A CA    1 
ATOM   164  C C     . ILE A 1 34  ? 3.868   -2.018  3.534   1.00 18.84 ? 15   ILE A C     1 
ATOM   165  O O     . ILE A 1 34  ? 3.570   -2.888  4.374   1.00 18.95 ? 15   ILE A O     1 
ATOM   166  C CB    . ILE A 1 34  ? 2.364   -0.079  4.119   1.00 17.47 ? 15   ILE A CB    1 
ATOM   167  C CG1   . ILE A 1 34  ? 1.315   0.906   3.589   1.00 18.79 ? 15   ILE A CG1   1 
ATOM   168  C CG2   . ILE A 1 34  ? 3.568   0.717   4.627   1.00 17.54 ? 15   ILE A CG2   1 
ATOM   169  C CD1   . ILE A 1 34  ? 1.823   1.865   2.501   1.00 18.62 ? 15   ILE A CD1   1 
ATOM   170  N N     . VAL A 1 35  ? 5.111   -1.831  3.066   1.00 19.26 ? 16   VAL A N     1 
ATOM   171  C CA    . VAL A 1 35  ? 6.254   -2.610  3.547   1.00 18.91 ? 16   VAL A CA    1 
ATOM   172  C C     . VAL A 1 35  ? 7.054   -1.695  4.478   1.00 20.66 ? 16   VAL A C     1 
ATOM   173  O O     . VAL A 1 35  ? 7.211   -0.491  4.191   1.00 20.70 ? 16   VAL A O     1 
ATOM   174  C CB    . VAL A 1 35  ? 7.162   -3.139  2.387   1.00 18.75 ? 16   VAL A CB    1 
ATOM   175  C CG1   . VAL A 1 35  ? 8.134   -4.218  2.878   1.00 18.29 ? 16   VAL A CG1   1 
ATOM   176  C CG2   . VAL A 1 35  ? 6.340   -3.704  1.247   1.00 16.48 ? 16   VAL A CG2   1 
ATOM   177  N N     . SER A 1 36  ? 7.542   -2.253  5.592   1.00 21.01 ? 17   SER A N     1 
ATOM   178  C CA    . SER A 1 36  ? 8.335   -1.496  6.585   1.00 22.39 ? 17   SER A CA    1 
ATOM   179  C C     . SER A 1 36  ? 9.385   -2.389  7.288   1.00 24.53 ? 17   SER A C     1 
ATOM   180  O O     . SER A 1 36  ? 9.236   -3.622  7.329   1.00 22.31 ? 17   SER A O     1 
ATOM   181  C CB    . SER A 1 36  ? 7.427   -0.853  7.649   1.00 20.96 ? 17   SER A CB    1 
ATOM   182  O OG    . SER A 1 36  ? 6.689   -1.835  8.398   1.00 18.99 ? 17   SER A OG    1 
ATOM   183  N N     . GLY A 1 37  ? 10.407  -1.749  7.864   1.00 25.04 ? 18   GLY A N     1 
ATOM   184  C CA    . GLY A 1 37  ? 11.543  -2.447  8.468   1.00 28.62 ? 18   GLY A CA    1 
ATOM   185  C C     . GLY A 1 37  ? 12.485  -3.064  7.441   1.00 31.10 ? 18   GLY A C     1 
ATOM   186  O O     . GLY A 1 37  ? 12.253  -2.961  6.239   1.00 31.77 ? 18   GLY A O     1 
ATOM   187  N N     . HIS A 1 38  ? 13.564  -3.698  7.892   1.00 34.15 ? 19   HIS A N     1 
ATOM   188  C CA    . HIS A 1 38  ? 14.332  -4.546  6.977   1.00 36.93 ? 19   HIS A CA    1 
ATOM   189  C C     . HIS A 1 38  ? 14.846  -5.815  7.618   1.00 36.47 ? 19   HIS A C     1 
ATOM   190  O O     . HIS A 1 38  ? 14.809  -5.961  8.822   1.00 36.94 ? 19   HIS A O     1 
ATOM   191  C CB    . HIS A 1 38  ? 15.462  -3.771  6.306   1.00 40.14 ? 19   HIS A CB    1 
ATOM   192  C CG    . HIS A 1 38  ? 16.018  -2.670  7.149   1.00 44.82 ? 19   HIS A CG    1 
ATOM   193  N ND1   . HIS A 1 38  ? 17.262  -2.744  7.744   1.00 47.64 ? 19   HIS A ND1   1 
ATOM   194  C CD2   . HIS A 1 38  ? 15.501  -1.468  7.501   1.00 45.72 ? 19   HIS A CD2   1 
ATOM   195  C CE1   . HIS A 1 38  ? 17.484  -1.636  8.431   1.00 50.30 ? 19   HIS A CE1   1 
ATOM   196  N NE2   . HIS A 1 38  ? 16.434  -0.842  8.291   1.00 50.47 ? 19   HIS A NE2   1 
ATOM   197  N N     . GLY A 1 39  ? 15.312  -6.737  6.784   1.00 38.10 ? 20   GLY A N     1 
ATOM   198  C CA    . GLY A 1 39  ? 15.799  -8.018  7.238   1.00 35.66 ? 20   GLY A CA    1 
ATOM   199  C C     . GLY A 1 39  ? 14.814  -8.683  8.159   1.00 35.61 ? 20   GLY A C     1 
ATOM   200  O O     . GLY A 1 39  ? 13.633  -8.817  7.831   1.00 35.56 ? 20   GLY A O     1 
ATOM   201  N N     . GLU A 1 40  ? 15.289  -9.074  9.336   1.00 36.79 ? 21   GLU A N     1 
ATOM   202  C CA    . GLU A 1 40  ? 14.472  -9.840  10.261  1.00 36.26 ? 21   GLU A CA    1 
ATOM   203  C C     . GLU A 1 40  ? 13.175  -9.104  10.646  1.00 35.35 ? 21   GLU A C     1 
ATOM   204  O O     . GLU A 1 40  ? 12.175  -9.741  10.940  1.00 34.43 ? 21   GLU A O     1 
ATOM   205  C CB    . GLU A 1 40  ? 15.283  -10.225 11.500  1.00 40.96 ? 21   GLU A CB    1 
ATOM   206  C CG    . GLU A 1 40  ? 16.112  -11.489 11.338  1.00 45.47 ? 21   GLU A CG    1 
ATOM   207  C CD    . GLU A 1 40  ? 16.908  -11.867 12.588  1.00 49.91 ? 21   GLU A CD    1 
ATOM   208  O OE1   . GLU A 1 40  ? 16.689  -11.272 13.667  1.00 49.43 ? 21   GLU A OE1   1 
ATOM   209  O OE2   . GLU A 1 40  ? 17.759  -12.785 12.494  1.00 52.53 ? 21   GLU A OE2   1 
ATOM   210  N N     . GLU A 1 41  ? 13.187  -7.773  10.604  1.00 31.47 ? 22   GLU A N     1 
ATOM   211  C CA    . GLU A 1 41  ? 12.051  -6.992  11.078  1.00 30.45 ? 22   GLU A CA    1 
ATOM   212  C C     . GLU A 1 41  ? 11.056  -6.674  9.972   1.00 28.98 ? 22   GLU A C     1 
ATOM   213  O O     . GLU A 1 41  ? 10.075  -5.968  10.194  1.00 27.74 ? 22   GLU A O     1 
ATOM   214  C CB    . GLU A 1 41  ? 12.530  -5.693  11.744  1.00 30.04 ? 22   GLU A CB    1 
ATOM   215  C CG    . GLU A 1 41  ? 13.024  -5.864  13.173  1.00 30.83 ? 22   GLU A CG    1 
ATOM   216  C CD    . GLU A 1 41  ? 12.969  -4.564  13.951  1.00 31.88 ? 22   GLU A CD    1 
ATOM   217  O OE1   . GLU A 1 41  ? 13.755  -3.646  13.654  1.00 30.35 ? 22   GLU A OE1   1 
ATOM   218  O OE2   . GLU A 1 41  ? 12.110  -4.447  14.853  1.00 35.97 ? 22   GLU A OE2   1 
ATOM   219  N N     . THR A 1 42  ? 11.303  -7.195  8.776   1.00 26.76 ? 23   THR A N     1 
ATOM   220  C CA    . THR A 1 42  ? 10.481  -6.827  7.617   1.00 24.04 ? 23   THR A CA    1 
ATOM   221  C C     . THR A 1 42  ? 9.000   -7.151  7.754   1.00 22.20 ? 23   THR A C     1 
ATOM   222  O O     . THR A 1 42  ? 8.603   -8.309  7.907   1.00 23.41 ? 23   THR A O     1 
ATOM   223  C CB    . THR A 1 42  ? 11.062  -7.419  6.331   1.00 22.68 ? 23   THR A CB    1 
ATOM   224  O OG1   . THR A 1 42  ? 12.413  -6.981  6.230   1.00 21.80 ? 23   THR A OG1   1 
ATOM   225  C CG2   . THR A 1 42  ? 10.284  -6.964  5.115   1.00 21.28 ? 23   THR A CG2   1 
ATOM   226  N N     . ASN A 1 43  ? 8.190   -6.100  7.664   1.00 19.47 ? 24   ASN A N     1 
ATOM   227  C CA    . ASN A 1 43  ? 6.756   -6.218  7.770   1.00 17.42 ? 24   ASN A CA    1 
ATOM   228  C C     . ASN A 1 43  ? 5.976   -5.747  6.548   1.00 16.31 ? 24   ASN A C     1 
ATOM   229  O O     . ASN A 1 43  ? 6.490   -5.000  5.726   1.00 15.08 ? 24   ASN A O     1 
ATOM   230  C CB    . ASN A 1 43  ? 6.267   -5.416  8.956   1.00 17.60 ? 24   ASN A CB    1 
ATOM   231  C CG    . ASN A 1 43  ? 4.974   -5.943  9.470   1.00 16.44 ? 24   ASN A CG    1 
ATOM   232  O OD1   . ASN A 1 43  ? 4.770   -7.132  9.451   1.00 16.46 ? 24   ASN A OD1   1 
ATOM   233  N ND2   . ASN A 1 43  ? 4.071   -5.068  9.860   1.00 17.87 ? 24   ASN A ND2   1 
ATOM   234  N N     . VAL A 1 44  ? 4.731   -6.197  6.455   1.00 16.73 ? 25   VAL A N     1 
ATOM   235  C CA    . VAL A 1 44  ? 3.808   -5.803  5.374   1.00 16.55 ? 25   VAL A CA    1 
ATOM   236  C C     . VAL A 1 44  ? 2.439   -5.714  6.003   1.00 16.42 ? 25   VAL A C     1 
ATOM   237  O O     . VAL A 1 44  ? 2.072   -6.600  6.756   1.00 16.58 ? 25   VAL A O     1 
ATOM   238  C CB    . VAL A 1 44  ? 3.723   -6.864  4.223   1.00 17.46 ? 25   VAL A CB    1 
ATOM   239  C CG1   . VAL A 1 44  ? 2.708   -6.433  3.168   1.00 17.07 ? 25   VAL A CG1   1 
ATOM   240  C CG2   . VAL A 1 44  ? 5.089   -7.110  3.568   1.00 17.30 ? 25   VAL A CG2   1 
ATOM   241  N N     . MET A 1 45  ? 1.693   -4.658  5.676   1.00 15.32 ? 26   MET A N     1 
ATOM   242  C CA    . MET A 1 45  ? 0.295   -4.541  6.049   1.00 15.69 ? 26   MET A CA    1 
ATOM   243  C C     . MET A 1 45  ? -0.477  -3.995  4.850   1.00 14.99 ? 26   MET A C     1 
ATOM   244  O O     . MET A 1 45  ? 0.118   -3.428  3.917   1.00 15.40 ? 26   MET A O     1 
ATOM   245  C CB    . MET A 1 45  ? 0.092   -3.666  7.326   1.00 15.21 ? 26   MET A CB    1 
ATOM   246  C CG    . MET A 1 45  ? 0.203   -2.157  7.120   1.00 15.35 ? 26   MET A CG    1 
ATOM   247  S SD    . MET A 1 45  ? -0.498  -1.190  8.510   1.00 16.26 ? 26   MET A SD    1 
ATOM   248  C CE    . MET A 1 45  ? -1.412  -0.010  7.534   1.00 14.76 ? 26   MET A CE    1 
ATOM   249  N N     . ALA A 1 46  ? -1.781  -4.216  4.853   1.00 14.38 ? 27   ALA A N     1 
ATOM   250  C CA    . ALA A 1 46  ? -2.682  -3.691  3.810   1.00 14.85 ? 27   ALA A CA    1 
ATOM   251  C C     . ALA A 1 46  ? -3.020  -2.313  4.255   1.00 14.99 ? 27   ALA A C     1 
ATOM   252  O O     . ALA A 1 46  ? -3.047  -2.070  5.450   1.00 14.85 ? 27   ALA A O     1 
ATOM   253  C CB    . ALA A 1 46  ? -3.968  -4.523  3.722   1.00 13.98 ? 27   ALA A CB    1 
ATOM   254  N N     . ALA A 1 47  ? -3.310  -1.428  3.294   1.00 15.20 ? 28   ALA A N     1 
ATOM   255  C CA    . ALA A 1 47  ? -3.659  -0.041  3.566   1.00 13.71 ? 28   ALA A CA    1 
ATOM   256  C C     . ALA A 1 47  ? -4.464  0.554   2.406   1.00 13.57 ? 28   ALA A C     1 
ATOM   257  O O     . ALA A 1 47  ? -3.986  0.638   1.272   1.00 12.11 ? 28   ALA A O     1 
ATOM   258  C CB    . ALA A 1 47  ? -2.393  0.777   3.734   1.00 13.39 ? 28   ALA A CB    1 
ATOM   259  N N     . ASP A 1 48  ? -5.652  1.022   2.727   1.00 13.94 ? 29   ASP A N     1 
ATOM   260  C CA    . ASP A 1 48  ? -6.502  1.726   1.788   1.00 13.82 ? 29   ASP A CA    1 
ATOM   261  C C     . ASP A 1 48  ? -6.198  3.218   1.737   1.00 14.26 ? 29   ASP A C     1 
ATOM   262  O O     . ASP A 1 48  ? -6.394  3.877   0.717   1.00 14.19 ? 29   ASP A O     1 
ATOM   263  C CB    . ASP A 1 48  ? -7.940  1.593   2.246   1.00 13.63 ? 29   ASP A CB    1 
ATOM   264  C CG    . ASP A 1 48  ? -8.546  0.225   1.975   1.00 14.30 ? 29   ASP A CG    1 
ATOM   265  O OD1   . ASP A 1 48  ? -7.888  -0.642  1.364   1.00 14.42 ? 29   ASP A OD1   1 
ATOM   266  O OD2   . ASP A 1 48  ? -9.700  0.022   2.442   1.00 14.34 ? 29   ASP A OD2   1 
ATOM   267  N N     . TRP A 1 49  ? -5.747  3.764   2.850   1.00 14.49 ? 30   TRP A N     1 
ATOM   268  C CA    . TRP A 1 49  ? -5.837  5.203   3.063   1.00 15.11 ? 30   TRP A CA    1 
ATOM   269  C C     . TRP A 1 49  ? -4.541  5.810   2.648   1.00 15.04 ? 30   TRP A C     1 
ATOM   270  O O     . TRP A 1 49  ? -3.721  6.256   3.466   1.00 15.94 ? 30   TRP A O     1 
ATOM   271  C CB    . TRP A 1 49  ? -6.230  5.517   4.522   1.00 14.01 ? 30   TRP A CB    1 
ATOM   272  C CG    . TRP A 1 49  ? -7.576  5.054   4.882   1.00 13.53 ? 30   TRP A CG    1 
ATOM   273  C CD1   . TRP A 1 49  ? -8.472  4.466   4.052   1.00 15.09 ? 30   TRP A CD1   1 
ATOM   274  C CD2   . TRP A 1 49  ? -8.241  5.174   6.169   1.00 14.44 ? 30   TRP A CD2   1 
ATOM   275  N NE1   . TRP A 1 49  ? -9.655  4.190   4.725   1.00 14.92 ? 30   TRP A NE1   1 
ATOM   276  C CE2   . TRP A 1 49  ? -9.535  4.611   6.025   1.00 15.30 ? 30   TRP A CE2   1 
ATOM   277  C CE3   . TRP A 1 49  ? -7.851  5.665   7.431   1.00 14.21 ? 30   TRP A CE3   1 
ATOM   278  C CZ2   . TRP A 1 49  ? -10.457 4.528   7.098   1.00 15.65 ? 30   TRP A CZ2   1 
ATOM   279  C CZ3   . TRP A 1 49  ? -8.769  5.623   8.484   1.00 15.16 ? 30   TRP A CZ3   1 
ATOM   280  C CH2   . TRP A 1 49  ? -10.051 5.031   8.322   1.00 15.86 ? 30   TRP A CH2   1 
ATOM   281  N N     . VAL A 1 50  ? -4.335  5.794   1.342   1.00 15.50 ? 31   VAL A N     1 
ATOM   282  C CA    . VAL A 1 50  ? -3.080  6.190   0.739   1.00 15.83 ? 31   VAL A CA    1 
ATOM   283  C C     . VAL A 1 50  ? -3.470  7.206   -0.312  1.00 16.52 ? 31   VAL A C     1 
ATOM   284  O O     . VAL A 1 50  ? -4.510  7.028   -0.936  1.00 17.52 ? 31   VAL A O     1 
ATOM   285  C CB    . VAL A 1 50  ? -2.422  4.981   0.019   1.00 16.07 ? 31   VAL A CB    1 
ATOM   286  C CG1   . VAL A 1 50  ? -1.193  5.392   -0.818  1.00 14.52 ? 31   VAL A CG1   1 
ATOM   287  C CG2   . VAL A 1 50  ? -2.073  3.886   1.021   1.00 15.34 ? 31   VAL A CG2   1 
ATOM   288  N N     . THR A 1 51  ? -2.681  8.269   -0.485  1.00 14.84 ? 32   THR A N     1 
ATOM   289  C CA    . THR A 1 51  ? -2.894  9.212   -1.599  1.00 13.94 ? 32   THR A CA    1 
ATOM   290  C C     . THR A 1 51  ? -1.616  9.940   -1.989  1.00 13.85 ? 32   THR A C     1 
ATOM   291  O O     . THR A 1 51  ? -0.672  9.915   -1.243  1.00 13.40 ? 32   THR A O     1 
ATOM   292  C CB    . THR A 1 51  ? -4.076  10.196  -1.409  1.00 13.92 ? 32   THR A CB    1 
ATOM   293  O OG1   . THR A 1 51  ? -4.423  10.708  -2.701  1.00 13.47 ? 32   THR A OG1   1 
ATOM   294  C CG2   . THR A 1 51  ? -3.741  11.401  -0.487  1.00 13.41 ? 32   THR A CG2   1 
ATOM   295  N N     . VAL A 1 52  ? -1.554  10.511  -3.195  1.00 15.58 ? 33   VAL A N     1 
ATOM   296  C CA    . VAL A 1 52  ? -0.381  11.306  -3.633  1.00 15.23 ? 33   VAL A CA    1 
ATOM   297  C C     . VAL A 1 52  ? -0.657  12.673  -3.049  1.00 16.07 ? 33   VAL A C     1 
ATOM   298  O O     . VAL A 1 52  ? -1.826  13.076  -3.002  1.00 15.84 ? 33   VAL A O     1 
ATOM   299  C CB    . VAL A 1 52  ? -0.305  11.425  -5.172  1.00 15.50 ? 33   VAL A CB    1 
ATOM   300  C CG1   . VAL A 1 52  ? 0.890   12.274  -5.605  1.00 14.56 ? 33   VAL A CG1   1 
ATOM   301  C CG2   . VAL A 1 52  ? -0.251  10.053  -5.822  1.00 15.04 ? 33   VAL A CG2   1 
ATOM   302  N N     . VAL A 1 53  ? 0.371   13.371  -2.565  1.00 16.71 ? 34   VAL A N     1 
ATOM   303  C CA    . VAL A 1 53  ? 0.171   14.760  -2.092  1.00 17.17 ? 34   VAL A CA    1 
ATOM   304  C C     . VAL A 1 53  ? 0.947   15.815  -2.885  1.00 18.68 ? 34   VAL A C     1 
ATOM   305  O O     . VAL A 1 53  ? 0.706   16.992  -2.706  1.00 20.11 ? 34   VAL A O     1 
ATOM   306  C CB    . VAL A 1 53  ? 0.391   14.947  -0.564  1.00 16.20 ? 34   VAL A CB    1 
ATOM   307  C CG1   . VAL A 1 53  ? -0.589  14.080  0.230   1.00 16.53 ? 34   VAL A CG1   1 
ATOM   308  C CG2   . VAL A 1 53  ? 1.797   14.618  -0.141  1.00 15.74 ? 34   VAL A CG2   1 
ATOM   309  N N     . SER A 1 54  ? 1.860   15.409  -3.757  1.00 17.81 ? 35   SER A N     1 
ATOM   310  C CA    . SER A 1 54  ? 2.623   16.386  -4.530  1.00 19.09 ? 35   SER A CA    1 
ATOM   311  C C     . SER A 1 54  ? 3.159   15.776  -5.812  1.00 19.33 ? 35   SER A C     1 
ATOM   312  O O     . SER A 1 54  ? 3.599   14.641  -5.793  1.00 19.72 ? 35   SER A O     1 
ATOM   313  C CB    . SER A 1 54  ? 3.796   16.867  -3.690  1.00 18.78 ? 35   SER A CB    1 
ATOM   314  O OG    . SER A 1 54  ? 4.800   17.393  -4.510  1.00 20.03 ? 35   SER A OG    1 
ATOM   315  N N     . PHE A 1 55  ? 3.163   16.528  -6.911  1.00 21.27 ? 36   PHE A N     1 
ATOM   316  C CA    . PHE A 1 55  ? 3.645   15.979  -8.176  1.00 24.54 ? 36   PHE A CA    1 
ATOM   317  C C     . PHE A 1 55  ? 5.151   16.161  -8.330  1.00 26.23 ? 36   PHE A C     1 
ATOM   318  O O     . PHE A 1 55  ? 5.867   15.203  -8.637  1.00 26.61 ? 36   PHE A O     1 
ATOM   319  C CB    . PHE A 1 55  ? 2.836   16.502  -9.381  1.00 26.35 ? 36   PHE A CB    1 
ATOM   320  C CG    . PHE A 1 55  ? 3.654   16.697  -10.626 1.00 29.99 ? 36   PHE A CG    1 
ATOM   321  C CD1   . PHE A 1 55  ? 4.367   15.645  -11.192 1.00 30.10 ? 36   PHE A CD1   1 
ATOM   322  C CD2   . PHE A 1 55  ? 3.729   17.952  -11.228 1.00 32.00 ? 36   PHE A CD2   1 
ATOM   323  C CE1   . PHE A 1 55  ? 5.137   15.848  -12.319 1.00 33.89 ? 36   PHE A CE1   1 
ATOM   324  C CE2   . PHE A 1 55  ? 4.495   18.158  -12.368 1.00 30.43 ? 36   PHE A CE2   1 
ATOM   325  C CZ    . PHE A 1 55  ? 5.200   17.110  -12.910 1.00 33.09 ? 36   PHE A CZ    1 
ATOM   326  N N     . ASP A 1 56  ? 5.641   17.368  -8.071  1.00 27.87 ? 37   ASP A N     1 
ATOM   327  C CA    . ASP A 1 56  ? 7.072   17.645  -8.195  1.00 30.18 ? 37   ASP A CA    1 
ATOM   328  C C     . ASP A 1 56  ? 7.583   18.494  -6.996  1.00 28.39 ? 37   ASP A C     1 
ATOM   329  O O     . ASP A 1 56  ? 7.304   19.678  -6.934  1.00 25.88 ? 37   ASP A O     1 
ATOM   330  C CB    . ASP A 1 56  ? 7.285   18.352  -9.545  1.00 35.74 ? 37   ASP A CB    1 
ATOM   331  C CG    . ASP A 1 56  ? 8.737   18.547  -9.900  1.00 39.59 ? 37   ASP A CG    1 
ATOM   332  O OD1   . ASP A 1 56  ? 9.606   17.823  -9.371  1.00 42.24 ? 37   ASP A OD1   1 
ATOM   333  O OD2   . ASP A 1 56  ? 8.998   19.432  -10.744 1.00 43.51 ? 37   ASP A OD2   1 
ATOM   334  N N     . PRO A 1 57  ? 8.308   17.889  -6.023  1.00 25.78 ? 38   PRO A N     1 
ATOM   335  C CA    . PRO A 1 57  ? 8.723   16.491  -5.834  1.00 24.46 ? 38   PRO A CA    1 
ATOM   336  C C     . PRO A 1 57  ? 7.542   15.491  -5.729  1.00 23.97 ? 38   PRO A C     1 
ATOM   337  O O     . PRO A 1 57  ? 6.418   15.866  -5.351  1.00 20.98 ? 38   PRO A O     1 
ATOM   338  C CB    . PRO A 1 57  ? 9.465   16.525  -4.507  1.00 25.17 ? 38   PRO A CB    1 
ATOM   339  C CG    . PRO A 1 57  ? 8.912   17.722  -3.782  1.00 24.98 ? 38   PRO A CG    1 
ATOM   340  C CD    . PRO A 1 57  ? 8.690   18.726  -4.876  1.00 26.09 ? 38   PRO A CD    1 
ATOM   341  N N     . PHE A 1 58  ? 7.812   14.233  -6.046  1.00 21.71 ? 39   PHE A N     1 
ATOM   342  C CA    . PHE A 1 58  ? 6.811   13.176  -5.886  1.00 21.93 ? 39   PHE A CA    1 
ATOM   343  C C     . PHE A 1 58  ? 6.755   12.803  -4.409  1.00 21.43 ? 39   PHE A C     1 
ATOM   344  O O     . PHE A 1 58  ? 7.736   12.321  -3.873  1.00 22.32 ? 39   PHE A O     1 
ATOM   345  C CB    . PHE A 1 58  ? 7.157   11.973  -6.796  1.00 23.19 ? 39   PHE A CB    1 
ATOM   346  C CG    . PHE A 1 58  ? 6.183   10.818  -6.697  1.00 24.01 ? 39   PHE A CG    1 
ATOM   347  C CD1   . PHE A 1 58  ? 4.862   11.015  -6.268  1.00 22.18 ? 39   PHE A CD1   1 
ATOM   348  C CD2   . PHE A 1 58  ? 6.574   9.544   -7.077  1.00 23.22 ? 39   PHE A CD2   1 
ATOM   349  C CE1   . PHE A 1 58  ? 3.985   9.963   -6.174  1.00 21.89 ? 39   PHE A CE1   1 
ATOM   350  C CE2   . PHE A 1 58  ? 5.692   8.483   -6.983  1.00 23.18 ? 39   PHE A CE2   1 
ATOM   351  C CZ    . PHE A 1 58  ? 4.391   8.694   -6.553  1.00 22.33 ? 39   PHE A CZ    1 
ATOM   352  N N     . ILE A 1 59  ? 5.608   13.058  -3.760  1.00 20.41 ? 40   ILE A N     1 
ATOM   353  C CA    . ILE A 1 59  ? 5.378   12.815  -2.334  1.00 19.86 ? 40   ILE A CA    1 
ATOM   354  C C     . ILE A 1 59  ? 4.048   12.071  -2.142  1.00 19.15 ? 40   ILE A C     1 
ATOM   355  O O     . ILE A 1 59  ? 3.069   12.368  -2.826  1.00 18.32 ? 40   ILE A O     1 
ATOM   356  C CB    . ILE A 1 59  ? 5.325   14.111  -1.500  1.00 20.35 ? 40   ILE A CB    1 
ATOM   357  C CG1   . ILE A 1 59  ? 6.481   15.044  -1.861  1.00 20.21 ? 40   ILE A CG1   1 
ATOM   358  C CG2   . ILE A 1 59  ? 5.398   13.793  -0.011  1.00 19.48 ? 40   ILE A CG2   1 
ATOM   359  C CD1   . ILE A 1 59  ? 6.537   16.298  -1.011  1.00 20.83 ? 40   ILE A CD1   1 
ATOM   360  N N     . VAL A 1 60  ? 4.044   11.069  -1.265  1.00 16.16 ? 41   VAL A N     1 
ATOM   361  C CA    . VAL A 1 60  ? 2.838   10.293  -0.971  1.00 16.87 ? 41   VAL A CA    1 
ATOM   362  C C     . VAL A 1 60  ? 2.541   10.408  0.532   1.00 15.69 ? 41   VAL A C     1 
ATOM   363  O O     . VAL A 1 60  ? 3.367   10.925  1.294   1.00 15.66 ? 41   VAL A O     1 
ATOM   364  C CB    . VAL A 1 60  ? 2.979   8.806   -1.390  1.00 16.44 ? 41   VAL A CB    1 
ATOM   365  C CG1   . VAL A 1 60  ? 2.867   8.660   -2.892  1.00 17.58 ? 41   VAL A CG1   1 
ATOM   366  C CG2   . VAL A 1 60  ? 4.294   8.216   -0.934  1.00 17.38 ? 41   VAL A CG2   1 
ATOM   367  N N     . GLY A 1 61  ? 1.381   9.922   0.936   1.00 16.16 ? 42   GLY A N     1 
ATOM   368  C CA    . GLY A 1 61  ? 1.005   9.809   2.337   1.00 16.39 ? 42   GLY A CA    1 
ATOM   369  C C     . GLY A 1 61  ? 0.143   8.606   2.600   1.00 17.23 ? 42   GLY A C     1 
ATOM   370  O O     . GLY A 1 61  ? -0.560  8.134   1.705   1.00 18.57 ? 42   GLY A O     1 
ATOM   371  N N     . VAL A 1 62  ? 0.229   8.097   3.831   1.00 16.74 ? 43   VAL A N     1 
ATOM   372  C CA    . VAL A 1 62  ? -0.512  6.921   4.269   1.00 16.29 ? 43   VAL A CA    1 
ATOM   373  C C     . VAL A 1 62  ? -0.967  7.121   5.721   1.00 16.55 ? 43   VAL A C     1 
ATOM   374  O O     . VAL A 1 62  ? -0.175  7.597   6.573   1.00 17.06 ? 43   VAL A O     1 
ATOM   375  C CB    . VAL A 1 62  ? 0.307   5.628   4.092   1.00 17.24 ? 43   VAL A CB    1 
ATOM   376  C CG1   . VAL A 1 62  ? 1.560   5.631   4.956   1.00 16.74 ? 43   VAL A CG1   1 
ATOM   377  C CG2   . VAL A 1 62  ? -0.560  4.390   4.359   1.00 16.47 ? 43   VAL A CG2   1 
ATOM   378  N N     . ALA A 1 63  ? -2.241  6.858   5.990   1.00 15.13 ? 44   ALA A N     1 
ATOM   379  C CA    . ALA A 1 63  ? -2.748  6.941   7.358   1.00 15.57 ? 44   ALA A CA    1 
ATOM   380  C C     . ALA A 1 63  ? -2.580  5.597   8.036   1.00 15.69 ? 44   ALA A C     1 
ATOM   381  O O     . ALA A 1 63  ? -3.145  4.599   7.570   1.00 16.37 ? 44   ALA A O     1 
ATOM   382  C CB    . ALA A 1 63  ? -4.220  7.327   7.362   1.00 15.37 ? 44   ALA A CB    1 
ATOM   383  N N     . VAL A 1 64  ? -1.821  5.582   9.139   1.00 15.41 ? 45   VAL A N     1 
ATOM   384  C CA    . VAL A 1 64  ? -1.507  4.356   9.847   1.00 15.34 ? 45   VAL A CA    1 
ATOM   385  C C     . VAL A 1 64  ? -1.884  4.476   11.332  1.00 15.66 ? 45   VAL A C     1 
ATOM   386  O O     . VAL A 1 64  ? -1.424  5.399   12.018  1.00 15.30 ? 45   VAL A O     1 
ATOM   387  C CB    . VAL A 1 64  ? -0.015  4.016   9.690   1.00 15.37 ? 45   VAL A CB    1 
ATOM   388  C CG1   . VAL A 1 64  ? 0.335   2.715   10.418  1.00 15.25 ? 45   VAL A CG1   1 
ATOM   389  C CG2   . VAL A 1 64  ? 0.354   3.938   8.202   1.00 16.12 ? 45   VAL A CG2   1 
ATOM   390  N N     . ALA A 1 65  ? -2.702  3.562   11.848  1.00 15.27 ? 46   ALA A N     1 
ATOM   391  C CA    . ALA A 1 65  ? -3.047  3.679   13.281  1.00 17.84 ? 46   ALA A CA    1 
ATOM   392  C C     . ALA A 1 65  ? -1.803  3.397   14.116  1.00 19.35 ? 46   ALA A C     1 
ATOM   393  O O     . ALA A 1 65  ? -0.993  2.551   13.715  1.00 19.69 ? 46   ALA A O     1 
ATOM   394  C CB    . ALA A 1 65  ? -4.174  2.745   13.666  1.00 16.43 ? 46   ALA A CB    1 
ATOM   395  N N     . PRO A 1 66  ? -1.622  4.121   15.248  1.00 19.10 ? 47   PRO A N     1 
ATOM   396  C CA    . PRO A 1 66  ? -0.556  3.789   16.178  1.00 19.02 ? 47   PRO A CA    1 
ATOM   397  C C     . PRO A 1 66  ? -0.473  2.309   16.565  1.00 20.22 ? 47   PRO A C     1 
ATOM   398  O O     . PRO A 1 66  ? 0.621   1.803   16.914  1.00 20.93 ? 47   PRO A O     1 
ATOM   399  C CB    . PRO A 1 66  ? -0.896  4.628   17.426  1.00 19.20 ? 47   PRO A CB    1 
ATOM   400  C CG    . PRO A 1 66  ? -1.944  5.615   17.012  1.00 17.76 ? 47   PRO A CG    1 
ATOM   401  C CD    . PRO A 1 66  ? -2.188  5.454   15.540  1.00 18.80 ? 47   PRO A CD    1 
ATOM   402  N N     . LYS A 1 67  ? -1.591  1.607   16.532  1.00 19.37 ? 48   LYS A N     1 
ATOM   403  C CA    . LYS A 1 67  ? -1.578  0.234   17.022  1.00 22.50 ? 48   LYS A CA    1 
ATOM   404  C C     . LYS A 1 67  ? -0.951  -0.799  16.082  1.00 24.17 ? 48   LYS A C     1 
ATOM   405  O O     . LYS A 1 67  ? -0.731  -1.953  16.490  1.00 26.06 ? 48   LYS A O     1 
ATOM   406  C CB    . LYS A 1 67  ? -2.969  -0.210  17.498  1.00 24.29 ? 48   LYS A CB    1 
ATOM   407  C CG    . LYS A 1 67  ? -3.884  -0.798  16.454  1.00 25.33 ? 48   LYS A CG    1 
ATOM   408  C CD    . LYS A 1 67  ? -5.149  -1.300  17.143  1.00 29.50 ? 48   LYS A CD    1 
ATOM   409  C CE    . LYS A 1 67  ? -5.778  -0.213  18.002  1.00 27.48 ? 48   LYS A CE    1 
ATOM   410  N NZ    . LYS A 1 67  ? -6.819  -0.900  18.799  1.00 29.01 ? 48   LYS A NZ    1 
ATOM   411  N N     . ARG A 1 68  ? -0.634  -0.379  14.848  1.00 21.33 ? 49   ARG A N     1 
ATOM   412  C CA    . ARG A 1 68  ? -0.090  -1.267  13.843  1.00 20.41 ? 49   ARG A CA    1 
ATOM   413  C C     . ARG A 1 68  ? 1.381   -1.460  14.092  1.00 20.91 ? 49   ARG A C     1 
ATOM   414  O O     . ARG A 1 68  ? 2.099   -0.483  14.368  1.00 21.93 ? 49   ARG A O     1 
ATOM   415  C CB    . ARG A 1 68  ? -0.263  -0.697  12.415  1.00 18.53 ? 49   ARG A CB    1 
ATOM   416  C CG    . ARG A 1 68  ? -1.634  -0.150  12.051  1.00 17.38 ? 49   ARG A CG    1 
ATOM   417  C CD    . ARG A 1 68  ? -2.759  -1.168  12.132  1.00 16.65 ? 49   ARG A CD    1 
ATOM   418  N NE    . ARG A 1 68  ? -4.047  -0.544  11.781  1.00 16.01 ? 49   ARG A NE    1 
ATOM   419  C CZ    . ARG A 1 68  ? -5.217  -0.943  12.251  1.00 15.97 ? 49   ARG A CZ    1 
ATOM   420  N NH1   . ARG A 1 68  ? -5.265  -1.964  13.054  1.00 16.34 ? 49   ARG A NH1   1 
ATOM   421  N NH2   . ARG A 1 68  ? -6.341  -0.334  11.917  1.00 15.95 ? 49   ARG A NH2   1 
ATOM   422  N N     . THR A 1 69  ? 1.850   -2.698  13.931  1.00 21.58 ? 50   THR A N     1 
ATOM   423  C CA    . THR A 1 69  ? 3.285   -2.968  13.974  1.00 21.33 ? 50   THR A CA    1 
ATOM   424  C C     . THR A 1 69  ? 3.968   -2.094  12.962  1.00 19.65 ? 50   THR A C     1 
ATOM   425  O O     . THR A 1 69  ? 5.019   -1.533  13.253  1.00 23.49 ? 50   THR A O     1 
ATOM   426  C CB    . THR A 1 69  ? 3.614   -4.444  13.711  1.00 21.18 ? 50   THR A CB    1 
ATOM   427  O OG1   . THR A 1 69  ? 2.687   -5.237  14.441  1.00 22.88 ? 50   THR A OG1   1 
ATOM   428  C CG2   . THR A 1 69  ? 5.037   -4.797  14.145  1.00 20.63 ? 50   THR A CG2   1 
ATOM   429  N N     . THR A 1 70  ? 3.348   -1.944  11.792  1.00 19.03 ? 51   THR A N     1 
ATOM   430  C CA    . THR A 1 70  ? 3.829   -1.046  10.743  1.00 19.05 ? 51   THR A CA    1 
ATOM   431  C C     . THR A 1 70  ? 4.101   0.385   11.283  1.00 19.54 ? 51   THR A C     1 
ATOM   432  O O     . THR A 1 70  ? 5.148   0.951   11.003  1.00 21.79 ? 51   THR A O     1 
ATOM   433  C CB    . THR A 1 70  ? 2.856   -1.105  9.553   1.00 18.36 ? 51   THR A CB    1 
ATOM   434  O OG1   . THR A 1 70  ? 2.850   -2.439  9.034   1.00 18.93 ? 51   THR A OG1   1 
ATOM   435  C CG2   . THR A 1 70  ? 3.191   -0.163  8.427   1.00 18.40 ? 51   THR A CG2   1 
ATOM   436  N N     . HIS A 1 71  ? 3.210   0.938   12.105  1.00 19.22 ? 52   HIS A N     1 
ATOM   437  C CA    . HIS A 1 71  ? 3.489   2.235   12.761  1.00 19.87 ? 52   HIS A CA    1 
ATOM   438  C C     . HIS A 1 71  ? 4.820   2.221   13.537  1.00 20.47 ? 52   HIS A C     1 
ATOM   439  O O     . HIS A 1 71  ? 5.645   3.108   13.364  1.00 20.92 ? 52   HIS A O     1 
ATOM   440  C CB    . HIS A 1 71  ? 2.351   2.589   13.693  1.00 18.27 ? 52   HIS A CB    1 
ATOM   441  C CG    . HIS A 1 71  ? 2.294   4.027   14.090  1.00 18.90 ? 52   HIS A CG    1 
ATOM   442  N ND1   . HIS A 1 71  ? 3.080   4.556   15.086  1.00 18.52 ? 52   HIS A ND1   1 
ATOM   443  C CD2   . HIS A 1 71  ? 1.493   5.035   13.669  1.00 19.49 ? 52   HIS A CD2   1 
ATOM   444  C CE1   . HIS A 1 71  ? 2.797   5.838   15.241  1.00 19.35 ? 52   HIS A CE1   1 
ATOM   445  N NE2   . HIS A 1 71  ? 1.827   6.152   14.401  1.00 19.18 ? 52   HIS A NE2   1 
ATOM   446  N N     . LYS A 1 72  ? 5.040   1.211   14.376  1.00 21.31 ? 53   LYS A N     1 
ATOM   447  C CA    . LYS A 1 72  ? 6.348   1.089   15.070  1.00 24.17 ? 53   LYS A CA    1 
ATOM   448  C C     . LYS A 1 72  ? 7.543   1.051   14.107  1.00 23.03 ? 53   LYS A C     1 
ATOM   449  O O     . LYS A 1 72  ? 8.518   1.787   14.294  1.00 23.78 ? 53   LYS A O     1 
ATOM   450  C CB    . LYS A 1 72  ? 6.387   -0.147  15.972  1.00 24.82 ? 53   LYS A CB    1 
ATOM   451  C CG    . LYS A 1 72  ? 5.822   0.096   17.357  1.00 27.89 ? 53   LYS A CG    1 
ATOM   452  C CD    . LYS A 1 72  ? 4.330   -0.147  17.469  1.00 26.95 ? 53   LYS A CD    1 
ATOM   453  C CE    . LYS A 1 72  ? 4.013   -0.467  18.922  1.00 29.43 ? 53   LYS A CE    1 
ATOM   454  N NZ    . LYS A 1 72  ? 2.564   -0.384  19.252  1.00 28.19 ? 53   LYS A NZ    1 
ATOM   455  N N     . LEU A 1 73  ? 7.465   0.207   13.080  1.00 21.49 ? 54   LEU A N     1 
ATOM   456  C CA    . LEU A 1 73  ? 8.582   0.067   12.131  1.00 22.87 ? 54   LEU A CA    1 
ATOM   457  C C     . LEU A 1 73  ? 8.817   1.322   11.297  1.00 22.47 ? 54   LEU A C     1 
ATOM   458  O O     . LEU A 1 73  ? 9.949   1.611   10.909  1.00 23.15 ? 54   LEU A O     1 
ATOM   459  C CB    . LEU A 1 73  ? 8.410   -1.172  11.217  1.00 21.42 ? 54   LEU A CB    1 
ATOM   460  C CG    . LEU A 1 73  ? 8.325   -2.531  11.945  1.00 22.41 ? 54   LEU A CG    1 
ATOM   461  C CD1   . LEU A 1 73  ? 7.686   -3.601  11.080  1.00 20.84 ? 54   LEU A CD1   1 
ATOM   462  C CD2   . LEU A 1 73  ? 9.664   -3.002  12.483  1.00 22.98 ? 54   LEU A CD2   1 
ATOM   463  N N     . ILE A 1 74  ? 7.759   2.079   11.005  1.00 24.43 ? 55   ILE A N     1 
ATOM   464  C CA    . ILE A 1 74  ? 7.957   3.308   10.216  1.00 24.07 ? 55   ILE A CA    1 
ATOM   465  C C     . ILE A 1 74  ? 8.640   4.387   11.063  1.00 22.98 ? 55   ILE A C     1 
ATOM   466  O O     . ILE A 1 74  ? 9.540   5.068   10.587  1.00 23.43 ? 55   ILE A O     1 
ATOM   467  C CB    . ILE A 1 74  ? 6.658   3.841   9.545   1.00 23.34 ? 55   ILE A CB    1 
ATOM   468  C CG1   . ILE A 1 74  ? 6.054   2.758   8.629   1.00 21.94 ? 55   ILE A CG1   1 
ATOM   469  C CG2   . ILE A 1 74  ? 6.993   5.107   8.755   1.00 23.76 ? 55   ILE A CG2   1 
ATOM   470  C CD1   . ILE A 1 74  ? 4.772   3.120   7.895   1.00 19.77 ? 55   ILE A CD1   1 
ATOM   471  N N     . LYS A 1 75  ? 8.205   4.531   12.308  1.00 24.63 ? 56   LYS A N     1 
ATOM   472  C CA    . LYS A 1 75  ? 8.792   5.503   13.222  1.00 26.41 ? 56   LYS A CA    1 
ATOM   473  C C     . LYS A 1 75  ? 10.244  5.136   13.476  1.00 27.49 ? 56   LYS A C     1 
ATOM   474  O O     . LYS A 1 75  ? 11.107  5.987   13.429  1.00 29.06 ? 56   LYS A O     1 
ATOM   475  C CB    . LYS A 1 75  ? 8.019   5.555   14.534  1.00 27.90 ? 56   LYS A CB    1 
ATOM   476  C CG    . LYS A 1 75  ? 6.801   6.453   14.497  1.00 30.30 ? 56   LYS A CG    1 
ATOM   477  C CD    . LYS A 1 75  ? 7.174   7.906   14.751  1.00 30.53 ? 56   LYS A CD    1 
ATOM   478  C CE    . LYS A 1 75  ? 5.925   8.773   14.868  1.00 28.98 ? 56   LYS A CE    1 
ATOM   479  N NZ    . LYS A 1 75  ? 6.214   10.203  14.520  1.00 25.04 ? 56   LYS A NZ    1 
ATOM   480  N N     . LYS A 1 76  ? 10.512  3.859   13.692  1.00 29.60 ? 57   LYS A N     1 
ATOM   481  C CA    . LYS A 1 76  ? 11.870  3.427   13.940  1.00 31.28 ? 57   LYS A CA    1 
ATOM   482  C C     . LYS A 1 76  ? 12.816  3.821   12.803  1.00 31.23 ? 57   LYS A C     1 
ATOM   483  O O     . LYS A 1 76  ? 13.815  4.524   13.022  1.00 33.32 ? 57   LYS A O     1 
ATOM   484  C CB    . LYS A 1 76  ? 11.912  1.920   14.193  1.00 31.96 ? 57   LYS A CB    1 
ATOM   485  C CG    . LYS A 1 76  ? 13.141  1.472   14.975  1.00 34.38 ? 57   LYS A CG    1 
ATOM   486  C CD    . LYS A 1 76  ? 13.101  -0.027  15.233  1.00 33.50 ? 57   LYS A CD    1 
ATOM   487  C CE    . LYS A 1 76  ? 14.507  -0.610  15.314  1.00 33.30 ? 57   LYS A CE    1 
ATOM   488  N NZ    . LYS A 1 76  ? 14.504  -1.900  16.057  1.00 29.77 ? 57   LYS A NZ    1 
ATOM   489  N N     . TYR A 1 77  ? 12.502  3.402   11.584  1.00 30.74 ? 58   TYR A N     1 
ATOM   490  C CA    . TYR A 1 77  ? 13.475  3.497   10.504  1.00 28.46 ? 58   TYR A CA    1 
ATOM   491  C C     . TYR A 1 77  ? 13.326  4.694   9.576   1.00 25.87 ? 58   TYR A C     1 
ATOM   492  O O     . TYR A 1 77  ? 14.246  5.023   8.844   1.00 25.61 ? 58   TYR A O     1 
ATOM   493  C CB    . TYR A 1 77  ? 13.455  2.196   9.707   1.00 31.97 ? 58   TYR A CB    1 
ATOM   494  C CG    . TYR A 1 77  ? 13.992  1.013   10.479  1.00 34.29 ? 58   TYR A CG    1 
ATOM   495  C CD1   . TYR A 1 77  ? 15.366  0.857   10.688  1.00 38.35 ? 58   TYR A CD1   1 
ATOM   496  C CD2   . TYR A 1 77  ? 13.134  0.057   10.999  1.00 34.46 ? 58   TYR A CD2   1 
ATOM   497  C CE1   . TYR A 1 77  ? 15.864  -0.228  11.395  1.00 40.53 ? 58   TYR A CE1   1 
ATOM   498  C CE2   . TYR A 1 77  ? 13.618  -1.032  11.695  1.00 37.30 ? 58   TYR A CE2   1 
ATOM   499  C CZ    . TYR A 1 77  ? 14.983  -1.170  11.896  1.00 40.97 ? 58   TYR A CZ    1 
ATOM   500  O OH    . TYR A 1 77  ? 15.459  -2.257  12.601  1.00 42.37 ? 58   TYR A OH    1 
ATOM   501  N N     . GLY A 1 78  ? 12.162  5.328   9.586   1.00 24.38 ? 59   GLY A N     1 
ATOM   502  C CA    . GLY A 1 78  ? 11.899  6.505   8.736   1.00 23.01 ? 59   GLY A CA    1 
ATOM   503  C C     . GLY A 1 78  ? 11.655  6.243   7.248   1.00 23.09 ? 59   GLY A C     1 
ATOM   504  O O     . GLY A 1 78  ? 11.690  7.177   6.451   1.00 23.41 ? 59   GLY A O     1 
ATOM   505  N N     . GLU A 1 79  ? 11.377  4.990   6.876   1.00 21.78 ? 60   GLU A N     1 
ATOM   506  C CA    . GLU A 1 79  ? 11.200  4.620   5.483   1.00 20.82 ? 60   GLU A CA    1 
ATOM   507  C C     . GLU A 1 79  ? 10.021  3.673   5.293   1.00 19.76 ? 60   GLU A C     1 
ATOM   508  O O     . GLU A 1 79  ? 9.641   2.926   6.212   1.00 20.38 ? 60   GLU A O     1 
ATOM   509  C CB    . GLU A 1 79  ? 12.473  3.940   4.957   1.00 22.25 ? 60   GLU A CB    1 
ATOM   510  C CG    . GLU A 1 79  ? 13.755  4.777   5.113   1.00 24.23 ? 60   GLU A CG    1 
ATOM   511  C CD    . GLU A 1 79  ? 14.968  4.131   4.464   1.00 25.57 ? 60   GLU A CD    1 
ATOM   512  O OE1   . GLU A 1 79  ? 15.092  2.892   4.514   1.00 25.87 ? 60   GLU A OE1   1 
ATOM   513  O OE2   . GLU A 1 79  ? 15.811  4.858   3.895   1.00 29.45 ? 60   GLU A OE2   1 
ATOM   514  N N     . PHE A 1 80  ? 9.416   3.690   4.118   1.00 19.23 ? 61   PHE A N     1 
ATOM   515  C CA    . PHE A 1 80  ? 8.401   2.655   3.810   1.00 18.28 ? 61   PHE A CA    1 
ATOM   516  C C     . PHE A 1 80  ? 8.270   2.419   2.355   1.00 17.78 ? 61   PHE A C     1 
ATOM   517  O O     . PHE A 1 80  ? 8.659   3.234   1.572   1.00 16.83 ? 61   PHE A O     1 
ATOM   518  C CB    . PHE A 1 80  ? 7.010   2.965   4.394   1.00 19.25 ? 61   PHE A CB    1 
ATOM   519  C CG    . PHE A 1 80  ? 6.413   4.260   3.926   1.00 19.79 ? 61   PHE A CG    1 
ATOM   520  C CD1   . PHE A 1 80  ? 6.863   5.480   4.440   1.00 19.49 ? 61   PHE A CD1   1 
ATOM   521  C CD2   . PHE A 1 80  ? 5.374   4.261   3.025   1.00 18.10 ? 61   PHE A CD2   1 
ATOM   522  C CE1   . PHE A 1 80  ? 6.302   6.667   4.022   1.00 19.89 ? 61   PHE A CE1   1 
ATOM   523  C CE2   . PHE A 1 80  ? 4.813   5.440   2.600   1.00 18.50 ? 61   PHE A CE2   1 
ATOM   524  C CZ    . PHE A 1 80  ? 5.265   6.645   3.105   1.00 19.67 ? 61   PHE A CZ    1 
ATOM   525  N N     . VAL A 1 81  ? 7.685   1.280   1.993   1.00 19.40 ? 62   VAL A N     1 
ATOM   526  C CA    . VAL A 1 81  ? 7.420   1.002   0.605   1.00 19.37 ? 62   VAL A CA    1 
ATOM   527  C C     . VAL A 1 81  ? 5.935   0.769   0.413   1.00 19.11 ? 62   VAL A C     1 
ATOM   528  O O     . VAL A 1 81  ? 5.350   0.011   1.167   1.00 19.82 ? 62   VAL A O     1 
ATOM   529  C CB    . VAL A 1 81  ? 8.245   -0.203  0.123   1.00 20.95 ? 62   VAL A CB    1 
ATOM   530  C CG1   . VAL A 1 81  ? 7.834   -0.605  -1.291  1.00 22.43 ? 62   VAL A CG1   1 
ATOM   531  C CG2   . VAL A 1 81  ? 9.745   0.138   0.189   1.00 21.07 ? 62   VAL A CG2   1 
ATOM   532  N N     . ILE A 1 82  ? 5.342   1.445   -0.582  1.00 18.02 ? 63   ILE A N     1 
ATOM   533  C CA    . ILE A 1 82  ? 3.973   1.168   -1.040  1.00 17.62 ? 63   ILE A CA    1 
ATOM   534  C C     . ILE A 1 82  ? 4.099   0.188   -2.203  1.00 17.27 ? 63   ILE A C     1 
ATOM   535  O O     . ILE A 1 82  ? 4.625   0.527   -3.256  1.00 15.74 ? 63   ILE A O     1 
ATOM   536  C CB    . ILE A 1 82  ? 3.225   2.451   -1.543  1.00 17.31 ? 63   ILE A CB    1 
ATOM   537  C CG1   . ILE A 1 82  ? 3.212   3.552   -0.463  1.00 17.15 ? 63   ILE A CG1   1 
ATOM   538  C CG2   . ILE A 1 82  ? 1.793   2.112   -2.009  1.00 16.47 ? 63   ILE A CG2   1 
ATOM   539  C CD1   . ILE A 1 82  ? 2.546   4.851   -0.892  1.00 18.16 ? 63   ILE A CD1   1 
ATOM   540  N N     . SER A 1 83  ? 3.677   -1.048  -1.992  1.00 17.52 ? 64   SER A N     1 
ATOM   541  C CA    . SER A 1 83  ? 3.672   -1.997  -3.073  1.00 18.03 ? 64   SER A CA    1 
ATOM   542  C C     . SER A 1 83  ? 2.277   -2.081  -3.628  1.00 19.23 ? 64   SER A C     1 
ATOM   543  O O     . SER A 1 83  ? 1.276   -1.999  -2.896  1.00 18.78 ? 64   SER A O     1 
ATOM   544  C CB    . SER A 1 83  ? 4.118   -3.346  -2.569  1.00 19.43 ? 64   SER A CB    1 
ATOM   545  O OG    . SER A 1 83  ? 5.270   -3.188  -1.785  1.00 20.39 ? 64   SER A OG    1 
ATOM   546  N N     . VAL A 1 84  ? 2.186   -2.220  -4.935  1.00 19.21 ? 65   VAL A N     1 
ATOM   547  C CA    . VAL A 1 84  ? 0.870   -2.250  -5.548  1.00 18.88 ? 65   VAL A CA    1 
ATOM   548  C C     . VAL A 1 84  ? 0.494   -3.693  -5.893  1.00 20.31 ? 65   VAL A C     1 
ATOM   549  O O     . VAL A 1 84  ? 1.169   -4.319  -6.732  1.00 19.27 ? 65   VAL A O     1 
ATOM   550  C CB    . VAL A 1 84  ? 0.884   -1.342  -6.778  1.00 19.00 ? 65   VAL A CB    1 
ATOM   551  C CG1   . VAL A 1 84  ? -0.433  -1.400  -7.530  1.00 17.71 ? 65   VAL A CG1   1 
ATOM   552  C CG2   . VAL A 1 84  ? 1.256   0.072   -6.346  1.00 18.04 ? 65   VAL A CG2   1 
ATOM   553  N N     . PRO A 1 85  ? -0.573  -4.230  -5.243  1.00 20.20 ? 66   PRO A N     1 
ATOM   554  C CA    . PRO A 1 85  ? -0.967  -5.614  -5.479  1.00 20.20 ? 66   PRO A CA    1 
ATOM   555  C C     . PRO A 1 85  ? -2.039  -5.781  -6.545  1.00 21.20 ? 66   PRO A C     1 
ATOM   556  O O     . PRO A 1 85  ? -2.898  -4.902  -6.748  1.00 21.85 ? 66   PRO A O     1 
ATOM   557  C CB    . PRO A 1 85  ? -1.566  -6.022  -4.127  1.00 20.43 ? 66   PRO A CB    1 
ATOM   558  C CG    . PRO A 1 85  ? -2.258  -4.779  -3.681  1.00 21.29 ? 66   PRO A CG    1 
ATOM   559  C CD    . PRO A 1 85  ? -1.317  -3.650  -4.097  1.00 20.86 ? 66   PRO A CD    1 
ATOM   560  N N     . SER A 1 86  ? -2.031  -6.927  -7.202  1.00 20.98 ? 67   SER A N     1 
ATOM   561  C CA    . SER A 1 86  ? -3.154  -7.233  -8.076  1.00 22.14 ? 67   SER A CA    1 
ATOM   562  C C     . SER A 1 86  ? -4.167  -8.104  -7.342  1.00 21.99 ? 67   SER A C     1 
ATOM   563  O O     . SER A 1 86  ? -3.863  -8.618  -6.245  1.00 22.92 ? 67   SER A O     1 
ATOM   564  C CB    . SER A 1 86  ? -2.679  -7.907  -9.372  1.00 21.03 ? 67   SER A CB    1 
ATOM   565  O OG    . SER A 1 86  ? -3.113  -9.254  -9.430  1.00 23.09 ? 67   SER A OG    1 
ATOM   566  N N     . LEU A 1 87  ? -5.345  -8.267  -7.961  1.00 21.26 ? 68   LEU A N     1 
ATOM   567  C CA    . LEU A 1 87  ? -6.445  -9.076  -7.445  1.00 22.53 ? 68   LEU A CA    1 
ATOM   568  C C     . LEU A 1 87  ? -5.994  -10.522 -7.282  1.00 23.86 ? 68   LEU A C     1 
ATOM   569  O O     . LEU A 1 87  ? -6.545  -11.268 -6.444  1.00 22.83 ? 68   LEU A O     1 
ATOM   570  C CB    . LEU A 1 87  ? -7.664  -9.004  -8.393  1.00 22.86 ? 68   LEU A CB    1 
ATOM   571  C CG    . LEU A 1 87  ? -8.967  -9.754  -8.027  1.00 23.53 ? 68   LEU A CG    1 
ATOM   572  C CD1   . LEU A 1 87  ? -9.537  -9.440  -6.655  1.00 22.23 ? 68   LEU A CD1   1 
ATOM   573  C CD2   . LEU A 1 87  ? -10.059 -9.565  -9.086  1.00 23.91 ? 68   LEU A CD2   1 
ATOM   574  N N     . ASP A 1 88  ? -4.992  -10.928 -8.065  1.00 23.45 ? 69   ASP A N     1 
ATOM   575  C CA    . ASP A 1 88  ? -4.538  -12.305 -7.988  1.00 23.88 ? 69   ASP A CA    1 
ATOM   576  C C     . ASP A 1 88  ? -3.878  -12.624 -6.640  1.00 26.31 ? 69   ASP A C     1 
ATOM   577  O O     . ASP A 1 88  ? -3.841  -13.780 -6.232  1.00 28.66 ? 69   ASP A O     1 
ATOM   578  C CB    . ASP A 1 88  ? -3.577  -12.631 -9.117  1.00 24.56 ? 69   ASP A CB    1 
ATOM   579  C CG    . ASP A 1 88  ? -4.248  -12.698 -10.460 1.00 24.65 ? 69   ASP A CG    1 
ATOM   580  O OD1   . ASP A 1 88  ? -5.446  -13.081 -10.540 1.00 23.14 ? 69   ASP A OD1   1 
ATOM   581  O OD2   . ASP A 1 88  ? -3.533  -12.405 -11.447 1.00 23.81 ? 69   ASP A OD2   1 
ATOM   582  N N     . VAL A 1 89  ? -3.343  -11.630 -5.944  1.00 26.73 ? 70   VAL A N     1 
ATOM   583  C CA    . VAL A 1 89  ? -2.699  -11.923 -4.665  1.00 25.63 ? 70   VAL A CA    1 
ATOM   584  C C     . VAL A 1 89  ? -3.531  -11.536 -3.448  1.00 24.68 ? 70   VAL A C     1 
ATOM   585  O O     . VAL A 1 89  ? -2.985  -11.314 -2.358  1.00 25.05 ? 70   VAL A O     1 
ATOM   586  C CB    . VAL A 1 89  ? -1.262  -11.360 -4.565  1.00 26.63 ? 70   VAL A CB    1 
ATOM   587  C CG1   . VAL A 1 89  ? -0.390  -11.945 -5.670  1.00 26.39 ? 70   VAL A CG1   1 
ATOM   588  C CG2   . VAL A 1 89  ? -1.226  -9.834  -4.573  1.00 25.62 ? 70   VAL A CG2   1 
ATOM   589  N N     . LEU A 1 90  ? -4.851  -11.529 -3.625  1.00 23.76 ? 71   LEU A N     1 
ATOM   590  C CA    . LEU A 1 90  ? -5.800  -11.106 -2.582  1.00 22.37 ? 71   LEU A CA    1 
ATOM   591  C C     . LEU A 1 90  ? -5.581  -11.901 -1.285  1.00 24.79 ? 71   LEU A C     1 
ATOM   592  O O     . LEU A 1 90  ? -5.942  -11.455 -0.167  1.00 22.01 ? 71   LEU A O     1 
ATOM   593  C CB    . LEU A 1 90  ? -7.252  -11.225 -3.070  1.00 21.98 ? 71   LEU A CB    1 
ATOM   594  C CG    . LEU A 1 90  ? -8.379  -10.791 -2.092  1.00 23.10 ? 71   LEU A CG    1 
ATOM   595  C CD1   . LEU A 1 90  ? -8.188  -9.348  -1.648  1.00 22.06 ? 71   LEU A CD1   1 
ATOM   596  C CD2   . LEU A 1 90  ? -9.804  -10.986 -2.616  1.00 21.44 ? 71   LEU A CD2   1 
ATOM   597  N N     . ARG A 1 91  ? -4.960  -13.065 -1.426  1.00 23.36 ? 72   ARG A N     1 
ATOM   598  C CA    . ARG A 1 91  ? -4.886  -13.947 -0.289  1.00 26.31 ? 72   ARG A CA    1 
ATOM   599  C C     . ARG A 1 91  ? -3.787  -13.442 0.583   1.00 25.38 ? 72   ARG A C     1 
ATOM   600  O O     . ARG A 1 91  ? -3.969  -13.345 1.793   1.00 27.76 ? 72   ARG A O     1 
ATOM   601  C CB    . ARG A 1 91  ? -4.704  -15.414 -0.688  1.00 25.96 ? 72   ARG A CB    1 
ATOM   602  C CG    . ARG A 1 91  ? -6.011  -16.173 -0.774  1.00 24.67 ? 72   ARG A CG    1 
ATOM   603  C CD    . ARG A 1 91  ? -5.726  -17.594 -1.245  1.00 28.59 ? 72   ARG A CD    1 
ATOM   604  N NE    . ARG A 1 91  ? -6.762  -18.088 -2.159  1.00 28.45 ? 72   ARG A NE    1 
ATOM   605  C CZ    . ARG A 1 91  ? -6.686  -18.029 -3.482  1.00 27.61 ? 72   ARG A CZ    1 
ATOM   606  N NH1   . ARG A 1 91  ? -5.608  -17.517 -4.077  1.00 27.43 ? 72   ARG A NH1   1 
ATOM   607  N NH2   . ARG A 1 91  ? -7.681  -18.503 -4.216  1.00 27.73 ? 72   ARG A NH2   1 
ATOM   608  N N     . ASP A 1 92  ? -2.676  -13.063 -0.049  1.00 27.28 ? 73   ASP A N     1 
ATOM   609  C CA    . ASP A 1 92  ? -1.547  -12.420 0.618   1.00 25.32 ? 73   ASP A CA    1 
ATOM   610  C C     . ASP A 1 92  ? -1.930  -11.057 1.185   1.00 24.87 ? 73   ASP A C     1 
ATOM   611  O O     . ASP A 1 92  ? -1.450  -10.654 2.273   1.00 24.84 ? 73   ASP A O     1 
ATOM   612  C CB    . ASP A 1 92  ? -0.401  -12.212 -0.366  1.00 27.76 ? 73   ASP A CB    1 
ATOM   613  C CG    . ASP A 1 92  ? 0.205   -13.502 -0.841  1.00 29.58 ? 73   ASP A CG    1 
ATOM   614  O OD1   . ASP A 1 92  ? 0.207   -14.467 -0.064  1.00 26.51 ? 73   ASP A OD1   1 
ATOM   615  O OD2   . ASP A 1 92  ? 0.686   -13.548 -2.006  1.00 32.69 ? 73   ASP A OD2   1 
ATOM   616  N N     . VAL A 1 93  ? -2.759  -10.332 0.428   1.00 21.43 ? 74   VAL A N     1 
ATOM   617  C CA    . VAL A 1 93  ? -3.231  -9.010  0.836   1.00 19.48 ? 74   VAL A CA    1 
ATOM   618  C C     . VAL A 1 93  ? -4.080  -9.154  2.088   1.00 21.05 ? 74   VAL A C     1 
ATOM   619  O O     . VAL A 1 93  ? -3.900  -8.406  3.059   1.00 19.37 ? 74   VAL A O     1 
ATOM   620  C CB    . VAL A 1 93  ? -4.042  -8.344  -0.309  1.00 19.59 ? 74   VAL A CB    1 
ATOM   621  C CG1   . VAL A 1 93  ? -4.812  -7.129  0.183   1.00 17.17 ? 74   VAL A CG1   1 
ATOM   622  C CG2   . VAL A 1 93  ? -3.124  -7.983  -1.473  1.00 16.99 ? 74   VAL A CG2   1 
ATOM   623  N N     . TRP A 1 94  ? -4.991  -10.133 2.084   1.00 22.14 ? 75   TRP A N     1 
ATOM   624  C CA    . TRP A 1 94  ? -5.838  -10.373 3.257   1.00 22.58 ? 75   TRP A CA    1 
ATOM   625  C C     . TRP A 1 94  ? -5.025  -10.721 4.499   1.00 22.97 ? 75   TRP A C     1 
ATOM   626  O O     . TRP A 1 94  ? -5.346  -10.259 5.581   1.00 22.63 ? 75   TRP A O     1 
ATOM   627  C CB    . TRP A 1 94  ? -6.886  -11.447 2.981   1.00 24.55 ? 75   TRP A CB    1 
ATOM   628  C CG    . TRP A 1 94  ? -7.962  -11.513 4.018   1.00 23.34 ? 75   TRP A CG    1 
ATOM   629  C CD1   . TRP A 1 94  ? -8.226  -12.564 4.838   1.00 23.69 ? 75   TRP A CD1   1 
ATOM   630  C CD2   . TRP A 1 94  ? -8.911  -10.486 4.358   1.00 23.06 ? 75   TRP A CD2   1 
ATOM   631  N NE1   . TRP A 1 94  ? -9.274  -12.260 5.680   1.00 22.90 ? 75   TRP A NE1   1 
ATOM   632  C CE2   . TRP A 1 94  ? -9.721  -10.997 5.399   1.00 22.69 ? 75   TRP A CE2   1 
ATOM   633  C CE3   . TRP A 1 94  ? -9.165  -9.195  3.876   1.00 22.14 ? 75   TRP A CE3   1 
ATOM   634  C CZ2   . TRP A 1 94  ? -10.781 -10.272 5.961   1.00 22.37 ? 75   TRP A CZ2   1 
ATOM   635  C CZ3   . TRP A 1 94  ? -10.210 -8.460  4.446   1.00 22.74 ? 75   TRP A CZ3   1 
ATOM   636  C CH2   . TRP A 1 94  ? -11.006 -9.007  5.484   1.00 22.46 ? 75   TRP A CH2   1 
ATOM   637  N N     . ILE A 1 95  ? -3.970  -11.525 4.341   1.00 22.87 ? 76   ILE A N     1 
ATOM   638  C CA    A ILE A 1 95  ? -3.112  -11.877 5.472   0.70 22.24 ? 76   ILE A CA    1 
ATOM   639  C CA    B ILE A 1 95  ? -3.103  -11.886 5.464   0.30 22.71 ? 76   ILE A CA    1 
ATOM   640  C C     . ILE A 1 95  ? -2.428  -10.630 6.019   1.00 22.70 ? 76   ILE A C     1 
ATOM   641  O O     . ILE A 1 95  ? -2.429  -10.405 7.245   1.00 21.46 ? 76   ILE A O     1 
ATOM   642  C CB    A ILE A 1 95  ? -2.090  -12.966 5.107   0.70 21.42 ? 76   ILE A CB    1 
ATOM   643  C CB    B ILE A 1 95  ? -2.066  -12.966 5.076   0.30 22.79 ? 76   ILE A CB    1 
ATOM   644  C CG1   A ILE A 1 95  ? -2.759  -14.337 5.197   0.70 21.57 ? 76   ILE A CG1   1 
ATOM   645  C CG1   B ILE A 1 95  ? -2.747  -14.333 4.952   0.30 23.23 ? 76   ILE A CG1   1 
ATOM   646  C CG2   A ILE A 1 95  ? -0.879  -12.953 6.028   0.70 21.37 ? 76   ILE A CG2   1 
ATOM   647  C CG2   B ILE A 1 95  ? -0.956  -13.075 6.110   0.30 22.75 ? 76   ILE A CG2   1 
ATOM   648  C CD1   A ILE A 1 95  ? -2.283  -15.280 4.130   0.70 19.23 ? 76   ILE A CD1   1 
ATOM   649  C CD1   B ILE A 1 95  ? -3.405  -14.797 6.234   0.30 22.96 ? 76   ILE A CD1   1 
ATOM   650  N N     . ALA A 1 96  ? -1.872  -9.820  5.107   1.00 22.09 ? 77   ALA A N     1 
ATOM   651  C CA    . ALA A 1 96  ? -1.260  -8.531  5.447   1.00 20.28 ? 77   ALA A CA    1 
ATOM   652  C C     . ALA A 1 96  ? -2.198  -7.611  6.230   1.00 19.26 ? 77   ALA A C     1 
ATOM   653  O O     . ALA A 1 96  ? -1.764  -6.850  7.097   1.00 19.94 ? 77   ALA A O     1 
ATOM   654  C CB    . ALA A 1 96  ? -0.792  -7.835  4.187   1.00 19.53 ? 77   ALA A CB    1 
ATOM   655  N N     . GLY A 1 97  ? -3.481  -7.689  5.907   1.00 19.42 ? 78   GLY A N     1 
ATOM   656  C CA    . GLY A 1 97  ? -4.506  -6.870  6.519   1.00 19.30 ? 78   GLY A CA    1 
ATOM   657  C C     . GLY A 1 97  ? -5.157  -7.506  7.725   1.00 22.40 ? 78   GLY A C     1 
ATOM   658  O O     . GLY A 1 97  ? -5.978  -6.871  8.357   1.00 20.41 ? 78   GLY A O     1 
ATOM   659  N N     . THR A 1 98  ? -4.796  -8.746  8.061   1.00 22.80 ? 79   THR A N     1 
ATOM   660  C CA    . THR A 1 98  ? -5.478  -9.435  9.176   1.00 25.49 ? 79   THR A CA    1 
ATOM   661  C C     . THR A 1 98  ? -4.574  -9.939  10.286  1.00 25.37 ? 79   THR A C     1 
ATOM   662  O O     . THR A 1 98  ? -5.004  -9.998  11.421  1.00 27.22 ? 79   THR A O     1 
ATOM   663  C CB    . THR A 1 98  ? -6.392  -10.607 8.726   1.00 25.05 ? 79   THR A CB    1 
ATOM   664  O OG1   . THR A 1 98  ? -5.640  -11.552 7.962   1.00 25.64 ? 79   THR A OG1   1 
ATOM   665  C CG2   . THR A 1 98  ? -7.593  -10.105 7.921   1.00 24.93 ? 79   THR A CG2   1 
ATOM   666  N N     . LYS A 1 99  ? -3.333  -10.291 9.953   1.00 25.80 ? 80   LYS A N     1 
ATOM   667  C CA    . LYS A 1 99  ? -2.367  -10.808 10.938  1.00 25.44 ? 80   LYS A CA    1 
ATOM   668  C C     . LYS A 1 99  ? -1.441  -9.664  11.311  1.00 24.90 ? 80   LYS A C     1 
ATOM   669  O O     . LYS A 1 99  ? -1.525  -8.590  10.692  1.00 23.97 ? 80   LYS A O     1 
ATOM   670  C CB    . LYS A 1 99  ? -1.572  -11.989 10.342  1.00 26.82 ? 80   LYS A CB    1 
ATOM   671  C CG    . LYS A 1 99  ? -2.425  -13.110 9.746   1.00 25.56 ? 80   LYS A CG    1 
ATOM   672  C CD    . LYS A 1 99  ? -2.728  -14.153 10.804  1.00 24.88 ? 80   LYS A CD    1 
ATOM   673  C CE    . LYS A 1 99  ? -3.854  -15.071 10.357  1.00 25.61 ? 80   LYS A CE    1 
ATOM   674  N NZ    . LYS A 1 99  ? -3.314  -16.237 9.615   1.00 25.40 ? 80   LYS A NZ    1 
ATOM   675  N N     . LYS A 1 100 ? -0.541  -9.893  12.276  1.00 24.95 ? 81   LYS A N     1 
ATOM   676  C CA    . LYS A 1 100 ? 0.285   -8.815  12.859  1.00 25.40 ? 81   LYS A CA    1 
ATOM   677  C C     . LYS A 1 100 ? 1.786   -9.049  12.869  1.00 25.80 ? 81   LYS A C     1 
ATOM   678  O O     . LYS A 1 100 ? 2.264   -10.026 13.419  1.00 27.04 ? 81   LYS A O     1 
ATOM   679  C CB    . LYS A 1 100 ? -0.125  -8.598  14.310  1.00 25.43 ? 81   LYS A CB    1 
ATOM   680  C CG    . LYS A 1 100 ? -1.615  -8.651  14.550  1.00 23.72 ? 81   LYS A CG    1 
ATOM   681  C CD    . LYS A 1 100 ? -2.228  -7.398  13.971  1.00 25.46 ? 81   LYS A CD    1 
ATOM   682  C CE    . LYS A 1 100 ? -3.712  -7.313  14.246  1.00 27.33 ? 81   LYS A CE    1 
ATOM   683  N NZ    . LYS A 1 100 ? -4.210  -6.169  13.433  1.00 28.53 ? 81   LYS A NZ    1 
ATOM   684  N N     . GLY A 1 101 ? 2.540   -8.139  12.288  1.00 24.39 ? 82   GLY A N     1 
ATOM   685  C CA    . GLY A 1 101 ? 3.988   -8.138  12.482  1.00 25.53 ? 82   GLY A CA    1 
ATOM   686  C C     . GLY A 1 101 ? 4.694   -9.205  11.672  1.00 24.66 ? 82   GLY A C     1 
ATOM   687  O O     . GLY A 1 101 ? 4.041   -10.003 10.986  1.00 27.36 ? 82   GLY A O     1 
ATOM   688  N N     . PRO A 1 102 ? 6.027   -9.250  11.760  1.00 24.14 ? 83   PRO A N     1 
ATOM   689  C CA    . PRO A 1 102 ? 6.763   -9.933  10.689  1.00 26.10 ? 83   PRO A CA    1 
ATOM   690  C C     . PRO A 1 102 ? 6.561   -11.447 10.542  1.00 26.75 ? 83   PRO A C     1 
ATOM   691  O O     . PRO A 1 102 ? 6.895   -11.991 9.479   1.00 29.39 ? 83   PRO A O     1 
ATOM   692  C CB    . PRO A 1 102 ? 8.230   -9.563  10.983  1.00 24.55 ? 83   PRO A CB    1 
ATOM   693  C CG    . PRO A 1 102 ? 8.131   -8.310  11.798  1.00 23.47 ? 83   PRO A CG    1 
ATOM   694  C CD    . PRO A 1 102 ? 6.955   -8.597  12.688  1.00 22.89 ? 83   PRO A CD    1 
ATOM   695  N N     . SER A 1 103 ? 5.987   -12.111 11.541  1.00 25.51 ? 84   SER A N     1 
ATOM   696  C CA    . SER A 1 103 ? 5.728   -13.562 11.423  1.00 25.32 ? 84   SER A CA    1 
ATOM   697  C C     . SER A 1 103 ? 4.700   -13.932 10.339  1.00 26.52 ? 84   SER A C     1 
ATOM   698  O O     . SER A 1 103 ? 4.679   -15.080 9.841   1.00 24.86 ? 84   SER A O     1 
ATOM   699  C CB    . SER A 1 103 ? 5.280   -14.111 12.746  1.00 23.75 ? 84   SER A CB    1 
ATOM   700  O OG    . SER A 1 103 ? 4.019   -13.571 13.044  1.00 25.45 ? 84   SER A OG    1 
ATOM   701  N N     . LYS A 1 104 ? 3.853   -12.970 9.952   1.00 23.72 ? 85   LYS A N     1 
ATOM   702  C CA    . LYS A 1 104 ? 2.873   -13.227 8.895   1.00 22.50 ? 85   LYS A CA    1 
ATOM   703  C C     . LYS A 1 104 ? 3.518   -13.606 7.533   1.00 22.34 ? 85   LYS A C     1 
ATOM   704  O O     . LYS A 1 104 ? 2.868   -14.211 6.691   1.00 23.63 ? 85   LYS A O     1 
ATOM   705  C CB    . LYS A 1 104 ? 1.892   -12.042 8.747   1.00 19.79 ? 85   LYS A CB    1 
ATOM   706  C CG    . LYS A 1 104 ? 2.427   -10.841 7.948   1.00 18.72 ? 85   LYS A CG    1 
ATOM   707  C CD    . LYS A 1 104 ? 1.422   -9.705  7.874   1.00 16.64 ? 85   LYS A CD    1 
ATOM   708  C CE    . LYS A 1 104 ? 1.431   -8.843  9.131   1.00 17.02 ? 85   LYS A CE    1 
ATOM   709  N NZ    . LYS A 1 104 ? 0.455   -7.707  9.093   1.00 15.30 ? 85   LYS A NZ    1 
ATOM   710  N N     . LEU A 1 105 ? 4.789   -13.273 7.337   1.00 22.88 ? 86   LEU A N     1 
ATOM   711  C CA    . LEU A 1 105 ? 5.440   -13.409 6.018   1.00 26.20 ? 86   LEU A CA    1 
ATOM   712  C C     . LEU A 1 105 ? 5.637   -14.867 5.648   1.00 30.16 ? 86   LEU A C     1 
ATOM   713  O O     . LEU A 1 105 ? 6.025   -15.181 4.514   1.00 28.21 ? 86   LEU A O     1 
ATOM   714  C CB    . LEU A 1 105 ? 6.827   -12.777 5.998   1.00 24.80 ? 86   LEU A CB    1 
ATOM   715  C CG    . LEU A 1 105 ? 7.061   -11.266 6.079   1.00 26.91 ? 86   LEU A CG    1 
ATOM   716  C CD1   . LEU A 1 105 ? 8.074   -10.849 5.007   1.00 25.62 ? 86   LEU A CD1   1 
ATOM   717  C CD2   . LEU A 1 105 ? 5.771   -10.485 5.910   1.00 26.34 ? 86   LEU A CD2   1 
ATOM   718  N N     . LYS A 1 106 ? 5.400   -15.725 6.638   1.00 30.86 ? 87   LYS A N     1 
ATOM   719  C CA    . LYS A 1 106 ? 5.626   -17.147 6.546   1.00 31.78 ? 87   LYS A CA    1 
ATOM   720  C C     . LYS A 1 106 ? 4.316   -17.784 6.162   1.00 31.40 ? 87   LYS A C     1 
ATOM   721  O O     . LYS A 1 106 ? 4.245   -18.977 5.922   1.00 32.42 ? 87   LYS A O     1 
ATOM   722  C CB    . LYS A 1 106 ? 6.164   -17.689 7.874   1.00 32.62 ? 87   LYS A CB    1 
ATOM   723  C CG    . LYS A 1 106 ? 7.682   -17.609 7.915   1.00 35.96 ? 87   LYS A CG    1 
ATOM   724  C CD    . LYS A 1 106 ? 8.267   -17.539 9.317   1.00 37.31 ? 87   LYS A CD    1 
ATOM   725  C CE    . LYS A 1 106 ? 9.757   -17.209 9.205   1.00 38.20 ? 87   LYS A CE    1 
ATOM   726  N NZ    . LYS A 1 106 ? 10.501  -17.381 10.482  1.00 36.58 ? 87   LYS A NZ    1 
ATOM   727  N N     . GLU A 1 107 ? 3.267   -16.976 6.107   1.00 28.63 ? 88   GLU A N     1 
ATOM   728  C CA    . GLU A 1 107 ? 2.095   -17.395 5.388   1.00 27.39 ? 88   GLU A CA    1 
ATOM   729  C C     . GLU A 1 107 ? 1.978   -16.651 4.059   1.00 23.54 ? 88   GLU A C     1 
ATOM   730  O O     . GLU A 1 107 ? 0.996   -16.817 3.383   1.00 20.90 ? 88   GLU A O     1 
ATOM   731  C CB    . GLU A 1 107 ? 0.810   -17.138 6.175   1.00 28.28 ? 88   GLU A CB    1 
ATOM   732  C CG    . GLU A 1 107 ? 0.511   -18.051 7.325   1.00 31.06 ? 88   GLU A CG    1 
ATOM   733  C CD    . GLU A 1 107 ? -0.389  -17.311 8.269   1.00 33.37 ? 88   GLU A CD    1 
ATOM   734  O OE1   . GLU A 1 107 ? -1.487  -16.961 7.833   1.00 37.15 ? 88   GLU A OE1   1 
ATOM   735  O OE2   . GLU A 1 107 ? 0.018   -17.013 9.409   1.00 36.83 ? 88   GLU A OE2   1 
ATOM   736  N N     . MET A 1 108 ? 2.928   -15.801 3.695   1.00 26.08 ? 89   MET A N     1 
ATOM   737  C CA    . MET A 1 108 ? 2.712   -15.004 2.475   1.00 27.88 ? 89   MET A CA    1 
ATOM   738  C C     . MET A 1 108 ? 3.473   -15.452 1.246   1.00 28.77 ? 89   MET A C     1 
ATOM   739  O O     . MET A 1 108 ? 4.651   -15.792 1.331   1.00 29.29 ? 89   MET A O     1 
ATOM   740  C CB    . MET A 1 108 ? 2.881   -13.508 2.738   1.00 27.78 ? 89   MET A CB    1 
ATOM   741  C CG    . MET A 1 108 ? 1.802   -12.959 3.653   1.00 25.80 ? 89   MET A CG    1 
ATOM   742  S SD    . MET A 1 108 ? 2.110   -11.259 4.154   1.00 24.99 ? 89   MET A SD    1 
ATOM   743  C CE    . MET A 1 108 ? 2.062   -10.403 2.571   1.00 24.25 ? 89   MET A CE    1 
ATOM   744  N N     . SER A 1 109 ? 2.773   -15.450 0.107   1.00 32.26 ? 90   SER A N     1 
ATOM   745  C CA    . SER A 1 109 ? 3.346   -15.824 -1.179  1.00 33.44 ? 90   SER A CA    1 
ATOM   746  C C     . SER A 1 109 ? 4.039   -14.628 -1.799  1.00 35.00 ? 90   SER A C     1 
ATOM   747  O O     . SER A 1 109 ? 3.652   -14.144 -2.858  1.00 36.74 ? 90   SER A O     1 
ATOM   748  C CB    . SER A 1 109 ? 2.261   -16.320 -2.130  1.00 34.54 ? 90   SER A CB    1 
ATOM   749  O OG    . SER A 1 109 ? 2.827   -16.587 -3.407  1.00 36.71 ? 90   SER A OG    1 
ATOM   750  N N     . VAL A 1 110 ? 5.066   -14.135 -1.137  1.00 34.59 ? 91   VAL A N     1 
ATOM   751  C CA    . VAL A 1 110 ? 5.662   -12.883 -1.558  1.00 34.87 ? 91   VAL A CA    1 
ATOM   752  C C     . VAL A 1 110 ? 7.174   -12.973 -1.469  1.00 33.43 ? 91   VAL A C     1 
ATOM   753  O O     . VAL A 1 110 ? 7.689   -13.567 -0.537  1.00 34.81 ? 91   VAL A O     1 
ATOM   754  C CB    . VAL A 1 110 ? 5.150   -11.695 -0.693  1.00 35.84 ? 91   VAL A CB    1 
ATOM   755  C CG1   . VAL A 1 110 ? 3.640   -11.488 -0.857  1.00 34.81 ? 91   VAL A CG1   1 
ATOM   756  C CG2   . VAL A 1 110 ? 5.507   -11.903 0.779   1.00 30.97 ? 91   VAL A CG2   1 
ATOM   757  N N     . THR A 1 111 ? 7.877   -12.366 -2.422  1.00 34.23 ? 92   THR A N     1 
ATOM   758  C CA    . THR A 1 111 ? 9.335   -12.379 -2.445  1.00 35.32 ? 92   THR A CA    1 
ATOM   759  C C     . THR A 1 111 ? 9.923   -10.983 -2.253  1.00 36.89 ? 92   THR A C     1 
ATOM   760  O O     . THR A 1 111 ? 9.785   -10.117 -3.119  1.00 37.85 ? 92   THR A O     1 
ATOM   761  C CB    . THR A 1 111 ? 9.857   -12.940 -3.791  1.00 37.55 ? 92   THR A CB    1 
ATOM   762  O OG1   . THR A 1 111 ? 9.187   -14.168 -4.084  1.00 36.63 ? 92   THR A OG1   1 
ATOM   763  C CG2   . THR A 1 111 ? 11.354  -13.196 -3.745  1.00 38.52 ? 92   THR A CG2   1 
ATOM   764  N N     . LEU A 1 112 ? 10.599  -10.775 -1.128  1.00 36.00 ? 93   LEU A N     1 
ATOM   765  C CA    . LEU A 1 112 ? 11.223  -9.496  -0.856  1.00 36.33 ? 93   LEU A CA    1 
ATOM   766  C C     . LEU A 1 112 ? 12.496  -9.430  -1.659  1.00 36.22 ? 93   LEU A C     1 
ATOM   767  O O     . LEU A 1 112 ? 13.234  -10.400 -1.699  1.00 36.67 ? 93   LEU A O     1 
ATOM   768  C CB    . LEU A 1 112 ? 11.514  -9.348  0.630   1.00 36.51 ? 93   LEU A CB    1 
ATOM   769  C CG    . LEU A 1 112 ? 10.321  -9.634  1.550   1.00 36.83 ? 93   LEU A CG    1 
ATOM   770  C CD1   . LEU A 1 112 ? 10.794  -10.180 2.882   1.00 34.68 ? 93   LEU A CD1   1 
ATOM   771  C CD2   . LEU A 1 112 ? 9.426   -8.416  1.766   1.00 34.25 ? 93   LEU A CD2   1 
ATOM   772  N N     . ILE A 1 113 ? 12.712  -8.303  -2.342  1.00 35.36 ? 94   ILE A N     1 
ATOM   773  C CA    . ILE A 1 113 ? 13.917  -8.035  -3.141  1.00 34.42 ? 94   ILE A CA    1 
ATOM   774  C C     . ILE A 1 113 ? 14.481  -6.702  -2.640  1.00 36.35 ? 94   ILE A C     1 
ATOM   775  O O     . ILE A 1 113 ? 13.749  -5.928  -2.018  1.00 36.84 ? 94   ILE A O     1 
ATOM   776  C CB    . ILE A 1 113 ? 13.616  -8.043  -4.664  1.00 31.05 ? 94   ILE A CB    1 
ATOM   777  C CG1   . ILE A 1 113 ? 12.508  -7.062  -5.064  1.00 32.01 ? 94   ILE A CG1   1 
ATOM   778  C CG2   . ILE A 1 113 ? 13.119  -9.403  -5.093  1.00 30.74 ? 94   ILE A CG2   1 
ATOM   779  C CD1   . ILE A 1 113 ? 12.172  -7.072  -6.554  1.00 28.44 ? 94   ILE A CD1   1 
ATOM   780  N N     . PRO A 1 114 ? 15.776  -6.418  -2.863  1.00 37.01 ? 95   PRO A N     1 
ATOM   781  C CA    . PRO A 1 114 ? 16.148  -5.143  -2.274  1.00 35.10 ? 95   PRO A CA    1 
ATOM   782  C C     . PRO A 1 114 ? 15.464  -4.000  -3.011  1.00 35.35 ? 95   PRO A C     1 
ATOM   783  O O     . PRO A 1 114 ? 14.868  -4.214  -4.056  1.00 34.43 ? 95   PRO A O     1 
ATOM   784  C CB    . PRO A 1 114 ? 17.668  -5.093  -2.469  1.00 37.48 ? 95   PRO A CB    1 
ATOM   785  C CG    . PRO A 1 114 ? 18.066  -6.506  -2.632  1.00 36.62 ? 95   PRO A CG    1 
ATOM   786  C CD    . PRO A 1 114 ? 16.944  -7.097  -3.438  1.00 36.83 ? 95   PRO A CD    1 
ATOM   787  N N     . SER A 1 115 ? 15.514  -2.813  -2.427  1.00 36.21 ? 96   SER A N     1 
ATOM   788  C CA    . SER A 1 115 ? 14.971  -1.617  -3.035  1.00 33.43 ? 96   SER A CA    1 
ATOM   789  C C     . SER A 1 115 ? 16.172  -0.817  -3.482  1.00 35.56 ? 96   SER A C     1 
ATOM   790  O O     . SER A 1 115 ? 17.303  -1.166  -3.143  1.00 36.19 ? 96   SER A O     1 
ATOM   791  C CB    . SER A 1 115 ? 14.145  -0.845  -2.012  1.00 30.74 ? 96   SER A CB    1 
ATOM   792  O OG    . SER A 1 115 ? 12.861  -1.424  -1.880  1.00 29.21 ? 96   SER A OG    1 
ATOM   793  N N     . LYS A 1 116 ? 15.941  0.249   -4.237  1.00 34.68 ? 97   LYS A N     1 
ATOM   794  C CA    . LYS A 1 116 ? 17.046  1.054   -4.748  1.00 34.88 ? 97   LYS A CA    1 
ATOM   795  C C     . LYS A 1 116 ? 17.562  2.139   -3.788  1.00 35.21 ? 97   LYS A C     1 
ATOM   796  O O     . LYS A 1 116 ? 18.759  2.373   -3.725  1.00 36.38 ? 97   LYS A O     1 
ATOM   797  C CB    . LYS A 1 116 ? 16.696  1.638   -6.116  1.00 36.04 ? 97   LYS A CB    1 
ATOM   798  C CG    . LYS A 1 116 ? 16.244  0.612   -7.148  1.00 35.38 ? 97   LYS A CG    1 
ATOM   799  C CD    . LYS A 1 116 ? 17.299  -0.464  -7.350  1.00 36.65 ? 97   LYS A CD    1 
ATOM   800  C CE    . LYS A 1 116 ? 17.472  -0.815  -8.818  1.00 37.46 ? 97   LYS A CE    1 
ATOM   801  N NZ    . LYS A 1 116 ? 16.310  -1.579  -9.355  1.00 41.45 ? 97   LYS A NZ    1 
ATOM   802  N N     . LYS A 1 117 ? 16.692  2.801   -3.026  1.00 33.49 ? 98   LYS A N     1 
ATOM   803  C CA    . LYS A 1 117 ? 17.172  3.882   -2.160  1.00 31.71 ? 98   LYS A CA    1 
ATOM   804  C C     . LYS A 1 117 ? 16.741  3.806   -0.710  1.00 32.49 ? 98   LYS A C     1 
ATOM   805  O O     . LYS A 1 117 ? 17.201  4.605   0.097   1.00 38.32 ? 98   LYS A O     1 
ATOM   806  C CB    . LYS A 1 117 ? 16.787  5.251   -2.724  1.00 32.53 ? 98   LYS A CB    1 
ATOM   807  C CG    . LYS A 1 117 ? 17.714  5.761   -3.804  1.00 31.53 ? 98   LYS A CG    1 
ATOM   808  C CD    . LYS A 1 117 ? 18.756  6.730   -3.267  1.00 32.16 ? 98   LYS A CD    1 
ATOM   809  C CE    . LYS A 1 117 ? 20.122  6.375   -3.849  1.00 33.10 ? 98   LYS A CE    1 
ATOM   810  N NZ    . LYS A 1 117 ? 20.051  5.720   -5.205  1.00 33.00 ? 98   LYS A NZ    1 
ATOM   811  N N     . VAL A 1 118 ? 15.841  2.890   -0.378  1.00 28.70 ? 99   VAL A N     1 
ATOM   812  C CA    . VAL A 1 118 ? 15.454  2.701   1.009   1.00 27.19 ? 99   VAL A CA    1 
ATOM   813  C C     . VAL A 1 118 ? 15.985  1.347   1.461   1.00 26.85 ? 99   VAL A C     1 
ATOM   814  O O     . VAL A 1 118 ? 16.317  0.509   0.634   1.00 23.90 ? 99   VAL A O     1 
ATOM   815  C CB    . VAL A 1 118 ? 13.910  2.847   1.248   1.00 25.46 ? 99   VAL A CB    1 
ATOM   816  C CG1   . VAL A 1 118 ? 13.420  4.213   0.807   1.00 23.93 ? 99   VAL A CG1   1 
ATOM   817  C CG2   . VAL A 1 118 ? 13.103  1.765   0.549   1.00 23.99 ? 99   VAL A CG2   1 
ATOM   818  N N     . LYS A 1 119 ? 16.044  1.121   2.766   1.00 29.59 ? 100  LYS A N     1 
ATOM   819  C CA    . LYS A 1 119 ? 16.486  -0.181  3.247   1.00 30.06 ? 100  LYS A CA    1 
ATOM   820  C C     . LYS A 1 119 ? 15.346  -1.158  3.302   1.00 28.09 ? 100  LYS A C     1 
ATOM   821  O O     . LYS A 1 119 ? 15.538  -2.363  3.125   1.00 29.59 ? 100  LYS A O     1 
ATOM   822  C CB    . LYS A 1 119 ? 17.202  -0.060  4.574   1.00 31.98 ? 100  LYS A CB    1 
ATOM   823  C CG    . LYS A 1 119 ? 18.516  0.671   4.424   1.00 34.92 ? 100  LYS A CG    1 
ATOM   824  C CD    . LYS A 1 119 ? 18.671  1.705   5.523   1.00 38.49 ? 100  LYS A CD    1 
ATOM   825  C CE    . LYS A 1 119 ? 20.042  2.353   5.442   1.00 40.08 ? 100  LYS A CE    1 
ATOM   826  N NZ    . LYS A 1 119 ? 20.519  2.670   6.808   1.00 39.28 ? 100  LYS A NZ    1 
ATOM   827  N N     . VAL A 1 120 ? 14.142  -0.639  3.521   1.00 27.19 ? 101  VAL A N     1 
ATOM   828  C CA    . VAL A 1 120 ? 12.930  -1.436  3.399   1.00 23.15 ? 101  VAL A CA    1 
ATOM   829  C C     . VAL A 1 120 ? 12.944  -2.204  2.064   1.00 23.79 ? 101  VAL A C     1 
ATOM   830  O O     . VAL A 1 120 ? 13.237  -1.620  1.011   1.00 22.99 ? 101  VAL A O     1 
ATOM   831  C CB    . VAL A 1 120 ? 11.686  -0.527  3.497   1.00 22.96 ? 101  VAL A CB    1 
ATOM   832  C CG1   . VAL A 1 120 ? 10.414  -1.341  3.451   1.00 21.97 ? 101  VAL A CG1   1 
ATOM   833  C CG2   . VAL A 1 120 ? 11.713  0.322   4.754   1.00 20.55 ? 101  VAL A CG2   1 
ATOM   834  N N     . PRO A 1 121 ? 12.641  -3.520  2.087   1.00 25.20 ? 102  PRO A N     1 
ATOM   835  C CA    . PRO A 1 121 ? 12.579  -4.265  0.805   1.00 26.47 ? 102  PRO A CA    1 
ATOM   836  C C     . PRO A 1 121 ? 11.319  -4.001  -0.053  1.00 25.22 ? 102  PRO A C     1 
ATOM   837  O O     . PRO A 1 121 ? 10.368  -3.387  0.413   1.00 25.04 ? 102  PRO A O     1 
ATOM   838  C CB    . PRO A 1 121 ? 12.567  -5.719  1.256   1.00 25.00 ? 102  PRO A CB    1 
ATOM   839  C CG    . PRO A 1 121 ? 11.842  -5.656  2.566   1.00 26.10 ? 102  PRO A CG    1 
ATOM   840  C CD    . PRO A 1 121 ? 12.404  -4.422  3.231   1.00 26.37 ? 102  PRO A CD    1 
ATOM   841  N N     . SER A 1 122 ? 11.348  -4.476  -1.298  1.00 24.54 ? 103  SER A N     1 
ATOM   842  C CA    . SER A 1 122 ? 10.239  -4.387  -2.224  1.00 24.26 ? 103  SER A CA    1 
ATOM   843  C C     . SER A 1 122 ? 9.579   -5.769  -2.410  1.00 24.14 ? 103  SER A C     1 
ATOM   844  O O     . SER A 1 122 ? 10.152  -6.793  -2.047  1.00 24.50 ? 103  SER A O     1 
ATOM   845  C CB    . SER A 1 122 ? 10.754  -3.830  -3.567  1.00 25.03 ? 103  SER A CB    1 
ATOM   846  O OG    . SER A 1 122 ? 10.932  -2.409  -3.547  1.00 24.41 ? 103  SER A OG    1 
ATOM   847  N N     . ILE A 1 123 ? 8.367   -5.811  -2.952  1.00 25.24 ? 104  ILE A N     1 
ATOM   848  C CA    . ILE A 1 123 ? 7.702   -7.088  -3.205  1.00 24.33 ? 104  ILE A CA    1 
ATOM   849  C C     . ILE A 1 123 ? 7.754   -7.322  -4.713  1.00 26.01 ? 104  ILE A C     1 
ATOM   850  O O     . ILE A 1 123 ? 7.210   -6.536  -5.466  1.00 24.75 ? 104  ILE A O     1 
ATOM   851  C CB    . ILE A 1 123 ? 6.242   -7.097  -2.673  1.00 24.97 ? 104  ILE A CB    1 
ATOM   852  C CG1   . ILE A 1 123 ? 6.196   -6.936  -1.139  1.00 23.98 ? 104  ILE A CG1   1 
ATOM   853  C CG2   . ILE A 1 123 ? 5.510   -8.372  -3.072  1.00 23.03 ? 104  ILE A CG2   1 
ATOM   854  C CD1   . ILE A 1 123 ? 4.826   -6.511  -0.632  1.00 22.86 ? 104  ILE A CD1   1 
ATOM   855  N N     . GLU A 1 124 ? 8.429   -8.387  -5.149  1.00 28.24 ? 105  GLU A N     1 
ATOM   856  C CA    . GLU A 1 124 ? 8.643   -8.662  -6.594  1.00 29.29 ? 105  GLU A CA    1 
ATOM   857  C C     . GLU A 1 124 ? 7.368   -8.933  -7.393  1.00 28.80 ? 105  GLU A C     1 
ATOM   858  O O     . GLU A 1 124 ? 7.285   -8.618  -8.583  1.00 28.93 ? 105  GLU A O     1 
ATOM   859  C CB    . GLU A 1 124 ? 9.609   -9.838  -6.729  1.00 35.58 ? 105  GLU A CB    1 
ATOM   860  C CG    . GLU A 1 124 ? 9.878   -10.380 -8.125  1.00 37.77 ? 105  GLU A CG    1 
ATOM   861  C CD    . GLU A 1 124 ? 10.699  -11.644 -8.017  1.00 41.90 ? 105  GLU A CD    1 
ATOM   862  O OE1   . GLU A 1 124 ? 11.924  -11.539 -7.755  1.00 44.77 ? 105  GLU A OE1   1 
ATOM   863  O OE2   . GLU A 1 124 ? 10.098  -12.740 -8.115  1.00 40.90 ? 105  GLU A OE2   1 
ATOM   864  N N     . GLU A 1 125 ? 6.373   -9.516  -6.740  1.00 26.55 ? 106  GLU A N     1 
ATOM   865  C CA    . GLU A 1 125 ? 5.120   -9.827  -7.412  1.00 26.49 ? 106  GLU A CA    1 
ATOM   866  C C     . GLU A 1 125 ? 4.295   -8.552  -7.537  1.00 26.07 ? 106  GLU A C     1 
ATOM   867  O O     . GLU A 1 125 ? 3.276   -8.538  -8.228  1.00 23.35 ? 106  GLU A O     1 
ATOM   868  C CB    . GLU A 1 125 ? 4.301   -10.866 -6.616  1.00 27.60 ? 106  GLU A CB    1 
ATOM   869  C CG    . GLU A 1 125 ? 4.921   -12.262 -6.482  1.00 30.59 ? 106  GLU A CG    1 
ATOM   870  C CD    . GLU A 1 125 ? 6.015   -12.340 -5.421  1.00 31.23 ? 106  GLU A CD    1 
ATOM   871  O OE1   . GLU A 1 125 ? 6.106   -11.409 -4.590  1.00 35.14 ? 106  GLU A OE1   1 
ATOM   872  O OE2   . GLU A 1 125 ? 6.789   -13.326 -5.412  1.00 32.06 ? 106  GLU A OE2   1 
ATOM   873  N N     . ALA A 1 126 ? 4.715   -7.492  -6.838  1.00 24.84 ? 107  ALA A N     1 
ATOM   874  C CA    . ALA A 1 126 ? 3.945   -6.242  -6.824  1.00 23.57 ? 107  ALA A CA    1 
ATOM   875  C C     . ALA A 1 126 ? 3.913   -5.646  -8.222  1.00 22.27 ? 107  ALA A C     1 
ATOM   876  O O     . ALA A 1 126 ? 4.873   -5.750  -8.954  1.00 22.76 ? 107  ALA A O     1 
ATOM   877  C CB    . ALA A 1 126 ? 4.537   -5.251  -5.824  1.00 21.85 ? 107  ALA A CB    1 
ATOM   878  N N     . LEU A 1 127 ? 2.797   -5.040  -8.606  1.00 22.99 ? 108  LEU A N     1 
ATOM   879  C CA    . LEU A 1 127 ? 2.744   -4.290  -9.882  1.00 21.56 ? 108  LEU A CA    1 
ATOM   880  C C     . LEU A 1 127 ? 3.719   -3.096  -9.886  1.00 21.42 ? 108  LEU A C     1 
ATOM   881  O O     . LEU A 1 127 ? 4.161   -2.626  -10.937 1.00 21.55 ? 108  LEU A O     1 
ATOM   882  C CB    . LEU A 1 127 ? 1.311   -3.829  -10.200 1.00 22.13 ? 108  LEU A CB    1 
ATOM   883  C CG    . LEU A 1 127 ? 0.171   -4.869  -10.101 1.00 22.14 ? 108  LEU A CG    1 
ATOM   884  C CD1   . LEU A 1 127 ? -1.207  -4.262  -10.325 1.00 21.73 ? 108  LEU A CD1   1 
ATOM   885  C CD2   . LEU A 1 127 ? 0.398   -6.031  -11.047 1.00 20.84 ? 108  LEU A CD2   1 
ATOM   886  N N     . ALA A 1 128 ? 4.085   -2.645  -8.694  1.00 21.14 ? 109  ALA A N     1 
ATOM   887  C CA    . ALA A 1 128 ? 4.836   -1.428  -8.503  1.00 20.20 ? 109  ALA A CA    1 
ATOM   888  C C     . ALA A 1 128 ? 5.200   -1.423  -7.039  1.00 20.95 ? 109  ALA A C     1 
ATOM   889  O O     . ALA A 1 128 ? 4.432   -1.920  -6.210  1.00 23.92 ? 109  ALA A O     1 
ATOM   890  C CB    . ALA A 1 128 ? 3.976   -0.213  -8.838  1.00 19.04 ? 109  ALA A CB    1 
ATOM   891  N N     . ASN A 1 129 ? 6.380   -0.898  -6.749  1.00 22.38 ? 110  ASN A N     1 
ATOM   892  C CA    . ASN A 1 129 ? 6.844   -0.627  -5.395  1.00 23.26 ? 110  ASN A CA    1 
ATOM   893  C C     . ASN A 1 129 ? 7.297   0.817   -5.355  1.00 22.07 ? 110  ASN A C     1 
ATOM   894  O O     . ASN A 1 129 ? 8.042   1.253   -6.223  1.00 21.34 ? 110  ASN A O     1 
ATOM   895  C CB    . ASN A 1 129 ? 8.013   -1.532  -5.033  1.00 23.30 ? 110  ASN A CB    1 
ATOM   896  C CG    . ASN A 1 129 ? 7.588   -2.967  -4.872  1.00 25.18 ? 110  ASN A CG    1 
ATOM   897  O OD1   . ASN A 1 129 ? 7.072   -3.378  -3.817  1.00 26.47 ? 110  ASN A OD1   1 
ATOM   898  N ND2   . ASN A 1 129 ? 7.781   -3.741  -5.921  1.00 26.91 ? 110  ASN A ND2   1 
ATOM   899  N N     . ILE A 1 130 ? 6.845   1.573   -4.355  1.00 20.32 ? 111  ILE A N     1 
ATOM   900  C CA    . ILE A 1 130 ? 7.141   3.012   -4.314  1.00 18.14 ? 111  ILE A CA    1 
ATOM   901  C C     . ILE A 1 130 ? 7.928   3.307   -3.042  1.00 18.94 ? 111  ILE A C     1 
ATOM   902  O O     . ILE A 1 130 ? 7.390   3.182   -1.954  1.00 17.93 ? 111  ILE A O     1 
ATOM   903  C CB    . ILE A 1 130 ? 5.844   3.826   -4.455  1.00 18.14 ? 111  ILE A CB    1 
ATOM   904  C CG1   . ILE A 1 130 ? 5.103   3.328   -5.702  1.00 18.57 ? 111  ILE A CG1   1 
ATOM   905  C CG2   . ILE A 1 130 ? 6.126   5.319   -4.591  1.00 17.27 ? 111  ILE A CG2   1 
ATOM   906  C CD1   . ILE A 1 130 ? 3.600   3.465   -5.666  1.00 17.47 ? 111  ILE A CD1   1 
ATOM   907  N N     . GLU A 1 131 ? 9.218   3.639   -3.200  1.00 18.77 ? 112  GLU A N     1 
ATOM   908  C CA    . GLU A 1 131 ? 10.189  3.675   -2.071  1.00 20.45 ? 112  GLU A CA    1 
ATOM   909  C C     . GLU A 1 131 ? 10.206  5.064   -1.451  1.00 20.65 ? 112  GLU A C     1 
ATOM   910  O O     . GLU A 1 131 ? 10.528  6.039   -2.142  1.00 20.67 ? 112  GLU A O     1 
ATOM   911  C CB    . GLU A 1 131 ? 11.621  3.281   -2.517  1.00 20.96 ? 112  GLU A CB    1 
ATOM   912  C CG    . GLU A 1 131 ? 11.696  2.165   -3.577  1.00 23.22 ? 112  GLU A CG    1 
ATOM   913  C CD    . GLU A 1 131 ? 13.128  1.772   -3.957  1.00 23.95 ? 112  GLU A CD    1 
ATOM   914  O OE1   . GLU A 1 131 ? 14.085  2.331   -3.377  1.00 22.58 ? 112  GLU A OE1   1 
ATOM   915  O OE2   . GLU A 1 131 ? 13.299  0.893   -4.843  1.00 24.89 ? 112  GLU A OE2   1 
ATOM   916  N N     . CYS A 1 132 ? 9.870   5.150   -0.157  1.00 21.36 ? 113  CYS A N     1 
ATOM   917  C CA    . CYS A 1 132 ? 9.566   6.441   0.479   1.00 21.18 ? 113  CYS A CA    1 
ATOM   918  C C     . CYS A 1 132 ? 10.423  6.736   1.715   1.00 22.89 ? 113  CYS A C     1 
ATOM   919  O O     . CYS A 1 132 ? 10.604  5.871   2.572   1.00 23.01 ? 113  CYS A O     1 
ATOM   920  C CB    . CYS A 1 132 ? 8.082   6.484   0.874   1.00 20.36 ? 113  CYS A CB    1 
ATOM   921  S SG    . CYS A 1 132 ? 6.875   6.186   -0.454  1.00 20.32 ? 113  CYS A SG    1 
ATOM   922  N N     . ARG A 1 133 ? 10.932  7.966   1.795   1.00 24.67 ? 114  ARG A N     1 
ATOM   923  C CA    . ARG A 1 133 ? 11.593  8.504   2.987   1.00 25.87 ? 114  ARG A CA    1 
ATOM   924  C C     . ARG A 1 133 ? 10.606  9.436   3.678   1.00 25.76 ? 114  ARG A C     1 
ATOM   925  O O     . ARG A 1 133 ? 10.097  10.381  3.054   1.00 27.27 ? 114  ARG A O     1 
ATOM   926  C CB    . ARG A 1 133 ? 12.861  9.267   2.573   1.00 31.89 ? 114  ARG A CB    1 
ATOM   927  C CG    . ARG A 1 133 ? 13.650  10.034  3.637   1.00 34.32 ? 114  ARG A CG    1 
ATOM   928  C CD    . ARG A 1 133 ? 14.796  10.799  2.957   1.00 38.20 ? 114  ARG A CD    1 
ATOM   929  N NE    . ARG A 1 133 ? 15.880  9.894   2.535   1.00 43.98 ? 114  ARG A NE    1 
ATOM   930  C CZ    . ARG A 1 133 ? 16.633  10.010  1.430   1.00 46.58 ? 114  ARG A CZ    1 
ATOM   931  N NH1   . ARG A 1 133 ? 16.456  11.001  0.545   1.00 40.14 ? 114  ARG A NH1   1 
ATOM   932  N NH2   . ARG A 1 133 ? 17.580  9.105   1.199   1.00 47.01 ? 114  ARG A NH2   1 
ATOM   933  N N     . VAL A 1 134 ? 10.345  9.174   4.954   1.00 23.06 ? 115  VAL A N     1 
ATOM   934  C CA    . VAL A 1 134 ? 9.383   9.930   5.742   1.00 23.01 ? 115  VAL A CA    1 
ATOM   935  C C     . VAL A 1 134 ? 9.858   11.338  5.999   1.00 23.58 ? 115  VAL A C     1 
ATOM   936  O O     . VAL A 1 134 ? 10.973  11.537  6.421   1.00 26.20 ? 115  VAL A O     1 
ATOM   937  C CB    . VAL A 1 134 ? 9.072   9.208   7.068   1.00 23.41 ? 115  VAL A CB    1 
ATOM   938  C CG1   . VAL A 1 134 ? 8.421   10.125  8.096   1.00 22.37 ? 115  VAL A CG1   1 
ATOM   939  C CG2   . VAL A 1 134 ? 8.157   8.042   6.777   1.00 23.78 ? 115  VAL A CG2   1 
ATOM   940  N N     . ILE A 1 135 ? 9.000   12.313  5.722   1.00 22.89 ? 116  ILE A N     1 
ATOM   941  C CA    . ILE A 1 135 ? 9.342   13.710  5.890   1.00 21.24 ? 116  ILE A CA    1 
ATOM   942  C C     . ILE A 1 135 ? 8.411   14.420  6.837   1.00 21.75 ? 116  ILE A C     1 
ATOM   943  O O     . ILE A 1 135 ? 8.705   15.537  7.261   1.00 21.83 ? 116  ILE A O     1 
ATOM   944  C CB    . ILE A 1 135 ? 9.408   14.463  4.543   1.00 19.96 ? 116  ILE A CB    1 
ATOM   945  C CG1   . ILE A 1 135 ? 8.098   14.299  3.763   1.00 19.65 ? 116  ILE A CG1   1 
ATOM   946  C CG2   . ILE A 1 135 ? 10.585  13.943  3.715   1.00 18.68 ? 116  ILE A CG2   1 
ATOM   947  C CD1   . ILE A 1 135 ? 8.079   15.015  2.406   1.00 19.44 ? 116  ILE A CD1   1 
ATOM   948  N N     . ASP A 1 136 ? 7.296   13.778  7.176   1.00 22.64 ? 117  ASP A N     1 
ATOM   949  C CA    . ASP A 1 136 ? 6.364   14.314  8.171   1.00 22.68 ? 117  ASP A CA    1 
ATOM   950  C C     . ASP A 1 136 ? 5.538   13.207  8.787   1.00 25.83 ? 117  ASP A C     1 
ATOM   951  O O     . ASP A 1 136 ? 5.377   12.131  8.200   1.00 28.88 ? 117  ASP A O     1 
ATOM   952  C CB    . ASP A 1 136 ? 5.433   15.351  7.526   1.00 23.14 ? 117  ASP A CB    1 
ATOM   953  C CG    . ASP A 1 136 ? 4.931   16.393  8.525   1.00 21.75 ? 117  ASP A CG    1 
ATOM   954  O OD1   . ASP A 1 136 ? 5.388   16.364  9.675   1.00 19.96 ? 117  ASP A OD1   1 
ATOM   955  O OD2   . ASP A 1 136 ? 4.111   17.260  8.157   1.00 19.80 ? 117  ASP A OD2   1 
ATOM   956  N N     . ALA A 1 137 ? 4.991   13.471  9.964   1.00 24.93 ? 118  ALA A N     1 
ATOM   957  C CA    . ALA A 1 137 ? 4.139   12.527  10.624  1.00 25.79 ? 118  ALA A CA    1 
ATOM   958  C C     . ALA A 1 137 ? 3.198   13.382  11.429  1.00 26.09 ? 118  ALA A C     1 
ATOM   959  O O     . ALA A 1 137 ? 3.596   13.963  12.417  1.00 27.11 ? 118  ALA A O     1 
ATOM   960  C CB    . ALA A 1 137 ? 4.944   11.610  11.546  1.00 24.72 ? 118  ALA A CB    1 
ATOM   961  N N     . ARG A 1 138 ? 1.948   13.466  11.016  1.00 25.40 ? 119  ARG A N     1 
ATOM   962  C CA    . ARG A 1 138 ? 0.993   14.235  11.778  1.00 24.60 ? 119  ARG A CA    1 
ATOM   963  C C     . ARG A 1 138 ? -0.050  13.297  12.274  1.00 24.10 ? 119  ARG A C     1 
ATOM   964  O O     . ARG A 1 138 ? -0.315  12.260  11.656  1.00 25.91 ? 119  ARG A O     1 
ATOM   965  C CB    . ARG A 1 138 ? 0.371   15.333  10.932  1.00 25.12 ? 119  ARG A CB    1 
ATOM   966  C CG    . ARG A 1 138 ? 1.284   16.530  10.803  1.00 29.72 ? 119  ARG A CG    1 
ATOM   967  C CD    . ARG A 1 138 ? 1.158   17.465  12.001  1.00 31.28 ? 119  ARG A CD    1 
ATOM   968  N NE    . ARG A 1 138 ? 2.200   18.484  12.011  1.00 34.07 ? 119  ARG A NE    1 
ATOM   969  C CZ    . ARG A 1 138 ? 2.992   18.755  10.978  1.00 42.03 ? 119  ARG A CZ    1 
ATOM   970  N NH1   . ARG A 1 138 ? 2.848   18.095  9.841   1.00 42.52 ? 119  ARG A NH1   1 
ATOM   971  N NH2   . ARG A 1 138 ? 3.938   19.683  11.071  1.00 37.46 ? 119  ARG A NH2   1 
ATOM   972  N N     . SER A 1 139 ? -0.640  13.682  13.391  1.00 21.89 ? 120  SER A N     1 
ATOM   973  C CA    . SER A 1 139 ? -1.654  12.931  14.047  1.00 20.43 ? 120  SER A CA    1 
ATOM   974  C C     . SER A 1 139 ? -2.996  13.554  13.761  1.00 21.00 ? 120  SER A C     1 
ATOM   975  O O     . SER A 1 139 ? -3.199  14.723  14.064  1.00 21.04 ? 120  SER A O     1 
ATOM   976  C CB    . SER A 1 139 ? -1.415  13.027  15.536  1.00 19.23 ? 120  SER A CB    1 
ATOM   977  O OG    . SER A 1 139 ? -1.576  11.767  16.096  1.00 19.06 ? 120  SER A OG    1 
ATOM   978  N N     . TYR A 1 140 ? -3.918  12.797  13.171  1.00 19.66 ? 121  TYR A N     1 
ATOM   979  C CA    . TYR A 1 140 ? -5.284  13.280  13.008  1.00 19.97 ? 121  TYR A CA    1 
ATOM   980  C C     . TYR A 1 140 ? -6.265  12.193  13.442  1.00 20.42 ? 121  TYR A C     1 
ATOM   981  O O     . TYR A 1 140 ? -6.373  11.151  12.784  1.00 19.12 ? 121  TYR A O     1 
ATOM   982  C CB    . TYR A 1 140 ? -5.590  13.732  11.571  1.00 20.42 ? 121  TYR A CB    1 
ATOM   983  C CG    . TYR A 1 140 ? -4.597  14.703  10.952  1.00 20.89 ? 121  TYR A CG    1 
ATOM   984  C CD1   . TYR A 1 140 ? -4.575  16.064  11.312  1.00 18.92 ? 121  TYR A CD1   1 
ATOM   985  C CD2   . TYR A 1 140 ? -3.717  14.272  9.982   1.00 18.50 ? 121  TYR A CD2   1 
ATOM   986  C CE1   . TYR A 1 140 ? -3.673  16.940  10.721  1.00 18.71 ? 121  TYR A CE1   1 
ATOM   987  C CE2   . TYR A 1 140 ? -2.821  15.148  9.404   1.00 18.77 ? 121  TYR A CE2   1 
ATOM   988  C CZ    . TYR A 1 140 ? -2.801  16.478  9.777   1.00 17.43 ? 121  TYR A CZ    1 
ATOM   989  O OH    . TYR A 1 140 ? -1.889  17.318  9.170   1.00 16.38 ? 121  TYR A OH    1 
ATOM   990  N N     . GLY A 1 141 ? -6.941  12.419  14.571  1.00 18.48 ? 122  GLY A N     1 
ATOM   991  C CA    . GLY A 1 141 ? -7.844  11.408  15.103  1.00 18.30 ? 122  GLY A CA    1 
ATOM   992  C C     . GLY A 1 141 ? -7.056  10.179  15.508  1.00 18.09 ? 122  GLY A C     1 
ATOM   993  O O     . GLY A 1 141 ? -5.994  10.307  16.057  1.00 19.10 ? 122  GLY A O     1 
ATOM   994  N N     . ASP A 1 142 ? -7.563  8.993   15.190  1.00 18.37 ? 123  ASP A N     1 
ATOM   995  C CA    . ASP A 1 142 ? -6.965  7.722   15.597  1.00 17.03 ? 123  ASP A CA    1 
ATOM   996  C C     . ASP A 1 142 ? -5.885  7.150   14.638  1.00 16.76 ? 123  ASP A C     1 
ATOM   997  O O     . ASP A 1 142 ? -5.552  5.962   14.728  1.00 15.13 ? 123  ASP A O     1 
ATOM   998  C CB    . ASP A 1 142 ? -8.076  6.684   15.793  1.00 18.24 ? 123  ASP A CB    1 
ATOM   999  C CG    . ASP A 1 142 ? -9.036  6.591   14.575  1.00 19.45 ? 123  ASP A CG    1 
ATOM   1000 O OD1   . ASP A 1 142 ? -8.650  6.892   13.414  1.00 18.81 ? 123  ASP A OD1   1 
ATOM   1001 O OD2   . ASP A 1 142 ? -10.199 6.202   14.778  1.00 20.85 ? 123  ASP A OD2   1 
ATOM   1002 N N     . HIS A 1 143 ? -5.319  7.978   13.754  1.00 15.71 ? 124  HIS A N     1 
ATOM   1003 C CA    . HIS A 1 143 ? -4.277  7.517   12.818  1.00 14.62 ? 124  HIS A CA    1 
ATOM   1004 C C     . HIS A 1 143 ? -3.123  8.520   12.729  1.00 15.35 ? 124  HIS A C     1 
ATOM   1005 O O     . HIS A 1 143 ? -3.310  9.720   12.899  1.00 15.59 ? 124  HIS A O     1 
ATOM   1006 C CB    . HIS A 1 143 ? -4.855  7.349   11.413  1.00 14.21 ? 124  HIS A CB    1 
ATOM   1007 C CG    . HIS A 1 143 ? -5.598  6.065   11.183  1.00 12.61 ? 124  HIS A CG    1 
ATOM   1008 N ND1   . HIS A 1 143 ? -6.801  5.776   11.790  1.00 12.43 ? 124  HIS A ND1   1 
ATOM   1009 C CD2   . HIS A 1 143 ? -5.324  5.012   10.375  1.00 11.45 ? 124  HIS A CD2   1 
ATOM   1010 C CE1   . HIS A 1 143 ? -7.219  4.583   11.394  1.00 11.65 ? 124  HIS A CE1   1 
ATOM   1011 N NE2   . HIS A 1 143 ? -6.343  4.102   10.526  1.00 11.51 ? 124  HIS A NE2   1 
ATOM   1012 N N     . THR A 1 144 ? -1.933  8.042   12.407  1.00 15.27 ? 125  THR A N     1 
ATOM   1013 C CA    . THR A 1 144 ? -0.864  8.949   12.031  1.00 15.90 ? 125  THR A CA    1 
ATOM   1014 C C     . THR A 1 144 ? -0.829  8.983   10.517  1.00 16.39 ? 125  THR A C     1 
ATOM   1015 O O     . THR A 1 144 ? -0.937  7.918   9.867   1.00 17.62 ? 125  THR A O     1 
ATOM   1016 C CB    . THR A 1 144 ? 0.513   8.470   12.550  1.00 15.28 ? 125  THR A CB    1 
ATOM   1017 O OG1   . THR A 1 144 ? 0.446   8.278   13.963  1.00 16.24 ? 125  THR A OG1   1 
ATOM   1018 C CG2   . THR A 1 144 ? 1.557   9.472   12.260  1.00 15.45 ? 125  THR A CG2   1 
ATOM   1019 N N     . PHE A 1 145 ? -0.725  10.193  9.964   1.00 15.80 ? 126  PHE A N     1 
ATOM   1020 C CA    . PHE A 1 145 ? -0.534  10.393  8.528   1.00 15.02 ? 126  PHE A CA    1 
ATOM   1021 C C     . PHE A 1 145 ? 0.938   10.538  8.275   1.00 14.80 ? 126  PHE A C     1 
ATOM   1022 O O     . PHE A 1 145 ? 1.530   11.491  8.665   1.00 14.83 ? 126  PHE A O     1 
ATOM   1023 C CB    . PHE A 1 145 ? -1.298  11.637  8.035   1.00 16.49 ? 126  PHE A CB    1 
ATOM   1024 C CG    . PHE A 1 145 ? -1.500  11.672  6.548   1.00 17.49 ? 126  PHE A CG    1 
ATOM   1025 C CD1   . PHE A 1 145 ? -2.200  10.650  5.902   1.00 17.94 ? 126  PHE A CD1   1 
ATOM   1026 C CD2   . PHE A 1 145 ? -0.940  12.692  5.781   1.00 18.25 ? 126  PHE A CD2   1 
ATOM   1027 C CE1   . PHE A 1 145 ? -2.355  10.654  4.509   1.00 17.99 ? 126  PHE A CE1   1 
ATOM   1028 C CE2   . PHE A 1 145 ? -1.074  12.692  4.386   1.00 18.46 ? 126  PHE A CE2   1 
ATOM   1029 C CZ    . PHE A 1 145 ? -1.788  11.673  3.753   1.00 18.52 ? 126  PHE A CZ    1 
ATOM   1030 N N     . PHE A 1 146 ? 1.522   9.534   7.643   1.00 16.51 ? 127  PHE A N     1 
ATOM   1031 C CA    . PHE A 1 146 ? 2.922   9.460   7.366   1.00 15.79 ? 127  PHE A CA    1 
ATOM   1032 C C     . PHE A 1 146 ? 3.133   9.944   5.949   1.00 16.43 ? 127  PHE A C     1 
ATOM   1033 O O     . PHE A 1 146 ? 2.635   9.336   4.980   1.00 17.25 ? 127  PHE A O     1 
ATOM   1034 C CB    . PHE A 1 146 ? 3.354   8.012   7.423   1.00 15.93 ? 127  PHE A CB    1 
ATOM   1035 C CG    . PHE A 1 146 ? 3.604   7.488   8.811   1.00 15.42 ? 127  PHE A CG    1 
ATOM   1036 C CD1   . PHE A 1 146 ? 4.630   8.009   9.603   1.00 14.13 ? 127  PHE A CD1   1 
ATOM   1037 C CD2   . PHE A 1 146 ? 2.864   6.411   9.291   1.00 15.09 ? 127  PHE A CD2   1 
ATOM   1038 C CE1   . PHE A 1 146 ? 4.884   7.469   10.850  1.00 13.95 ? 127  PHE A CE1   1 
ATOM   1039 C CE2   . PHE A 1 146 ? 3.119   5.868   10.545  1.00 14.33 ? 127  PHE A CE2   1 
ATOM   1040 C CZ    . PHE A 1 146 ? 4.128   6.410   11.316  1.00 14.34 ? 127  PHE A CZ    1 
ATOM   1041 N N     . VAL A 1 147 ? 3.855   11.042  5.836   1.00 15.44 ? 128  VAL A N     1 
ATOM   1042 C CA    . VAL A 1 147 ? 4.101   11.708  4.564   1.00 16.52 ? 128  VAL A CA    1 
ATOM   1043 C C     . VAL A 1 147 ? 5.513   11.291  4.125   1.00 16.98 ? 128  VAL A C     1 
ATOM   1044 O O     . VAL A 1 147 ? 6.478   11.456  4.895   1.00 18.17 ? 128  VAL A O     1 
ATOM   1045 C CB    . VAL A 1 147 ? 3.971   13.258  4.758   1.00 16.74 ? 128  VAL A CB    1 
ATOM   1046 C CG1   . VAL A 1 147 ? 4.323   14.003  3.483   1.00 16.97 ? 128  VAL A CG1   1 
ATOM   1047 C CG2   . VAL A 1 147 ? 2.585   13.641  5.254   1.00 15.29 ? 128  VAL A CG2   1 
ATOM   1048 N N     . GLY A 1 148 ? 5.636   10.696  2.943   1.00 17.76 ? 129  GLY A N     1 
ATOM   1049 C CA    . GLY A 1 148 ? 6.939   10.267  2.450   1.00 19.09 ? 129  GLY A CA    1 
ATOM   1050 C C     . GLY A 1 148 ? 7.326   10.756  1.073   1.00 20.66 ? 129  GLY A C     1 
ATOM   1051 O O     . GLY A 1 148 ? 6.540   10.728  0.134   1.00 21.29 ? 129  GLY A O     1 
ATOM   1052 N N     . GLU A 1 149 ? 8.567   11.203  0.945   1.00 22.45 ? 130  GLU A N     1 
ATOM   1053 C CA    . GLU A 1 149 ? 9.084   11.641  -0.331  1.00 21.49 ? 130  GLU A CA    1 
ATOM   1054 C C     . GLU A 1 149 ? 9.436   10.385  -1.112  1.00 23.70 ? 130  GLU A C     1 
ATOM   1055 O O     . GLU A 1 149 ? 10.160  9.520   -0.615  1.00 27.55 ? 130  GLU A O     1 
ATOM   1056 C CB    . GLU A 1 149 ? 10.318  12.534  -0.088  1.00 22.19 ? 130  GLU A CB    1 
ATOM   1057 C CG    . GLU A 1 149 ? 10.839  13.325  -1.289  1.00 23.05 ? 130  GLU A CG    1 
ATOM   1058 C CD    . GLU A 1 149 ? 11.967  14.283  -0.904  0.50 22.85 ? 130  GLU A CD    1 
ATOM   1059 O OE1   . GLU A 1 149 ? 11.778  15.124  0.006   0.50 22.72 ? 130  GLU A OE1   1 
ATOM   1060 O OE2   . GLU A 1 149 ? 13.047  14.191  -1.501  0.50 22.25 ? 130  GLU A OE2   1 
ATOM   1061 N N     . VAL A 1 150 ? 8.905   10.250  -2.322  1.00 22.30 ? 131  VAL A N     1 
ATOM   1062 C CA    . VAL A 1 150 ? 9.313   9.157   -3.176  1.00 23.43 ? 131  VAL A CA    1 
ATOM   1063 C C     . VAL A 1 150 ? 10.759  9.348   -3.683  1.00 23.83 ? 131  VAL A C     1 
ATOM   1064 O O     . VAL A 1 150 ? 11.038  10.258  -4.460  1.00 22.16 ? 131  VAL A O     1 
ATOM   1065 C CB    . VAL A 1 150 ? 8.311   8.957   -4.315  1.00 23.12 ? 131  VAL A CB    1 
ATOM   1066 C CG1   . VAL A 1 150 ? 8.677   7.729   -5.112  1.00 22.32 ? 131  VAL A CG1   1 
ATOM   1067 C CG2   . VAL A 1 150 ? 6.902   8.791   -3.720  1.00 22.86 ? 131  VAL A CG2   1 
ATOM   1068 N N     . VAL A 1 151 ? 11.674  8.506   -3.207  1.00 24.36 ? 132  VAL A N     1 
ATOM   1069 C CA    . VAL A 1 151 ? 13.096  8.634   -3.577  1.00 24.82 ? 132  VAL A CA    1 
ATOM   1070 C C     . VAL A 1 151 ? 13.579  7.507   -4.514  1.00 24.47 ? 132  VAL A C     1 
ATOM   1071 O O     . VAL A 1 151 ? 14.756  7.430   -4.870  1.00 24.28 ? 132  VAL A O     1 
ATOM   1072 C CB    . VAL A 1 151 ? 14.030  8.759   -2.335  1.00 24.34 ? 132  VAL A CB    1 
ATOM   1073 C CG1   . VAL A 1 151 ? 13.618  9.907   -1.416  1.00 25.62 ? 132  VAL A CG1   1 
ATOM   1074 C CG2   . VAL A 1 151 ? 14.097  7.468   -1.556  1.00 24.54 ? 132  VAL A CG2   1 
ATOM   1075 N N     . GLY A 1 152 ? 12.665  6.642   -4.911  1.00 22.43 ? 133  GLY A N     1 
ATOM   1076 C CA    . GLY A 1 152 ? 12.961  5.587   -5.884  1.00 24.21 ? 133  GLY A CA    1 
ATOM   1077 C C     . GLY A 1 152 ? 11.701  4.804   -6.202  1.00 25.15 ? 133  GLY A C     1 
ATOM   1078 O O     . GLY A 1 152 ? 10.793  4.736   -5.357  1.00 25.51 ? 133  GLY A O     1 
ATOM   1079 N N     . TYR A 1 153 ? 11.592  4.248   -7.409  1.00 26.95 ? 134  TYR A N     1 
ATOM   1080 C CA    . TYR A 1 153 ? 10.449  3.360   -7.710  1.00 27.38 ? 134  TYR A CA    1 
ATOM   1081 C C     . TYR A 1 153 ? 10.709  2.286   -8.765  1.00 30.06 ? 134  TYR A C     1 
ATOM   1082 O O     . TYR A 1 153 ? 11.539  2.473   -9.656  1.00 28.40 ? 134  TYR A O     1 
ATOM   1083 C CB    . TYR A 1 153 ? 9.158   4.137   -8.024  1.00 27.69 ? 134  TYR A CB    1 
ATOM   1084 C CG    . TYR A 1 153 ? 9.215   5.185   -9.117  1.00 27.93 ? 134  TYR A CG    1 
ATOM   1085 C CD1   . TYR A 1 153 ? 9.162   4.833   -10.454 1.00 28.38 ? 134  TYR A CD1   1 
ATOM   1086 C CD2   . TYR A 1 153 ? 9.264   6.544   -8.799  1.00 28.80 ? 134  TYR A CD2   1 
ATOM   1087 C CE1   . TYR A 1 153 ? 9.201   5.798   -11.449 1.00 31.07 ? 134  TYR A CE1   1 
ATOM   1088 C CE2   . TYR A 1 153 ? 9.298   7.518   -9.779  1.00 27.92 ? 134  TYR A CE2   1 
ATOM   1089 C CZ    . TYR A 1 153 ? 9.262   7.144   -11.099 1.00 30.43 ? 134  TYR A CZ    1 
ATOM   1090 O OH    . TYR A 1 153 ? 9.298   8.104   -12.073 1.00 28.87 ? 134  TYR A OH    1 
ATOM   1091 N N     . THR A 1 154 ? 10.012  1.148   -8.643  1.00 28.82 ? 135  THR A N     1 
ATOM   1092 C CA    . THR A 1 154 ? 10.084  0.106   -9.651  1.00 29.38 ? 135  THR A CA    1 
ATOM   1093 C C     . THR A 1 154 ? 8.675   -0.390  -9.957  1.00 30.10 ? 135  THR A C     1 
ATOM   1094 O O     . THR A 1 154 ? 7.771   -0.231  -9.138  1.00 31.53 ? 135  THR A O     1 
ATOM   1095 C CB    . THR A 1 154 ? 10.976  -1.076  -9.223  1.00 30.01 ? 135  THR A CB    1 
ATOM   1096 O OG1   . THR A 1 154 ? 10.542  -1.586  -7.958  1.00 32.09 ? 135  THR A OG1   1 
ATOM   1097 C CG2   . THR A 1 154 ? 12.456  -0.664  -9.147  1.00 28.80 ? 135  THR A CG2   1 
ATOM   1098 N N     . TYR A 1 155 ? 8.483   -0.963  -11.138 1.00 29.26 ? 136  TYR A N     1 
ATOM   1099 C CA    . TYR A 1 155 ? 7.188   -1.531  -11.499 1.00 28.62 ? 136  TYR A CA    1 
ATOM   1100 C C     . TYR A 1 155 ? 7.291   -2.563  -12.608 1.00 30.61 ? 136  TYR A C     1 
ATOM   1101 O O     . TYR A 1 155 ? 8.322   -2.673  -13.261 1.00 32.91 ? 136  TYR A O     1 
ATOM   1102 C CB    . TYR A 1 155 ? 6.230   -0.420  -11.924 1.00 28.14 ? 136  TYR A CB    1 
ATOM   1103 C CG    . TYR A 1 155 ? 6.756   0.436   -13.039 1.00 30.15 ? 136  TYR A CG    1 
ATOM   1104 C CD1   . TYR A 1 155 ? 7.686   1.447   -12.788 1.00 30.53 ? 136  TYR A CD1   1 
ATOM   1105 C CD2   . TYR A 1 155 ? 6.340   0.238   -14.362 1.00 30.21 ? 136  TYR A CD2   1 
ATOM   1106 C CE1   . TYR A 1 155 ? 8.185   2.233   -13.818 1.00 30.23 ? 136  TYR A CE1   1 
ATOM   1107 C CE2   . TYR A 1 155 ? 6.834   1.032   -15.393 1.00 31.28 ? 136  TYR A CE2   1 
ATOM   1108 C CZ    . TYR A 1 155 ? 7.754   2.023   -15.103 1.00 29.66 ? 136  TYR A CZ    1 
ATOM   1109 O OH    . TYR A 1 155 ? 8.248   2.828   -16.084 1.00 32.41 ? 136  TYR A OH    1 
ATOM   1110 N N     . LYS A 1 156 ? 6.200   -3.287  -12.850 1.00 31.82 ? 137  LYS A N     1 
ATOM   1111 C CA    . LYS A 1 156 ? 6.124   -4.205  -13.979 1.00 30.49 ? 137  LYS A CA    1 
ATOM   1112 C C     . LYS A 1 156 ? 5.656   -3.471  -15.239 1.00 31.69 ? 137  LYS A C     1 
ATOM   1113 O O     . LYS A 1 156 ? 4.542   -2.932  -15.289 1.00 29.46 ? 137  LYS A O     1 
ATOM   1114 C CB    . LYS A 1 156 ? 5.176   -5.355  -13.663 1.00 29.71 ? 137  LYS A CB    1 
ATOM   1115 C CG    . LYS A 1 156 ? 5.678   -6.252  -12.543 1.00 29.79 ? 137  LYS A CG    1 
ATOM   1116 C CD    . LYS A 1 156 ? 4.749   -7.443  -12.368 1.00 28.69 ? 137  LYS A CD    1 
ATOM   1117 C CE    . LYS A 1 156 ? 5.280   -8.346  -11.281 1.00 28.58 ? 137  LYS A CE    1 
ATOM   1118 N NZ    . LYS A 1 156 ? 6.707   -8.683  -11.544 1.00 28.98 ? 137  LYS A NZ    1 
ATOM   1119 N N     . ASP A 1 157 ? 6.519   -3.468  -16.258 1.00 32.28 ? 138  ASP A N     1 
ATOM   1120 C CA    . ASP A 1 157 ? 6.247   -2.829  -17.561 1.00 32.22 ? 138  ASP A CA    1 
ATOM   1121 C C     . ASP A 1 157 ? 4.874   -3.088  -18.173 1.00 31.07 ? 138  ASP A C     1 
ATOM   1122 O O     . ASP A 1 157 ? 4.270   -2.143  -18.669 1.00 34.84 ? 138  ASP A O     1 
ATOM   1123 C CB    . ASP A 1 157 ? 7.338   -3.164  -18.587 1.00 33.71 ? 138  ASP A CB    1 
ATOM   1124 C CG    . ASP A 1 157 ? 8.670   -2.492  -18.278 1.00 35.24 ? 138  ASP A CG    1 
ATOM   1125 O OD1   . ASP A 1 157 ? 8.705   -1.359  -17.755 1.00 36.62 ? 138  ASP A OD1   1 
ATOM   1126 O OD2   . ASP A 1 157 ? 9.709   -3.099  -18.575 1.00 39.61 ? 138  ASP A OD2   1 
ATOM   1127 N N     . TYR A 1 158 ? 4.364   -4.325  -18.151 1.00 30.94 ? 139  TYR A N     1 
ATOM   1128 C CA    . TYR A 1 158 ? 3.035   -4.592  -18.746 1.00 31.67 ? 139  TYR A CA    1 
ATOM   1129 C C     . TYR A 1 158 ? 1.883   -3.965  -17.961 1.00 32.82 ? 139  TYR A C     1 
ATOM   1130 O O     . TYR A 1 158 ? 0.859   -3.581  -18.540 1.00 36.86 ? 139  TYR A O     1 
ATOM   1131 C CB    . TYR A 1 158 ? 2.771   -6.087  -18.889 1.00 34.84 ? 139  TYR A CB    1 
ATOM   1132 C CG    . TYR A 1 158 ? 2.419   -6.732  -17.588 1.00 34.45 ? 139  TYR A CG    1 
ATOM   1133 C CD1   . TYR A 1 158 ? 3.419   -7.256  -16.757 1.00 33.96 ? 139  TYR A CD1   1 
ATOM   1134 C CD2   . TYR A 1 158 ? 1.087   -6.821  -17.167 1.00 33.61 ? 139  TYR A CD2   1 
ATOM   1135 C CE1   . TYR A 1 158 ? 3.097   -7.847  -15.542 1.00 33.85 ? 139  TYR A CE1   1 
ATOM   1136 C CE2   . TYR A 1 158 ? 0.762   -7.412  -15.956 1.00 32.50 ? 139  TYR A CE2   1 
ATOM   1137 C CZ    . TYR A 1 158 ? 1.771   -7.924  -15.154 1.00 32.93 ? 139  TYR A CZ    1 
ATOM   1138 O OH    . TYR A 1 158 ? 1.455   -8.500  -13.940 1.00 32.59 ? 139  TYR A OH    1 
ATOM   1139 N N     . ALA A 1 159 ? 2.039   -3.892  -16.641 1.00 28.26 ? 140  ALA A N     1 
ATOM   1140 C CA    . ALA A 1 159 ? 1.043   -3.268  -15.793 1.00 28.95 ? 140  ALA A CA    1 
ATOM   1141 C C     . ALA A 1 159 ? 0.906   -1.764  -16.076 1.00 27.78 ? 140  ALA A C     1 
ATOM   1142 O O     . ALA A 1 159 ? -0.131  -1.190  -15.777 1.00 32.14 ? 140  ALA A O     1 
ATOM   1143 C CB    . ALA A 1 159 ? 1.378   -3.512  -14.324 1.00 26.72 ? 140  ALA A CB    1 
ATOM   1144 N N     . PHE A 1 160 ? 1.943   -1.155  -16.667 1.00 28.30 ? 141  PHE A N     1 
ATOM   1145 C CA    . PHE A 1 160 ? 1.978   0.293   -17.045 1.00 28.02 ? 141  PHE A CA    1 
ATOM   1146 C C     . PHE A 1 160 ? 2.494   0.547   -18.489 1.00 31.07 ? 141  PHE A C     1 
ATOM   1147 O O     . PHE A 1 160 ? 3.135   1.562   -18.780 1.00 30.71 ? 141  PHE A O     1 
ATOM   1148 C CB    . PHE A 1 160 ? 2.820   1.069   -16.024 1.00 26.30 ? 141  PHE A CB    1 
ATOM   1149 C CG    . PHE A 1 160 ? 2.240   1.046   -14.635 1.00 24.42 ? 141  PHE A CG    1 
ATOM   1150 C CD1   . PHE A 1 160 ? 1.153   1.850   -14.315 1.00 23.41 ? 141  PHE A CD1   1 
ATOM   1151 C CD2   . PHE A 1 160 ? 2.731   0.170   -13.667 1.00 24.33 ? 141  PHE A CD2   1 
ATOM   1152 C CE1   . PHE A 1 160 ? 0.590   1.825   -13.038 1.00 21.56 ? 141  PHE A CE1   1 
ATOM   1153 C CE2   . PHE A 1 160 ? 2.169   0.145   -12.379 1.00 22.54 ? 141  PHE A CE2   1 
ATOM   1154 C CZ    . PHE A 1 160 ? 1.104   0.974   -12.077 1.00 20.52 ? 141  PHE A CZ    1 
ATOM   1155 N N     . GLU A 1 161 ? 2.162   -0.364  -19.396 1.00 34.85 ? 142  GLU A N     1 
ATOM   1156 C CA    . GLU A 1 161 ? 2.812   -0.433  -20.714 1.00 40.25 ? 142  GLU A CA    1 
ATOM   1157 C C     . GLU A 1 161 ? 2.750   0.823   -21.597 1.00 43.10 ? 142  GLU A C     1 
ATOM   1158 O O     . GLU A 1 161 ? 3.716   1.133   -22.298 1.00 48.93 ? 142  GLU A O     1 
ATOM   1159 C CB    . GLU A 1 161 ? 2.381   -1.702  -21.484 1.00 38.11 ? 142  GLU A CB    1 
ATOM   1160 C CG    . GLU A 1 161 ? 0.925   -1.771  -21.920 1.00 36.91 ? 142  GLU A CG    1 
ATOM   1161 C CD    . GLU A 1 161 ? 0.716   -2.769  -23.059 1.00 38.40 ? 142  GLU A CD    1 
ATOM   1162 O OE1   . GLU A 1 161 ? 1.534   -2.752  -24.006 1.00 34.87 ? 142  GLU A OE1   1 
ATOM   1163 O OE2   . GLU A 1 161 ? -0.262  -3.564  -23.007 1.00 36.00 ? 142  GLU A OE2   1 
ATOM   1164 N N     . LYS A 1 162 ? 1.643   1.550   -21.568 1.00 43.49 ? 143  LYS A N     1 
ATOM   1165 C CA    . LYS A 1 162 ? 1.531   2.734   -22.421 1.00 44.21 ? 143  LYS A CA    1 
ATOM   1166 C C     . LYS A 1 162 ? 1.791   4.003   -21.634 1.00 42.62 ? 143  LYS A C     1 
ATOM   1167 O O     . LYS A 1 162 ? 1.195   5.050   -21.896 1.00 41.35 ? 143  LYS A O     1 
ATOM   1168 C CB    . LYS A 1 162 ? 0.155   2.783   -23.087 1.00 46.15 ? 143  LYS A CB    1 
ATOM   1169 C CG    . LYS A 1 162 ? -0.092  1.634   -24.041 1.00 44.75 ? 143  LYS A CG    1 
ATOM   1170 C CD    . LYS A 1 162 ? -1.265  1.946   -24.930 1.00 45.41 ? 143  LYS A CD    1 
ATOM   1171 C CE    . LYS A 1 162 ? -1.965  0.662   -25.310 1.00 47.14 ? 143  LYS A CE    1 
ATOM   1172 N NZ    . LYS A 1 162 ? -3.443  0.858   -25.244 1.00 47.06 ? 143  LYS A NZ    1 
ATOM   1173 N N     . GLY A 1 163 ? 2.692   3.902   -20.662 1.00 40.82 ? 144  GLY A N     1 
ATOM   1174 C CA    . GLY A 1 163 ? 2.875   4.965   -19.686 1.00 37.64 ? 144  GLY A CA    1 
ATOM   1175 C C     . GLY A 1 163 ? 1.609   5.269   -18.899 1.00 33.58 ? 144  GLY A C     1 
ATOM   1176 O O     . GLY A 1 163 ? 1.555   6.251   -18.190 1.00 31.80 ? 144  GLY A O     1 
ATOM   1177 N N     . LYS A 1 164 ? 0.576   4.449   -19.042 1.00 30.44 ? 145  LYS A N     1 
ATOM   1178 C CA    . LYS A 1 164 ? -0.593  4.564   -18.181 1.00 29.34 ? 145  LYS A CA    1 
ATOM   1179 C C     . LYS A 1 164 ? -0.847  3.182   -17.596 1.00 29.51 ? 145  LYS A C     1 
ATOM   1180 O O     . LYS A 1 164 ? -0.189  2.237   -17.987 1.00 30.43 ? 145  LYS A O     1 
ATOM   1181 C CB    . LYS A 1 164 ? -1.800  5.094   -18.954 1.00 32.18 ? 145  LYS A CB    1 
ATOM   1182 C CG    . LYS A 1 164 ? -1.923  4.558   -20.367 1.00 32.54 ? 145  LYS A CG    1 
ATOM   1183 C CD    . LYS A 1 164 ? -2.803  5.481   -21.173 1.00 37.23 ? 145  LYS A CD    1 
ATOM   1184 C CE    . LYS A 1 164 ? -2.633  5.265   -22.662 1.00 41.83 ? 145  LYS A CE    1 
ATOM   1185 N NZ    . LYS A 1 164 ? -3.265  3.980   -23.077 1.00 42.97 ? 145  LYS A NZ    1 
ATOM   1186 N N     . PRO A 1 165 ? -1.753  3.057   -16.625 1.00 28.90 ? 146  PRO A N     1 
ATOM   1187 C CA    . PRO A 1 165 ? -2.005  1.716   -16.092 1.00 28.68 ? 146  PRO A CA    1 
ATOM   1188 C C     . PRO A 1 165 ? -2.738  0.796   -17.075 1.00 28.03 ? 146  PRO A C     1 
ATOM   1189 O O     . PRO A 1 165 ? -3.721  1.186   -17.675 1.00 28.05 ? 146  PRO A O     1 
ATOM   1190 C CB    . PRO A 1 165 ? -2.894  1.968   -14.869 1.00 27.97 ? 146  PRO A CB    1 
ATOM   1191 C CG    . PRO A 1 165 ? -2.799  3.432   -14.588 1.00 29.79 ? 146  PRO A CG    1 
ATOM   1192 C CD    . PRO A 1 165 ? -2.453  4.116   -15.873 1.00 27.80 ? 146  PRO A CD    1 
ATOM   1193 N N     . ASN A 1 166 ? -2.258  -0.433  -17.207 1.00 28.78 ? 147  ASN A N     1 
ATOM   1194 C CA    . ASN A 1 166 ? -2.881  -1.450  -18.050 1.00 26.97 ? 147  ASN A CA    1 
ATOM   1195 C C     . ASN A 1 166 ? -3.930  -2.201  -17.227 1.00 26.54 ? 147  ASN A C     1 
ATOM   1196 O O     . ASN A 1 166 ? -3.589  -2.982  -16.327 1.00 27.86 ? 147  ASN A O     1 
ATOM   1197 C CB    . ASN A 1 166 ? -1.765  -2.368  -18.565 1.00 27.19 ? 147  ASN A CB    1 
ATOM   1198 C CG    . ASN A 1 166 ? -2.270  -3.606  -19.288 1.00 27.65 ? 147  ASN A CG    1 
ATOM   1199 O OD1   . ASN A 1 166 ? -3.442  -3.750  -19.535 1.00 26.85 ? 147  ASN A OD1   1 
ATOM   1200 N ND2   . ASN A 1 166 ? -1.354  -4.514  -19.615 1.00 28.40 ? 147  ASN A ND2   1 
ATOM   1201 N N     . LEU A 1 167 ? -5.204  -1.968  -17.536 1.00 27.01 ? 148  LEU A N     1 
ATOM   1202 C CA    . LEU A 1 167 ? -6.324  -2.477  -16.732 1.00 27.49 ? 148  LEU A CA    1 
ATOM   1203 C C     . LEU A 1 167 ? -6.452  -3.988  -16.669 1.00 27.51 ? 148  LEU A C     1 
ATOM   1204 O O     . LEU A 1 167 ? -7.034  -4.522  -15.735 1.00 25.66 ? 148  LEU A O     1 
ATOM   1205 C CB    . LEU A 1 167 ? -7.651  -1.847  -17.152 1.00 27.51 ? 148  LEU A CB    1 
ATOM   1206 C CG    . LEU A 1 167 ? -7.866  -0.362  -16.860 1.00 29.37 ? 148  LEU A CG    1 
ATOM   1207 C CD1   . LEU A 1 167 ? -9.058  0.174   -17.638 1.00 28.25 ? 148  LEU A CD1   1 
ATOM   1208 C CD2   . LEU A 1 167 ? -8.055  -0.099  -15.364 1.00 29.80 ? 148  LEU A CD2   1 
ATOM   1209 N N     . LYS A 1 168 ? -5.911  -4.676  -17.669 1.00 30.83 ? 149  LYS A N     1 
ATOM   1210 C CA    . LYS A 1 168 ? -5.803  -6.124  -17.630 1.00 31.00 ? 149  LYS A CA    1 
ATOM   1211 C C     . LYS A 1 168 ? -5.038  -6.550  -16.385 1.00 32.29 ? 149  LYS A C     1 
ATOM   1212 O O     . LYS A 1 168 ? -5.278  -7.639  -15.879 1.00 34.89 ? 149  LYS A O     1 
ATOM   1213 C CB    . LYS A 1 168 ? -5.053  -6.638  -18.863 1.00 35.06 ? 149  LYS A CB    1 
ATOM   1214 C CG    . LYS A 1 168 ? -5.849  -6.631  -20.160 1.00 36.50 ? 149  LYS A CG    1 
ATOM   1215 C CD    . LYS A 1 168 ? -5.000  -6.112  -21.319 1.00 38.48 ? 149  LYS A CD    1 
ATOM   1216 C CE    . LYS A 1 168 ? -3.779  -6.984  -21.604 1.00 40.76 ? 149  LYS A CE    1 
ATOM   1217 N NZ    . LYS A 1 168 ? -4.111  -8.174  -22.447 1.00 38.12 ? 149  LYS A NZ    1 
ATOM   1218 N N     . ALA A 1 169 ? -4.122  -5.711  -15.880 1.00 29.76 ? 150  ALA A N     1 
ATOM   1219 C CA    . ALA A 1 169 ? -3.283  -6.118  -14.745 1.00 28.50 ? 150  ALA A CA    1 
ATOM   1220 C C     . ALA A 1 169 ? -4.033  -6.415  -13.427 1.00 27.12 ? 150  ALA A C     1 
ATOM   1221 O O     . ALA A 1 169 ? -3.435  -6.899  -12.473 1.00 27.63 ? 150  ALA A O     1 
ATOM   1222 C CB    . ALA A 1 169 ? -2.147  -5.128  -14.521 1.00 31.97 ? 150  ALA A CB    1 
ATOM   1223 N N     . LYS A 1 170 ? -5.335  -6.134  -13.394 1.00 25.48 ? 151  LYS A N     1 
ATOM   1224 C CA    . LYS A 1 170 ? -6.195  -6.418  -12.239 1.00 25.63 ? 151  LYS A CA    1 
ATOM   1225 C C     . LYS A 1 170 ? -5.900  -5.606  -10.958 1.00 24.42 ? 151  LYS A C     1 
ATOM   1226 O O     . LYS A 1 170 ? -5.862  -6.171  -9.858  1.00 23.14 ? 151  LYS A O     1 
ATOM   1227 C CB    . LYS A 1 170 ? -6.192  -7.918  -11.917 1.00 26.50 ? 151  LYS A CB    1 
ATOM   1228 C CG    . LYS A 1 170 ? -6.813  -8.783  -13.001 1.00 28.12 ? 151  LYS A CG    1 
ATOM   1229 C CD    . LYS A 1 170 ? -6.239  -10.184 -12.905 1.00 29.50 ? 151  LYS A CD    1 
ATOM   1230 C CE    . LYS A 1 170 ? -6.966  -11.142 -13.826 1.00 29.13 ? 151  LYS A CE    1 
ATOM   1231 N NZ    . LYS A 1 170 ? -7.173  -12.417 -13.084 1.00 30.65 ? 151  LYS A NZ    1 
ATOM   1232 N N     . PHE A 1 171 ? -5.715  -4.291  -11.107 1.00 21.64 ? 152  PHE A N     1 
ATOM   1233 C CA    . PHE A 1 171 ? -5.566  -3.371  -9.970  1.00 20.54 ? 152  PHE A CA    1 
ATOM   1234 C C     . PHE A 1 171 ? -6.602  -3.588  -8.901  1.00 18.94 ? 152  PHE A C     1 
ATOM   1235 O O     . PHE A 1 171 ? -7.739  -3.806  -9.224  1.00 21.22 ? 152  PHE A O     1 
ATOM   1236 C CB    . PHE A 1 171 ? -5.597  -1.939  -10.475 1.00 20.70 ? 152  PHE A CB    1 
ATOM   1237 C CG    . PHE A 1 171 ? -4.432  -1.632  -11.331 1.00 21.50 ? 152  PHE A CG    1 
ATOM   1238 C CD1   . PHE A 1 171 ? -3.197  -1.480  -10.767 1.00 20.82 ? 152  PHE A CD1   1 
ATOM   1239 C CD2   . PHE A 1 171 ? -4.556  -1.605  -12.705 1.00 22.53 ? 152  PHE A CD2   1 
ATOM   1240 C CE1   . PHE A 1 171 ? -2.091  -1.243  -11.548 1.00 23.52 ? 152  PHE A CE1   1 
ATOM   1241 C CE2   . PHE A 1 171 ? -3.459  -1.394  -13.504 1.00 23.56 ? 152  PHE A CE2   1 
ATOM   1242 C CZ    . PHE A 1 171 ? -2.220  -1.187  -12.922 1.00 25.29 ? 152  PHE A CZ    1 
ATOM   1243 N N     . LEU A 1 172 ? -6.202  -3.560  -7.632  1.00 18.87 ? 153  LEU A N     1 
ATOM   1244 C CA    . LEU A 1 172 ? -7.092  -3.983  -6.542  1.00 17.42 ? 153  LEU A CA    1 
ATOM   1245 C C     . LEU A 1 172 ? -7.847  -2.846  -5.782  1.00 17.32 ? 153  LEU A C     1 
ATOM   1246 O O     . LEU A 1 172 ? -7.235  -1.834  -5.361  1.00 16.46 ? 153  LEU A O     1 
ATOM   1247 C CB    . LEU A 1 172 ? -6.317  -4.862  -5.555  1.00 16.81 ? 153  LEU A CB    1 
ATOM   1248 C CG    . LEU A 1 172 ? -7.144  -5.488  -4.423  1.00 16.54 ? 153  LEU A CG    1 
ATOM   1249 C CD1   . LEU A 1 172 ? -8.143  -6.514  -4.959  1.00 15.75 ? 153  LEU A CD1   1 
ATOM   1250 C CD2   . LEU A 1 172 ? -6.266  -6.079  -3.326  1.00 15.68 ? 153  LEU A CD2   1 
ATOM   1251 N N     . ALA A 1 173 ? -9.162  -3.037  -5.586  1.00 16.14 ? 154  ALA A N     1 
ATOM   1252 C CA    . ALA A 1 173 ? -9.974  -2.111  -4.800  1.00 16.58 ? 154  ALA A CA    1 
ATOM   1253 C C     . ALA A 1 173 ? -10.840 -2.800  -3.728  1.00 17.64 ? 154  ALA A C     1 
ATOM   1254 O O     . ALA A 1 173 ? -11.088 -3.997  -3.793  1.00 18.40 ? 154  ALA A O     1 
ATOM   1255 C CB    . ALA A 1 173 ? -10.838 -1.232  -5.693  1.00 16.24 ? 154  ALA A CB    1 
ATOM   1256 N N     . HIS A 1 174 ? -11.312 -2.019  -2.764  1.00 18.04 ? 155  HIS A N     1 
ATOM   1257 C CA    . HIS A 1 174 ? -11.931 -2.531  -1.536  1.00 18.91 ? 155  HIS A CA    1 
ATOM   1258 C C     . HIS A 1 174 ? -13.294 -1.901  -1.486  1.00 19.78 ? 155  HIS A C     1 
ATOM   1259 O O     . HIS A 1 174 ? -13.378 -0.678  -1.582  1.00 20.70 ? 155  HIS A O     1 
ATOM   1260 C CB    . HIS A 1 174 ? -11.092 -2.054  -0.335  1.00 17.68 ? 155  HIS A CB    1 
ATOM   1261 C CG    . HIS A 1 174 ? -11.359 -2.779  0.950   1.00 17.89 ? 155  HIS A CG    1 
ATOM   1262 N ND1   . HIS A 1 174 ? -10.977 -2.267  2.178   1.00 16.39 ? 155  HIS A ND1   1 
ATOM   1263 C CD2   . HIS A 1 174 ? -11.980 -3.961  1.206   1.00 16.04 ? 155  HIS A CD2   1 
ATOM   1264 C CE1   . HIS A 1 174 ? -11.337 -3.112  3.131   1.00 16.89 ? 155  HIS A CE1   1 
ATOM   1265 N NE2   . HIS A 1 174 ? -11.931 -4.155  2.563   1.00 16.55 ? 155  HIS A NE2   1 
ATOM   1266 N N     . VAL A 1 175 ? -14.339 -2.722  -1.373  1.00 19.90 ? 156  VAL A N     1 
ATOM   1267 C CA    . VAL A 1 175 ? -15.746 -2.285  -1.306  1.00 22.57 ? 156  VAL A CA    1 
ATOM   1268 C C     . VAL A 1 175 ? -16.298 -2.293  0.116   1.00 24.37 ? 156  VAL A C     1 
ATOM   1269 O O     . VAL A 1 175 ? -16.898 -1.303  0.592   1.00 25.51 ? 156  VAL A O     1 
ATOM   1270 C CB    . VAL A 1 175 ? -16.663 -3.246  -2.108  1.00 24.19 ? 156  VAL A CB    1 
ATOM   1271 C CG1   . VAL A 1 175 ? -18.127 -2.823  -2.019  1.00 24.66 ? 156  VAL A CG1   1 
ATOM   1272 C CG2   . VAL A 1 175 ? -16.211 -3.378  -3.546  1.00 22.82 ? 156  VAL A CG2   1 
ATOM   1273 N N     . SER A 1 176 ? -16.111 -3.422  0.789   1.00 25.13 ? 157  SER A N     1 
ATOM   1274 C CA    . SER A 1 176 ? -16.623 -3.615  2.140   1.00 25.96 ? 157  SER A CA    1 
ATOM   1275 C C     . SER A 1 176 ? -15.629 -4.493  2.865   1.00 26.60 ? 157  SER A C     1 
ATOM   1276 O O     . SER A 1 176 ? -14.718 -5.017  2.243   1.00 24.66 ? 157  SER A O     1 
ATOM   1277 C CB    . SER A 1 176 ? -18.020 -4.258  2.117   1.00 28.13 ? 157  SER A CB    1 
ATOM   1278 O OG    . SER A 1 176 ? -17.963 -5.683  2.117   1.00 27.82 ? 157  SER A OG    1 
ATOM   1279 N N     . TRP A 1 177 ? -15.800 -4.672  4.164   1.00 27.83 ? 158  TRP A N     1 
ATOM   1280 C CA    . TRP A 1 177 ? -14.768 -5.346  4.936   1.00 31.96 ? 158  TRP A CA    1 
ATOM   1281 C C     . TRP A 1 177 ? -14.086 -6.482  4.189   1.00 31.50 ? 158  TRP A C     1 
ATOM   1282 O O     . TRP A 1 177 ? -12.893 -6.379  3.916   1.00 34.04 ? 158  TRP A O     1 
ATOM   1283 C CB    . TRP A 1 177 ? -15.233 -5.809  6.328   1.00 34.90 ? 158  TRP A CB    1 
ATOM   1284 C CG    . TRP A 1 177 ? -14.096 -6.521  7.104   1.00 41.15 ? 158  TRP A CG    1 
ATOM   1285 C CD1   . TRP A 1 177 ? -14.130 -7.788  7.646   1.00 40.18 ? 158  TRP A CD1   1 
ATOM   1286 C CD2   . TRP A 1 177 ? -12.753 -6.004  7.375   1.00 41.64 ? 158  TRP A CD2   1 
ATOM   1287 N NE1   . TRP A 1 177 ? -12.906 -8.079  8.237   1.00 40.29 ? 158  TRP A NE1   1 
ATOM   1288 C CE2   . TRP A 1 177 ? -12.055 -7.008  8.087   1.00 39.94 ? 158  TRP A CE2   1 
ATOM   1289 C CE3   . TRP A 1 177 ? -12.088 -4.788  7.088   1.00 40.97 ? 158  TRP A CE3   1 
ATOM   1290 C CZ2   . TRP A 1 177 ? -10.720 -6.834  8.519   1.00 40.42 ? 158  TRP A CZ2   1 
ATOM   1291 C CZ3   . TRP A 1 177 ? -10.758 -4.617  7.512   1.00 39.28 ? 158  TRP A CZ3   1 
ATOM   1292 C CH2   . TRP A 1 177 ? -10.094 -5.636  8.224   1.00 40.46 ? 158  TRP A CH2   1 
ATOM   1293 N N     . SER A 1 178 ? -14.803 -7.551  3.836   1.00 30.35 ? 159  SER A N     1 
ATOM   1294 C CA    . SER A 1 178 ? -14.070 -8.675  3.249   1.00 31.72 ? 159  SER A CA    1 
ATOM   1295 C C     . SER A 1 178 ? -14.213 -8.861  1.742   1.00 30.59 ? 159  SER A C     1 
ATOM   1296 O O     . SER A 1 178 ? -13.718 -9.840  1.204   1.00 31.19 ? 159  SER A O     1 
ATOM   1297 C CB    . SER A 1 178 ? -14.234 -9.986  4.040   1.00 30.70 ? 159  SER A CB    1 
ATOM   1298 O OG    . SER A 1 178 ? -15.457 -10.620 3.786   1.00 32.82 ? 159  SER A OG    1 
ATOM   1299 N N     . GLU A 1 179 ? -14.791 -7.851  1.080   1.00 30.45 ? 160  GLU A N     1 
ATOM   1300 C CA    . GLU A 1 179 ? -15.087 -7.845  -0.356  1.00 29.43 ? 160  GLU A CA    1 
ATOM   1301 C C     . GLU A 1 179 ? -14.182 -6.929  -1.195  1.00 28.80 ? 160  GLU A C     1 
ATOM   1302 O O     . GLU A 1 179 ? -13.983 -5.767  -0.842  1.00 27.59 ? 160  GLU A O     1 
ATOM   1303 C CB    . GLU A 1 179 ? -16.507 -7.344  -0.558  1.00 32.88 ? 160  GLU A CB    1 
ATOM   1304 C CG    . GLU A 1 179 ? -17.614 -8.225  -0.010  1.00 35.65 ? 160  GLU A CG    1 
ATOM   1305 C CD    . GLU A 1 179 ? -18.964 -7.560  -0.171  1.00 36.92 ? 160  GLU A CD    1 
ATOM   1306 O OE1   . GLU A 1 179 ? -19.031 -6.313  -0.024  1.00 38.20 ? 160  GLU A OE1   1 
ATOM   1307 O OE2   . GLU A 1 179 ? -19.947 -8.278  -0.448  1.00 36.78 ? 160  GLU A OE2   1 
ATOM   1308 N N     . PHE A 1 180 ? -13.702 -7.428  -2.336  1.00 27.61 ? 161  PHE A N     1 
ATOM   1309 C CA    . PHE A 1 180 ? -12.847 -6.653  -3.252  1.00 28.26 ? 161  PHE A CA    1 
ATOM   1310 C C     . PHE A 1 180 ? -13.294 -6.786  -4.731  1.00 29.76 ? 161  PHE A C     1 
ATOM   1311 O O     . PHE A 1 180 ? -14.015 -7.724  -5.102  1.00 26.84 ? 161  PHE A O     1 
ATOM   1312 C CB    . PHE A 1 180 ? -11.365 -7.083  -3.108  1.00 27.10 ? 161  PHE A CB    1 
ATOM   1313 C CG    . PHE A 1 180 ? -10.795 -6.914  -1.712  1.00 27.29 ? 161  PHE A CG    1 
ATOM   1314 C CD1   . PHE A 1 180 ? -11.188 -7.754  -0.662  1.00 25.94 ? 161  PHE A CD1   1 
ATOM   1315 C CD2   . PHE A 1 180 ? -9.840  -5.932  -1.451  1.00 26.81 ? 161  PHE A CD2   1 
ATOM   1316 C CE1   . PHE A 1 180 ? -10.678 -7.578  0.618   1.00 25.17 ? 161  PHE A CE1   1 
ATOM   1317 C CE2   . PHE A 1 180 ? -9.311  -5.765  -0.172  1.00 25.05 ? 161  PHE A CE2   1 
ATOM   1318 C CZ    . PHE A 1 180 ? -9.728  -6.588  0.865   1.00 24.54 ? 161  PHE A CZ    1 
ATOM   1319 N N     . VAL A 1 181 ? -12.810 -5.872  -5.574  1.00 28.93 ? 162  VAL A N     1 
ATOM   1320 C CA    . VAL A 1 181 ? -13.170 -5.831  -6.993  1.00 28.14 ? 162  VAL A CA    1 
ATOM   1321 C C     . VAL A 1 181 ? -11.980 -5.276  -7.788  1.00 27.87 ? 162  VAL A C     1 
ATOM   1322 O O     . VAL A 1 181 ? -11.067 -4.713  -7.184  1.00 31.22 ? 162  VAL A O     1 
ATOM   1323 C CB    . VAL A 1 181 ? -14.446 -4.967  -7.155  1.00 29.06 ? 162  VAL A CB    1 
ATOM   1324 C CG1   . VAL A 1 181 ? -14.189 -3.512  -6.786  1.00 28.42 ? 162  VAL A CG1   1 
ATOM   1325 C CG2   . VAL A 1 181 ? -15.050 -5.108  -8.536  1.00 31.38 ? 162  VAL A CG2   1 
ATOM   1326 N N     . THR A 1 182 ? -11.948 -5.463  -9.114  1.00 25.96 ? 163  THR A N     1 
ATOM   1327 C CA    . THR A 1 182 ? -11.063 -4.661  -9.979  1.00 24.58 ? 163  THR A CA    1 
ATOM   1328 C C     . THR A 1 182 ? -11.885 -3.745  -10.892 1.00 23.34 ? 163  THR A C     1 
ATOM   1329 O O     . THR A 1 182 ? -13.085 -3.578  -10.714 1.00 23.21 ? 163  THR A O     1 
ATOM   1330 C CB    . THR A 1 182 ? -9.992  -5.481  -10.777 1.00 22.88 ? 163  THR A CB    1 
ATOM   1331 O OG1   . THR A 1 182 ? -9.000  -4.577  -11.278 1.00 22.37 ? 163  THR A OG1   1 
ATOM   1332 C CG2   . THR A 1 182 ? -10.604 -6.217  -11.970 1.00 22.99 ? 163  THR A CG2   1 
ATOM   1333 N N     . PHE A 1 183 ? -11.223 -3.132  -11.853 1.00 24.68 ? 164  PHE A N     1 
ATOM   1334 C CA    . PHE A 1 183 ? -11.849 -2.127  -12.702 1.00 23.78 ? 164  PHE A CA    1 
ATOM   1335 C C     . PHE A 1 183 ? -12.485 -2.756  -13.954 1.00 26.48 ? 164  PHE A C     1 
ATOM   1336 O O     . PHE A 1 183 ? -12.196 -3.891  -14.277 1.00 25.83 ? 164  PHE A O     1 
ATOM   1337 C CB    . PHE A 1 183 ? -10.785 -1.079  -13.039 1.00 22.50 ? 164  PHE A CB    1 
ATOM   1338 C CG    . PHE A 1 183 ? -10.423 -0.223  -11.861 1.00 19.84 ? 164  PHE A CG    1 
ATOM   1339 C CD1   . PHE A 1 183 ? -11.286 0.769   -11.425 1.00 19.04 ? 164  PHE A CD1   1 
ATOM   1340 C CD2   . PHE A 1 183 ? -9.259  -0.463  -11.138 1.00 19.99 ? 164  PHE A CD2   1 
ATOM   1341 C CE1   . PHE A 1 183 ? -10.969 1.543   -10.315 1.00 18.67 ? 164  PHE A CE1   1 
ATOM   1342 C CE2   . PHE A 1 183 ? -8.944  0.304   -10.032 1.00 18.04 ? 164  PHE A CE2   1 
ATOM   1343 C CZ    . PHE A 1 183 ? -9.807  1.305   -9.625  1.00 17.44 ? 164  PHE A CZ    1 
ATOM   1344 N N     . SER A 1 184 ? -13.382 -2.032  -14.621 1.00 29.02 ? 165  SER A N     1 
ATOM   1345 C CA    . SER A 1 184 ? -13.919 -2.480  -15.895 1.00 30.60 ? 165  SER A CA    1 
ATOM   1346 C C     . SER A 1 184 ? -12.799 -2.326  -16.877 1.00 31.69 ? 165  SER A C     1 
ATOM   1347 O O     . SER A 1 184 ? -11.874 -1.526  -16.677 1.00 31.43 ? 165  SER A O     1 
ATOM   1348 C CB    . SER A 1 184 ? -15.126 -1.640  -16.320 1.00 32.04 ? 165  SER A CB    1 
ATOM   1349 O OG    . SER A 1 184 ? -15.647 -2.026  -17.593 1.00 32.10 ? 165  SER A OG    1 
ATOM   1350 N N     . GLU A 1 185 ? -12.822 -3.092  -17.944 1.00 30.76 ? 166  GLU A N     1 
ATOM   1351 C CA    . GLU A 1 185 ? -11.827 -2.792  -18.952 1.00 31.30 ? 166  GLU A CA    1 
ATOM   1352 C C     . GLU A 1 185 ? -12.389 -1.763  -19.921 1.00 32.36 ? 166  GLU A C     1 
ATOM   1353 O O     . GLU A 1 185 ? -11.689 -1.328  -20.836 1.00 30.71 ? 166  GLU A O     1 
ATOM   1354 C CB    . GLU A 1 185 ? -11.328 -4.052  -19.647 1.00 32.09 ? 166  GLU A CB    1 
ATOM   1355 C CG    . GLU A 1 185 ? -10.183 -4.697  -18.902 1.00 33.40 ? 166  GLU A CG    1 
ATOM   1356 C CD    . GLU A 1 185 ? -10.137 -6.178  -19.117 1.00 34.72 ? 166  GLU A CD    1 
ATOM   1357 O OE1   . GLU A 1 185 ? -11.172 -6.826  -18.884 1.00 36.49 ? 166  GLU A OE1   1 
ATOM   1358 O OE2   . GLU A 1 185 ? -9.080  -6.688  -19.523 1.00 35.74 ? 166  GLU A OE2   1 
ATOM   1359 N N     . LYS A 1 186 ? -13.645 -1.358  -19.700 1.00 31.99 ? 167  LYS A N     1 
ATOM   1360 C CA    . LYS A 1 186 ? -14.293 -0.395  -20.595 1.00 32.73 ? 167  LYS A CA    1 
ATOM   1361 C C     . LYS A 1 186 ? -13.991 1.045   -20.195 1.00 33.40 ? 167  LYS A C     1 
ATOM   1362 O O     . LYS A 1 186 ? -14.431 1.508   -19.150 1.00 34.40 ? 167  LYS A O     1 
ATOM   1363 C CB    . LYS A 1 186 ? -15.808 -0.604  -20.677 1.00 32.60 ? 167  LYS A CB    1 
ATOM   1364 C CG    . LYS A 1 186 ? -16.402 -0.018  -21.949 1.00 33.31 ? 167  LYS A CG    1 
ATOM   1365 C CD    . LYS A 1 186 ? -17.907 0.219   -21.863 1.00 33.79 ? 167  LYS A CD    1 
ATOM   1366 C CE    . LYS A 1 186 ? -18.459 0.510   -23.247 1.00 32.67 ? 167  LYS A CE    1 
ATOM   1367 N NZ    . LYS A 1 186 ? -19.397 1.674   -23.233 1.00 32.39 ? 167  LYS A NZ    1 
ATOM   1368 N N     . VAL A 1 187 ? -13.270 1.739   -21.068 1.00 31.70 ? 168  VAL A N     1 
ATOM   1369 C CA    . VAL A 1 187 ? -12.765 3.086   -20.861 1.00 30.22 ? 168  VAL A CA    1 
ATOM   1370 C C     . VAL A 1 187 ? -13.696 4.125   -21.455 1.00 31.75 ? 168  VAL A C     1 
ATOM   1371 O O     . VAL A 1 187 ? -14.106 3.992   -22.608 1.00 31.92 ? 168  VAL A O     1 
ATOM   1372 C CB    . VAL A 1 187 ? -11.408 3.224   -21.579 1.00 29.86 ? 168  VAL A CB    1 
ATOM   1373 C CG1   . VAL A 1 187 ? -10.951 4.665   -21.616 1.00 30.85 ? 168  VAL A CG1   1 
ATOM   1374 C CG2   . VAL A 1 187 ? -10.371 2.352   -20.908 1.00 29.34 ? 168  VAL A CG2   1 
ATOM   1375 N N     . HIS A 1 188 ? -14.014 5.155   -20.674 1.00 29.22 ? 169  HIS A N     1 
ATOM   1376 C CA    . HIS A 1 188 ? -14.776 6.308   -21.145 1.00 31.06 ? 169  HIS A CA    1 
ATOM   1377 C C     . HIS A 1 188 ? -13.880 7.533   -21.361 1.00 31.39 ? 169  HIS A C     1 
ATOM   1378 O O     . HIS A 1 188 ? -13.187 7.953   -20.439 1.00 29.03 ? 169  HIS A O     1 
ATOM   1379 C CB    . HIS A 1 188 ? -15.871 6.613   -20.138 1.00 33.86 ? 169  HIS A CB    1 
ATOM   1380 C CG    . HIS A 1 188 ? -16.832 5.487   -19.979 1.00 34.43 ? 169  HIS A CG    1 
ATOM   1381 N ND1   . HIS A 1 188 ? -18.107 5.524   -20.499 1.00 36.88 ? 169  HIS A ND1   1 
ATOM   1382 C CD2   . HIS A 1 188 ? -16.679 4.255   -19.438 1.00 35.74 ? 169  HIS A CD2   1 
ATOM   1383 C CE1   . HIS A 1 188 ? -18.714 4.378   -20.246 1.00 36.65 ? 169  HIS A CE1   1 
ATOM   1384 N NE2   . HIS A 1 188 ? -17.862 3.583   -19.623 1.00 35.37 ? 169  HIS A NE2   1 
ATOM   1385 N N     . LYS A 1 189 ? -13.870 8.074   -22.584 1.00 30.66 ? 170  LYS A N     1 
ATOM   1386 C CA    . LYS A 1 189 ? -13.058 9.260   -22.922 1.00 31.43 ? 170  LYS A CA    1 
ATOM   1387 C C     . LYS A 1 189 ? -13.823 10.518  -22.567 1.00 30.79 ? 170  LYS A C     1 
ATOM   1388 O O     . LYS A 1 189 ? -14.999 10.629  -22.886 1.00 30.83 ? 170  LYS A O     1 
ATOM   1389 C CB    . LYS A 1 189 ? -12.678 9.279   -24.407 1.00 31.03 ? 170  LYS A CB    1 
ATOM   1390 C CG    . LYS A 1 189 ? -11.551 8.326   -24.738 1.00 31.93 ? 170  LYS A CG    1 
ATOM   1391 C CD    . LYS A 1 189 ? -11.747 7.648   -26.082 1.00 35.36 ? 170  LYS A CD    1 
ATOM   1392 C CE    . LYS A 1 189 ? -10.554 6.759   -26.404 1.00 35.90 ? 170  LYS A CE    1 
ATOM   1393 N NZ    . LYS A 1 189 ? -9.313  7.581   -26.529 1.00 35.74 ? 170  LYS A NZ    1 
ATOM   1394 N N     . ALA A 1 190 ? -13.158 11.458  -21.900 1.00 31.78 ? 171  ALA A N     1 
ATOM   1395 C CA    . ALA A 1 190 ? -13.813 12.695  -21.486 1.00 31.74 ? 171  ALA A CA    1 
ATOM   1396 C C     . ALA A 1 190 ? -13.713 13.746  -22.570 1.00 32.36 ? 171  ALA A C     1 
ATOM   1397 O O     . ALA A 1 190 ? -14.485 14.705  -22.570 1.00 29.37 ? 171  ALA A O     1 
ATOM   1398 C CB    . ALA A 1 190 ? -13.220 13.208  -20.187 1.00 29.70 ? 171  ALA A CB    1 
ATOM   1399 N N     . GLU A 1 191 ? -12.748 13.564  -23.477 1.00 36.75 ? 172  GLU A N     1 
ATOM   1400 C CA    . GLU A 1 191 ? -12.658 14.350  -24.716 1.00 41.48 ? 172  GLU A CA    1 
ATOM   1401 C C     . GLU A 1 191 ? -11.905 13.614  -25.851 1.00 45.52 ? 172  GLU A C     1 
ATOM   1402 O O     . GLU A 1 191 ? -11.885 12.383  -25.956 1.00 46.15 ? 172  GLU A O     1 
ATOM   1403 C CB    . GLU A 1 191 ? -12.014 15.704  -24.449 1.00 40.76 ? 172  GLU A CB    1 
ATOM   1404 C CG    . GLU A 1 191 ? -10.533 15.579  -24.145 1.00 43.62 ? 172  GLU A CG    1 
ATOM   1405 C CD    . GLU A 1 191 ? -9.845  16.909  -24.021 1.00 43.70 ? 172  GLU A CD    1 
ATOM   1406 O OE1   . GLU A 1 191 ? -10.549 17.941  -23.999 1.00 44.50 ? 172  GLU A OE1   1 
ATOM   1407 O OE2   . GLU A 1 191 ? -8.604  16.907  -23.930 1.00 44.50 ? 172  GLU A OE2   1 
ATOM   1408 O OXT   . GLU A 1 191 ? -11.287 14.240  -26.721 1.00 46.05 ? 172  GLU A OXT   1 
HETATM 1409 N N1    . FMN B 2 .   ? -4.671  -0.045  8.796   1.00 15.57 ? 173  FMN A N1    1 
HETATM 1410 C C2    . FMN B 2 .   ? -4.275  1.244   8.804   1.00 15.51 ? 173  FMN A C2    1 
HETATM 1411 O O2    . FMN B 2 .   ? -3.726  1.685   9.838   1.00 17.01 ? 173  FMN A O2    1 
HETATM 1412 N N3    . FMN B 2 .   ? -4.443  2.064   7.741   1.00 15.80 ? 173  FMN A N3    1 
HETATM 1413 C C4    . FMN B 2 .   ? -4.984  1.615   6.577   1.00 15.27 ? 173  FMN A C4    1 
HETATM 1414 O O4    . FMN B 2 .   ? -5.171  2.363   5.589   1.00 15.82 ? 173  FMN A O4    1 
HETATM 1415 C C4A   . FMN B 2 .   ? -5.457  0.217   6.499   1.00 15.95 ? 173  FMN A C4A   1 
HETATM 1416 N N5    . FMN B 2 .   ? -6.057  -0.288  5.393   1.00 16.36 ? 173  FMN A N5    1 
HETATM 1417 C C5A   . FMN B 2 .   ? -6.443  -1.581  5.317   1.00 16.21 ? 173  FMN A C5A   1 
HETATM 1418 C C6    . FMN B 2 .   ? -7.040  -2.070  4.165   1.00 14.85 ? 173  FMN A C6    1 
HETATM 1419 C C7    . FMN B 2 .   ? -7.464  -3.398  4.079   1.00 15.49 ? 173  FMN A C7    1 
HETATM 1420 C C7M   . FMN B 2 .   ? -8.060  -3.918  2.779   1.00 15.07 ? 173  FMN A C7M   1 
HETATM 1421 C C8    . FMN B 2 .   ? -7.295  -4.293  5.244   1.00 15.54 ? 173  FMN A C8    1 
HETATM 1422 C C8M   . FMN B 2 .   ? -7.748  -5.735  5.155   1.00 15.88 ? 173  FMN A C8M   1 
HETATM 1423 C C9    . FMN B 2 .   ? -6.701  -3.797  6.412   1.00 16.72 ? 173  FMN A C9    1 
HETATM 1424 C C9A   . FMN B 2 .   ? -6.259  -2.467  6.502   1.00 16.56 ? 173  FMN A C9A   1 
HETATM 1425 N N10   . FMN B 2 .   ? -5.631  -1.920  7.663   1.00 17.21 ? 173  FMN A N10   1 
HETATM 1426 C C10   . FMN B 2 .   ? -5.250  -0.595  7.704   1.00 15.66 ? 173  FMN A C10   1 
HETATM 1427 C "C1'" . FMN B 2 .   ? -5.404  -2.692  8.869   1.00 15.70 ? 173  FMN A "C1'" 1 
HETATM 1428 C "C2'" . FMN B 2 .   ? -4.071  -3.379  8.774   1.00 16.47 ? 173  FMN A "C2'" 1 
HETATM 1429 O "O2'" . FMN B 2 .   ? -3.706  -3.743  7.432   1.00 14.29 ? 173  FMN A "O2'" 1 
HETATM 1430 C "C3'" . FMN B 2 .   ? -4.201  -4.601  9.690   1.00 16.79 ? 173  FMN A "C3'" 1 
HETATM 1431 O "O3'" . FMN B 2 .   ? -4.715  -4.142  10.944  1.00 19.67 ? 173  FMN A "O3'" 1 
HETATM 1432 C "C4'" . FMN B 2 .   ? -2.882  -5.290  9.948   1.00 17.99 ? 173  FMN A "C4'" 1 
HETATM 1433 O "O4'" . FMN B 2 .   ? -3.212  -6.438  10.699  1.00 19.02 ? 173  FMN A "O4'" 1 
HETATM 1434 C "C5'" . FMN B 2 .   ? -1.858  -4.505  10.774  1.00 18.58 ? 173  FMN A "C5'" 1 
HETATM 1435 O "O5'" . FMN B 2 .   ? -0.683  -5.291  10.665  1.00 18.83 ? 173  FMN A "O5'" 1 
HETATM 1436 P P     . FMN B 2 .   ? 0.702   -4.934  11.417  1.00 19.30 ? 173  FMN A P     1 
HETATM 1437 O O1P   . FMN B 2 .   ? 0.288   -4.871  12.849  1.00 19.42 ? 173  FMN A O1P   1 
HETATM 1438 O O2P   . FMN B 2 .   ? 1.173   -3.633  10.801  1.00 19.81 ? 173  FMN A O2P   1 
HETATM 1439 O O3P   . FMN B 2 .   ? 1.664   -6.026  11.059  1.00 20.01 ? 173  FMN A O3P   1 
HETATM 1440 C "C1'" . HBA C 3 .   ? -9.588  -0.100  5.712   1.00 20.27 ? 1173 HBA A "C1'" 1 
HETATM 1441 O "O1'" . HBA C 3 .   ? -10.426 -0.975  5.820   1.00 20.71 ? 1173 HBA A "O1'" 1 
HETATM 1442 C C1    . HBA C 3 .   ? -8.937  0.315   6.943   1.00 19.72 ? 1173 HBA A C1    1 
HETATM 1443 C C2    . HBA C 3 .   ? -8.902  -0.576  8.012   1.00 19.82 ? 1173 HBA A C2    1 
HETATM 1444 C C3    . HBA C 3 .   ? -8.319  -0.172  9.202   1.00 20.18 ? 1173 HBA A C3    1 
HETATM 1445 C C4    . HBA C 3 .   ? -7.796  1.098   9.276   1.00 19.86 ? 1173 HBA A C4    1 
HETATM 1446 C C5    . HBA C 3 .   ? -7.830  1.966   8.208   1.00 20.54 ? 1173 HBA A C5    1 
HETATM 1447 C C6    . HBA C 3 .   ? -8.402  1.583   7.024   1.00 19.08 ? 1173 HBA A C6    1 
HETATM 1448 O O4    . HBA C 3 .   ? -7.210  1.498   10.405  1.00 21.80 ? 1173 HBA A O4    1 
HETATM 1449 O O     . HOH D 4 .   ? -16.002 0.279   18.536  1.00 51.69 ? 2001 HOH A O     1 
HETATM 1450 O O     . HOH D 4 .   ? -17.941 -2.680  4.428   1.00 45.53 ? 2002 HOH A O     1 
HETATM 1451 O O     . HOH D 4 .   ? -17.258 7.026   -2.937  1.00 21.77 ? 2003 HOH A O     1 
HETATM 1452 O O     . HOH D 4 .   ? -7.119  4.166   -2.030  1.00 21.77 ? 2004 HOH A O     1 
HETATM 1453 O O     . HOH D 4 .   ? -3.870  -2.402  -5.965  1.00 26.07 ? 2005 HOH A O     1 
HETATM 1454 O O     . HOH D 4 .   ? -5.889  5.619   -4.800  1.00 27.68 ? 2006 HOH A O     1 
HETATM 1455 O O     . HOH D 4 .   ? 4.605   -3.109  7.407   1.00 24.63 ? 2007 HOH A O     1 
HETATM 1456 O O     . HOH D 4 .   ? 10.514  1.035   8.344   1.00 27.96 ? 2008 HOH A O     1 
HETATM 1457 O O     . HOH D 4 .   ? 0.311   18.403  -0.327  1.00 37.59 ? 2009 HOH A O     1 
HETATM 1458 O O     . HOH D 4 .   ? -3.365  -3.791  14.700  1.00 29.59 ? 2010 HOH A O     1 
HETATM 1459 O O     . HOH D 4 .   ? 8.689   2.813   17.043  1.00 27.87 ? 2011 HOH A O     1 
HETATM 1460 O O     . HOH D 4 .   ? 14.681  12.859  0.468   1.00 33.06 ? 2012 HOH A O     1 
HETATM 1461 O O     . HOH D 4 .   ? -1.275  9.339   15.705  1.00 15.21 ? 2013 HOH A O     1 
HETATM 1462 O O     . HOH D 4 .   ? 9.806   -3.173  -15.909 1.00 33.82 ? 2014 HOH A O     1 
HETATM 1463 O O     . HOH D 4 .   ? 6.905   -10.114 -13.477 1.00 24.89 ? 2015 HOH A O     1 
HETATM 1464 O O     . HOH D 4 .   ? -7.186  -3.660  -13.405 1.00 21.77 ? 2016 HOH A O     1 
HETATM 1465 O O     . HOH D 4 .   ? -14.468 -5.122  -18.924 1.00 30.25 ? 2017 HOH A O     1 
HETATM 1466 O O     . HOH D 4 .   ? -16.815 4.376   -22.410 1.00 51.26 ? 2018 HOH A O     1 
# 
loop_
_pdbx_poly_seq_scheme.asym_id 
_pdbx_poly_seq_scheme.entity_id 
_pdbx_poly_seq_scheme.seq_id 
_pdbx_poly_seq_scheme.mon_id 
_pdbx_poly_seq_scheme.ndb_seq_num 
_pdbx_poly_seq_scheme.pdb_seq_num 
_pdbx_poly_seq_scheme.auth_seq_num 
_pdbx_poly_seq_scheme.pdb_mon_id 
_pdbx_poly_seq_scheme.auth_mon_id 
_pdbx_poly_seq_scheme.pdb_strand_id 
_pdbx_poly_seq_scheme.pdb_ins_code 
_pdbx_poly_seq_scheme.hetero 
A 1 1   MET 1   -18 ?   ?   ?   A . n 
A 1 2   GLY 2   -17 ?   ?   ?   A . n 
A 1 3   SER 3   -16 ?   ?   ?   A . n 
A 1 4   ASP 4   -15 ?   ?   ?   A . n 
A 1 5   LYS 5   -14 ?   ?   ?   A . n 
A 1 6   ILE 6   -13 ?   ?   ?   A . n 
A 1 7   HIS 7   -12 ?   ?   ?   A . n 
A 1 8   HIS 8   -11 ?   ?   ?   A . n 
A 1 9   HIS 9   -10 ?   ?   ?   A . n 
A 1 10  HIS 10  -9  ?   ?   ?   A . n 
A 1 11  HIS 11  -8  ?   ?   ?   A . n 
A 1 12  HIS 12  -7  ?   ?   ?   A . n 
A 1 13  GLU 13  -6  ?   ?   ?   A . n 
A 1 14  ASN 14  -5  ?   ?   ?   A . n 
A 1 15  LEU 15  -4  ?   ?   ?   A . n 
A 1 16  TYR 16  -3  -3  TYR TYR A . n 
A 1 17  PHE 17  -2  -2  PHE PHE A . n 
A 1 18  GLN 18  -1  -1  GLN GLN A . n 
A 1 19  GLY 19  0   0   GLY GLY A . n 
A 1 20  MET 20  1   1   MET MET A . n 
A 1 21  GLU 21  2   2   GLU GLU A . n 
A 1 22  GLY 22  3   3   GLY GLY A . n 
A 1 23  TYR 23  4   4   TYR TYR A . n 
A 1 24  ARG 24  5   5   ARG ARG A . n 
A 1 25  LEU 25  6   6   LEU LEU A . n 
A 1 26  LEU 26  7   7   LEU LEU A . n 
A 1 27  TYR 27  8   8   TYR TYR A . n 
A 1 28  PRO 28  9   9   PRO PRO A . n 
A 1 29  MET 29  10  10  MET MET A . n 
A 1 30  ARG 30  11  11  ARG ARG A . n 
A 1 31  THR 31  12  12  THR THR A . n 
A 1 32  TYR 32  13  13  TYR TYR A . n 
A 1 33  LEU 33  14  14  LEU LEU A . n 
A 1 34  ILE 34  15  15  ILE ILE A . n 
A 1 35  VAL 35  16  16  VAL VAL A . n 
A 1 36  SER 36  17  17  SER SER A . n 
A 1 37  GLY 37  18  18  GLY GLY A . n 
A 1 38  HIS 38  19  19  HIS HIS A . n 
A 1 39  GLY 39  20  20  GLY GLY A . n 
A 1 40  GLU 40  21  21  GLU GLU A . n 
A 1 41  GLU 41  22  22  GLU GLU A . n 
A 1 42  THR 42  23  23  THR THR A . n 
A 1 43  ASN 43  24  24  ASN ASN A . n 
A 1 44  VAL 44  25  25  VAL VAL A . n 
A 1 45  MET 45  26  26  MET MET A . n 
A 1 46  ALA 46  27  27  ALA ALA A . n 
A 1 47  ALA 47  28  28  ALA ALA A . n 
A 1 48  ASP 48  29  29  ASP ASP A . n 
A 1 49  TRP 49  30  30  TRP TRP A . n 
A 1 50  VAL 50  31  31  VAL VAL A . n 
A 1 51  THR 51  32  32  THR THR A . n 
A 1 52  VAL 52  33  33  VAL VAL A . n 
A 1 53  VAL 53  34  34  VAL VAL A . n 
A 1 54  SER 54  35  35  SER SER A . n 
A 1 55  PHE 55  36  36  PHE PHE A . n 
A 1 56  ASP 56  37  37  ASP ASP A . n 
A 1 57  PRO 57  38  38  PRO PRO A . n 
A 1 58  PHE 58  39  39  PHE PHE A . n 
A 1 59  ILE 59  40  40  ILE ILE A . n 
A 1 60  VAL 60  41  41  VAL VAL A . n 
A 1 61  GLY 61  42  42  GLY GLY A . n 
A 1 62  VAL 62  43  43  VAL VAL A . n 
A 1 63  ALA 63  44  44  ALA ALA A . n 
A 1 64  VAL 64  45  45  VAL VAL A . n 
A 1 65  ALA 65  46  46  ALA ALA A . n 
A 1 66  PRO 66  47  47  PRO PRO A . n 
A 1 67  LYS 67  48  48  LYS LYS A . n 
A 1 68  ARG 68  49  49  ARG ARG A . n 
A 1 69  THR 69  50  50  THR THR A . n 
A 1 70  THR 70  51  51  THR THR A . n 
A 1 71  HIS 71  52  52  HIS HIS A . n 
A 1 72  LYS 72  53  53  LYS LYS A . n 
A 1 73  LEU 73  54  54  LEU LEU A . n 
A 1 74  ILE 74  55  55  ILE ILE A . n 
A 1 75  LYS 75  56  56  LYS LYS A . n 
A 1 76  LYS 76  57  57  LYS LYS A . n 
A 1 77  TYR 77  58  58  TYR TYR A . n 
A 1 78  GLY 78  59  59  GLY GLY A . n 
A 1 79  GLU 79  60  60  GLU GLU A . n 
A 1 80  PHE 80  61  61  PHE PHE A . n 
A 1 81  VAL 81  62  62  VAL VAL A . n 
A 1 82  ILE 82  63  63  ILE ILE A . n 
A 1 83  SER 83  64  64  SER SER A . n 
A 1 84  VAL 84  65  65  VAL VAL A . n 
A 1 85  PRO 85  66  66  PRO PRO A . n 
A 1 86  SER 86  67  67  SER SER A . n 
A 1 87  LEU 87  68  68  LEU LEU A . n 
A 1 88  ASP 88  69  69  ASP ASP A . n 
A 1 89  VAL 89  70  70  VAL VAL A . n 
A 1 90  LEU 90  71  71  LEU LEU A . n 
A 1 91  ARG 91  72  72  ARG ARG A . n 
A 1 92  ASP 92  73  73  ASP ASP A . n 
A 1 93  VAL 93  74  74  VAL VAL A . n 
A 1 94  TRP 94  75  75  TRP TRP A . n 
A 1 95  ILE 95  76  76  ILE ILE A . n 
A 1 96  ALA 96  77  77  ALA ALA A . n 
A 1 97  GLY 97  78  78  GLY GLY A . n 
A 1 98  THR 98  79  79  THR THR A . n 
A 1 99  LYS 99  80  80  LYS LYS A . n 
A 1 100 LYS 100 81  81  LYS LYS A . n 
A 1 101 GLY 101 82  82  GLY GLY A . n 
A 1 102 PRO 102 83  83  PRO PRO A . n 
A 1 103 SER 103 84  84  SER SER A . n 
A 1 104 LYS 104 85  85  LYS LYS A . n 
A 1 105 LEU 105 86  86  LEU LEU A . n 
A 1 106 LYS 106 87  87  LYS LYS A . n 
A 1 107 GLU 107 88  88  GLU GLU A . n 
A 1 108 MET 108 89  89  MET MET A . n 
A 1 109 SER 109 90  90  SER SER A . n 
A 1 110 VAL 110 91  91  VAL VAL A . n 
A 1 111 THR 111 92  92  THR THR A . n 
A 1 112 LEU 112 93  93  LEU LEU A . n 
A 1 113 ILE 113 94  94  ILE ILE A . n 
A 1 114 PRO 114 95  95  PRO PRO A . n 
A 1 115 SER 115 96  96  SER SER A . n 
A 1 116 LYS 116 97  97  LYS LYS A . n 
A 1 117 LYS 117 98  98  LYS LYS A . n 
A 1 118 VAL 118 99  99  VAL VAL A . n 
A 1 119 LYS 119 100 100 LYS LYS A . n 
A 1 120 VAL 120 101 101 VAL VAL A . n 
A 1 121 PRO 121 102 102 PRO PRO A . n 
A 1 122 SER 122 103 103 SER SER A . n 
A 1 123 ILE 123 104 104 ILE ILE A . n 
A 1 124 GLU 124 105 105 GLU GLU A . n 
A 1 125 GLU 125 106 106 GLU GLU A . n 
A 1 126 ALA 126 107 107 ALA ALA A . n 
A 1 127 LEU 127 108 108 LEU LEU A . n 
A 1 128 ALA 128 109 109 ALA ALA A . n 
A 1 129 ASN 129 110 110 ASN ASN A . n 
A 1 130 ILE 130 111 111 ILE ILE A . n 
A 1 131 GLU 131 112 112 GLU GLU A . n 
A 1 132 CYS 132 113 113 CYS CYS A . n 
A 1 133 ARG 133 114 114 ARG ARG A . n 
A 1 134 VAL 134 115 115 VAL VAL A . n 
A 1 135 ILE 135 116 116 ILE ILE A . n 
A 1 136 ASP 136 117 117 ASP ASP A . n 
A 1 137 ALA 137 118 118 ALA ALA A . n 
A 1 138 ARG 138 119 119 ARG ARG A . n 
A 1 139 SER 139 120 120 SER SER A . n 
A 1 140 TYR 140 121 121 TYR TYR A . n 
A 1 141 GLY 141 122 122 GLY GLY A . n 
A 1 142 ASP 142 123 123 ASP ASP A . n 
A 1 143 HIS 143 124 124 HIS HIS A . n 
A 1 144 THR 144 125 125 THR THR A . n 
A 1 145 PHE 145 126 126 PHE PHE A . n 
A 1 146 PHE 146 127 127 PHE PHE A . n 
A 1 147 VAL 147 128 128 VAL VAL A . n 
A 1 148 GLY 148 129 129 GLY GLY A . n 
A 1 149 GLU 149 130 130 GLU GLU A . n 
A 1 150 VAL 150 131 131 VAL VAL A . n 
A 1 151 VAL 151 132 132 VAL VAL A . n 
A 1 152 GLY 152 133 133 GLY GLY A . n 
A 1 153 TYR 153 134 134 TYR TYR A . n 
A 1 154 THR 154 135 135 THR THR A . n 
A 1 155 TYR 155 136 136 TYR TYR A . n 
A 1 156 LYS 156 137 137 LYS LYS A . n 
A 1 157 ASP 157 138 138 ASP ASP A . n 
A 1 158 TYR 158 139 139 TYR TYR A . n 
A 1 159 ALA 159 140 140 ALA ALA A . n 
A 1 160 PHE 160 141 141 PHE PHE A . n 
A 1 161 GLU 161 142 142 GLU GLU A . n 
A 1 162 LYS 162 143 143 LYS LYS A . n 
A 1 163 GLY 163 144 144 GLY GLY A . n 
A 1 164 LYS 164 145 145 LYS LYS A . n 
A 1 165 PRO 165 146 146 PRO PRO A . n 
A 1 166 ASN 166 147 147 ASN ASN A . n 
A 1 167 LEU 167 148 148 LEU LEU A . n 
A 1 168 LYS 168 149 149 LYS LYS A . n 
A 1 169 ALA 169 150 150 ALA ALA A . n 
A 1 170 LYS 170 151 151 LYS LYS A . n 
A 1 171 PHE 171 152 152 PHE PHE A . n 
A 1 172 LEU 172 153 153 LEU LEU A . n 
A 1 173 ALA 173 154 154 ALA ALA A . n 
A 1 174 HIS 174 155 155 HIS HIS A . n 
A 1 175 VAL 175 156 156 VAL VAL A . n 
A 1 176 SER 176 157 157 SER SER A . n 
A 1 177 TRP 177 158 158 TRP TRP A . n 
A 1 178 SER 178 159 159 SER SER A . n 
A 1 179 GLU 179 160 160 GLU GLU A . n 
A 1 180 PHE 180 161 161 PHE PHE A . n 
A 1 181 VAL 181 162 162 VAL VAL A . n 
A 1 182 THR 182 163 163 THR THR A . n 
A 1 183 PHE 183 164 164 PHE PHE A . n 
A 1 184 SER 184 165 165 SER SER A . n 
A 1 185 GLU 185 166 166 GLU GLU A . n 
A 1 186 LYS 186 167 167 LYS LYS A . n 
A 1 187 VAL 187 168 168 VAL VAL A . n 
A 1 188 HIS 188 169 169 HIS HIS A . n 
A 1 189 LYS 189 170 170 LYS LYS A . n 
A 1 190 ALA 190 171 171 ALA ALA A . n 
A 1 191 GLU 191 172 172 GLU GLU A . n 
# 
loop_
_pdbx_nonpoly_scheme.asym_id 
_pdbx_nonpoly_scheme.entity_id 
_pdbx_nonpoly_scheme.mon_id 
_pdbx_nonpoly_scheme.ndb_seq_num 
_pdbx_nonpoly_scheme.pdb_seq_num 
_pdbx_nonpoly_scheme.auth_seq_num 
_pdbx_nonpoly_scheme.pdb_mon_id 
_pdbx_nonpoly_scheme.auth_mon_id 
_pdbx_nonpoly_scheme.pdb_strand_id 
_pdbx_nonpoly_scheme.pdb_ins_code 
B 2 FMN 1  173  173  FMN FMN A . 
C 3 HBA 1  1173 1173 HBA HBA A . 
D 4 HOH 1  2001 2001 HOH HOH A . 
D 4 HOH 2  2002 2002 HOH HOH A . 
D 4 HOH 3  2003 2003 HOH HOH A . 
D 4 HOH 4  2004 2004 HOH HOH A . 
D 4 HOH 5  2005 2005 HOH HOH A . 
D 4 HOH 6  2006 2006 HOH HOH A . 
D 4 HOH 7  2007 2007 HOH HOH A . 
D 4 HOH 8  2008 2008 HOH HOH A . 
D 4 HOH 9  2009 2009 HOH HOH A . 
D 4 HOH 10 2010 2010 HOH HOH A . 
D 4 HOH 11 2011 2011 HOH HOH A . 
D 4 HOH 12 2012 2012 HOH HOH A . 
D 4 HOH 13 2013 2013 HOH HOH A . 
D 4 HOH 14 2014 2014 HOH HOH A . 
D 4 HOH 15 2015 2015 HOH HOH A . 
D 4 HOH 16 2016 2016 HOH HOH A . 
D 4 HOH 17 2017 2017 HOH HOH A . 
D 4 HOH 18 2018 2018 HOH HOH A . 
# 
_pdbx_struct_assembly.id                   1 
_pdbx_struct_assembly.details              author_and_software_defined_assembly 
_pdbx_struct_assembly.method_details       PISA 
_pdbx_struct_assembly.oligomeric_details   dimeric 
_pdbx_struct_assembly.oligomeric_count     2 
# 
_pdbx_struct_assembly_gen.assembly_id       1 
_pdbx_struct_assembly_gen.oper_expression   1,2 
_pdbx_struct_assembly_gen.asym_id_list      A,B,C,D 
# 
loop_
_pdbx_struct_assembly_prop.biol_id 
_pdbx_struct_assembly_prop.type 
_pdbx_struct_assembly_prop.value 
_pdbx_struct_assembly_prop.details 
1 'ABSA (A^2)' 8550  ? 
1 MORE         -47.1 ? 
1 'SSA (A^2)'  14510 ? 
# 
loop_
_pdbx_struct_oper_list.id 
_pdbx_struct_oper_list.type 
_pdbx_struct_oper_list.name 
_pdbx_struct_oper_list.symmetry_operation 
_pdbx_struct_oper_list.matrix[1][1] 
_pdbx_struct_oper_list.matrix[1][2] 
_pdbx_struct_oper_list.matrix[1][3] 
_pdbx_struct_oper_list.vector[1] 
_pdbx_struct_oper_list.matrix[2][1] 
_pdbx_struct_oper_list.matrix[2][2] 
_pdbx_struct_oper_list.matrix[2][3] 
_pdbx_struct_oper_list.vector[2] 
_pdbx_struct_oper_list.matrix[3][1] 
_pdbx_struct_oper_list.matrix[3][2] 
_pdbx_struct_oper_list.matrix[3][3] 
_pdbx_struct_oper_list.vector[3] 
1 'identity operation'         1_555  x,y,z            1.0000000000  0.0000000000 0.0000000000 0.0000000000   0.0000000000 1.0000000000  0.0000000000 0.0000000000  0.0000000000 0.0000000000 1.0000000000  0.0000000000  
2 'crystal symmetry operation' 10_444 -y-1,-x-1,-z-1/6 -0.5900834055 0.5569420128 0.5844802554 -14.0296768492 0.5569420128 -0.2432987349 0.7941166917 15.1539429304 0.5844802554 0.7941166917 -0.1666178596 -4.6004464604 
# 
loop_
_pdbx_audit_revision_history.ordinal 
_pdbx_audit_revision_history.data_content_type 
_pdbx_audit_revision_history.major_revision 
_pdbx_audit_revision_history.minor_revision 
_pdbx_audit_revision_history.revision_date 
1 'Structure model' 1 0 2014-05-14 
2 'Structure model' 1 1 2014-07-02 
3 'Structure model' 1 2 2019-03-06 
4 'Structure model' 1 3 2023-12-20 
# 
_pdbx_audit_revision_details.ordinal             1 
_pdbx_audit_revision_details.revision_ordinal    1 
_pdbx_audit_revision_details.data_content_type   'Structure model' 
_pdbx_audit_revision_details.provider            repository 
_pdbx_audit_revision_details.type                'Initial release' 
_pdbx_audit_revision_details.description         ? 
_pdbx_audit_revision_details.details             ? 
# 
loop_
_pdbx_audit_revision_group.ordinal 
_pdbx_audit_revision_group.revision_ordinal 
_pdbx_audit_revision_group.data_content_type 
_pdbx_audit_revision_group.group 
1 2 'Structure model' 'Database references'      
2 3 'Structure model' 'Data collection'          
3 3 'Structure model' 'Experimental preparation' 
4 3 'Structure model' Other                      
5 4 'Structure model' 'Data collection'          
6 4 'Structure model' 'Database references'      
7 4 'Structure model' 'Derived calculations'     
8 4 'Structure model' Other                      
9 4 'Structure model' 'Refinement description'   
# 
loop_
_pdbx_audit_revision_category.ordinal 
_pdbx_audit_revision_category.revision_ordinal 
_pdbx_audit_revision_category.data_content_type 
_pdbx_audit_revision_category.category 
1  3 'Structure model' database_PDB_rev              
2  3 'Structure model' database_PDB_rev_record       
3  3 'Structure model' exptl_crystal_grow            
4  3 'Structure model' pdbx_database_proc            
5  3 'Structure model' pdbx_database_status          
6  4 'Structure model' chem_comp_atom                
7  4 'Structure model' chem_comp_bond                
8  4 'Structure model' database_2                    
9  4 'Structure model' pdbx_database_status          
10 4 'Structure model' pdbx_initial_refinement_model 
11 4 'Structure model' struct_site                   
# 
loop_
_pdbx_audit_revision_item.ordinal 
_pdbx_audit_revision_item.revision_ordinal 
_pdbx_audit_revision_item.data_content_type 
_pdbx_audit_revision_item.item 
1 3 'Structure model' '_exptl_crystal_grow.method'                  
2 3 'Structure model' '_exptl_crystal_grow.temp'                    
3 3 'Structure model' '_pdbx_database_status.recvd_author_approval' 
4 4 'Structure model' '_database_2.pdbx_DOI'                        
5 4 'Structure model' '_database_2.pdbx_database_accession'         
6 4 'Structure model' '_pdbx_database_status.status_code_sf'        
7 4 'Structure model' '_struct_site.pdbx_auth_asym_id'              
8 4 'Structure model' '_struct_site.pdbx_auth_comp_id'              
9 4 'Structure model' '_struct_site.pdbx_auth_seq_id'               
# 
loop_
_software.name 
_software.classification 
_software.version 
_software.citation_id 
_software.pdbx_ordinal 
REFMAC refinement       5.7.0029 ? 1 
XDS    'data reduction' .        ? 2 
PHASER phasing          .        ? 3 
# 
loop_
_pdbx_validate_torsion.id 
_pdbx_validate_torsion.PDB_model_num 
_pdbx_validate_torsion.auth_comp_id 
_pdbx_validate_torsion.auth_asym_id 
_pdbx_validate_torsion.auth_seq_id 
_pdbx_validate_torsion.PDB_ins_code 
_pdbx_validate_torsion.label_alt_id 
_pdbx_validate_torsion.phi 
_pdbx_validate_torsion.psi 
1 1 ALA A 109 ? ? -171.71 145.23  
2 1 THR A 163 ? ? -112.85 -169.86 
# 
loop_
_pdbx_unobs_or_zero_occ_residues.id 
_pdbx_unobs_or_zero_occ_residues.PDB_model_num 
_pdbx_unobs_or_zero_occ_residues.polymer_flag 
_pdbx_unobs_or_zero_occ_residues.occupancy_flag 
_pdbx_unobs_or_zero_occ_residues.auth_asym_id 
_pdbx_unobs_or_zero_occ_residues.auth_comp_id 
_pdbx_unobs_or_zero_occ_residues.auth_seq_id 
_pdbx_unobs_or_zero_occ_residues.PDB_ins_code 
_pdbx_unobs_or_zero_occ_residues.label_asym_id 
_pdbx_unobs_or_zero_occ_residues.label_comp_id 
_pdbx_unobs_or_zero_occ_residues.label_seq_id 
1  1 Y 1 A MET -18 ? A MET 1  
2  1 Y 1 A GLY -17 ? A GLY 2  
3  1 Y 1 A SER -16 ? A SER 3  
4  1 Y 1 A ASP -15 ? A ASP 4  
5  1 Y 1 A LYS -14 ? A LYS 5  
6  1 Y 1 A ILE -13 ? A ILE 6  
7  1 Y 1 A HIS -12 ? A HIS 7  
8  1 Y 1 A HIS -11 ? A HIS 8  
9  1 Y 1 A HIS -10 ? A HIS 9  
10 1 Y 1 A HIS -9  ? A HIS 10 
11 1 Y 1 A HIS -8  ? A HIS 11 
12 1 Y 1 A HIS -7  ? A HIS 12 
13 1 Y 1 A GLU -6  ? A GLU 13 
14 1 Y 1 A ASN -5  ? A ASN 14 
15 1 Y 1 A LEU -4  ? A LEU 15 
# 
loop_
_chem_comp_atom.comp_id 
_chem_comp_atom.atom_id 
_chem_comp_atom.type_symbol 
_chem_comp_atom.pdbx_aromatic_flag 
_chem_comp_atom.pdbx_stereo_config 
_chem_comp_atom.pdbx_ordinal 
ALA N      N N N 1   
ALA CA     C N S 2   
ALA C      C N N 3   
ALA O      O N N 4   
ALA CB     C N N 5   
ALA OXT    O N N 6   
ALA H      H N N 7   
ALA H2     H N N 8   
ALA HA     H N N 9   
ALA HB1    H N N 10  
ALA HB2    H N N 11  
ALA HB3    H N N 12  
ALA HXT    H N N 13  
ARG N      N N N 14  
ARG CA     C N S 15  
ARG C      C N N 16  
ARG O      O N N 17  
ARG CB     C N N 18  
ARG CG     C N N 19  
ARG CD     C N N 20  
ARG NE     N N N 21  
ARG CZ     C N N 22  
ARG NH1    N N N 23  
ARG NH2    N N N 24  
ARG OXT    O N N 25  
ARG H      H N N 26  
ARG H2     H N N 27  
ARG HA     H N N 28  
ARG HB2    H N N 29  
ARG HB3    H N N 30  
ARG HG2    H N N 31  
ARG HG3    H N N 32  
ARG HD2    H N N 33  
ARG HD3    H N N 34  
ARG HE     H N N 35  
ARG HH11   H N N 36  
ARG HH12   H N N 37  
ARG HH21   H N N 38  
ARG HH22   H N N 39  
ARG HXT    H N N 40  
ASN N      N N N 41  
ASN CA     C N S 42  
ASN C      C N N 43  
ASN O      O N N 44  
ASN CB     C N N 45  
ASN CG     C N N 46  
ASN OD1    O N N 47  
ASN ND2    N N N 48  
ASN OXT    O N N 49  
ASN H      H N N 50  
ASN H2     H N N 51  
ASN HA     H N N 52  
ASN HB2    H N N 53  
ASN HB3    H N N 54  
ASN HD21   H N N 55  
ASN HD22   H N N 56  
ASN HXT    H N N 57  
ASP N      N N N 58  
ASP CA     C N S 59  
ASP C      C N N 60  
ASP O      O N N 61  
ASP CB     C N N 62  
ASP CG     C N N 63  
ASP OD1    O N N 64  
ASP OD2    O N N 65  
ASP OXT    O N N 66  
ASP H      H N N 67  
ASP H2     H N N 68  
ASP HA     H N N 69  
ASP HB2    H N N 70  
ASP HB3    H N N 71  
ASP HD2    H N N 72  
ASP HXT    H N N 73  
CYS N      N N N 74  
CYS CA     C N R 75  
CYS C      C N N 76  
CYS O      O N N 77  
CYS CB     C N N 78  
CYS SG     S N N 79  
CYS OXT    O N N 80  
CYS H      H N N 81  
CYS H2     H N N 82  
CYS HA     H N N 83  
CYS HB2    H N N 84  
CYS HB3    H N N 85  
CYS HG     H N N 86  
CYS HXT    H N N 87  
FMN N1     N N N 88  
FMN C2     C N N 89  
FMN O2     O N N 90  
FMN N3     N N N 91  
FMN C4     C N N 92  
FMN O4     O N N 93  
FMN C4A    C N N 94  
FMN N5     N N N 95  
FMN C5A    C Y N 96  
FMN C6     C Y N 97  
FMN C7     C Y N 98  
FMN C7M    C N N 99  
FMN C8     C Y N 100 
FMN C8M    C N N 101 
FMN C9     C Y N 102 
FMN C9A    C Y N 103 
FMN N10    N N N 104 
FMN C10    C N N 105 
FMN "C1'"  C N N 106 
FMN "C2'"  C N S 107 
FMN "O2'"  O N N 108 
FMN "C3'"  C N S 109 
FMN "O3'"  O N N 110 
FMN "C4'"  C N R 111 
FMN "O4'"  O N N 112 
FMN "C5'"  C N N 113 
FMN "O5'"  O N N 114 
FMN P      P N N 115 
FMN O1P    O N N 116 
FMN O2P    O N N 117 
FMN O3P    O N N 118 
FMN HN3    H N N 119 
FMN H6     H N N 120 
FMN HM71   H N N 121 
FMN HM72   H N N 122 
FMN HM73   H N N 123 
FMN HM81   H N N 124 
FMN HM82   H N N 125 
FMN HM83   H N N 126 
FMN H9     H N N 127 
FMN "H1'1" H N N 128 
FMN "H1'2" H N N 129 
FMN "H2'"  H N N 130 
FMN "HO2'" H N N 131 
FMN "H3'"  H N N 132 
FMN "HO3'" H N N 133 
FMN "H4'"  H N N 134 
FMN "HO4'" H N N 135 
FMN "H5'1" H N N 136 
FMN "H5'2" H N N 137 
FMN HOP2   H N N 138 
FMN HOP3   H N N 139 
GLN N      N N N 140 
GLN CA     C N S 141 
GLN C      C N N 142 
GLN O      O N N 143 
GLN CB     C N N 144 
GLN CG     C N N 145 
GLN CD     C N N 146 
GLN OE1    O N N 147 
GLN NE2    N N N 148 
GLN OXT    O N N 149 
GLN H      H N N 150 
GLN H2     H N N 151 
GLN HA     H N N 152 
GLN HB2    H N N 153 
GLN HB3    H N N 154 
GLN HG2    H N N 155 
GLN HG3    H N N 156 
GLN HE21   H N N 157 
GLN HE22   H N N 158 
GLN HXT    H N N 159 
GLU N      N N N 160 
GLU CA     C N S 161 
GLU C      C N N 162 
GLU O      O N N 163 
GLU CB     C N N 164 
GLU CG     C N N 165 
GLU CD     C N N 166 
GLU OE1    O N N 167 
GLU OE2    O N N 168 
GLU OXT    O N N 169 
GLU H      H N N 170 
GLU H2     H N N 171 
GLU HA     H N N 172 
GLU HB2    H N N 173 
GLU HB3    H N N 174 
GLU HG2    H N N 175 
GLU HG3    H N N 176 
GLU HE2    H N N 177 
GLU HXT    H N N 178 
GLY N      N N N 179 
GLY CA     C N N 180 
GLY C      C N N 181 
GLY O      O N N 182 
GLY OXT    O N N 183 
GLY H      H N N 184 
GLY H2     H N N 185 
GLY HA2    H N N 186 
GLY HA3    H N N 187 
GLY HXT    H N N 188 
HBA "C1'"  C N N 189 
HBA "O1'"  O N N 190 
HBA C1     C Y N 191 
HBA C2     C Y N 192 
HBA C3     C Y N 193 
HBA C4     C Y N 194 
HBA C5     C Y N 195 
HBA C6     C Y N 196 
HBA O4     O N N 197 
HBA "H1'"  H N N 198 
HBA H2     H N N 199 
HBA H3     H N N 200 
HBA H5     H N N 201 
HBA H6     H N N 202 
HBA HO4    H N N 203 
HIS N      N N N 204 
HIS CA     C N S 205 
HIS C      C N N 206 
HIS O      O N N 207 
HIS CB     C N N 208 
HIS CG     C Y N 209 
HIS ND1    N Y N 210 
HIS CD2    C Y N 211 
HIS CE1    C Y N 212 
HIS NE2    N Y N 213 
HIS OXT    O N N 214 
HIS H      H N N 215 
HIS H2     H N N 216 
HIS HA     H N N 217 
HIS HB2    H N N 218 
HIS HB3    H N N 219 
HIS HD1    H N N 220 
HIS HD2    H N N 221 
HIS HE1    H N N 222 
HIS HE2    H N N 223 
HIS HXT    H N N 224 
HOH O      O N N 225 
HOH H1     H N N 226 
HOH H2     H N N 227 
ILE N      N N N 228 
ILE CA     C N S 229 
ILE C      C N N 230 
ILE O      O N N 231 
ILE CB     C N S 232 
ILE CG1    C N N 233 
ILE CG2    C N N 234 
ILE CD1    C N N 235 
ILE OXT    O N N 236 
ILE H      H N N 237 
ILE H2     H N N 238 
ILE HA     H N N 239 
ILE HB     H N N 240 
ILE HG12   H N N 241 
ILE HG13   H N N 242 
ILE HG21   H N N 243 
ILE HG22   H N N 244 
ILE HG23   H N N 245 
ILE HD11   H N N 246 
ILE HD12   H N N 247 
ILE HD13   H N N 248 
ILE HXT    H N N 249 
LEU N      N N N 250 
LEU CA     C N S 251 
LEU C      C N N 252 
LEU O      O N N 253 
LEU CB     C N N 254 
LEU CG     C N N 255 
LEU CD1    C N N 256 
LEU CD2    C N N 257 
LEU OXT    O N N 258 
LEU H      H N N 259 
LEU H2     H N N 260 
LEU HA     H N N 261 
LEU HB2    H N N 262 
LEU HB3    H N N 263 
LEU HG     H N N 264 
LEU HD11   H N N 265 
LEU HD12   H N N 266 
LEU HD13   H N N 267 
LEU HD21   H N N 268 
LEU HD22   H N N 269 
LEU HD23   H N N 270 
LEU HXT    H N N 271 
LYS N      N N N 272 
LYS CA     C N S 273 
LYS C      C N N 274 
LYS O      O N N 275 
LYS CB     C N N 276 
LYS CG     C N N 277 
LYS CD     C N N 278 
LYS CE     C N N 279 
LYS NZ     N N N 280 
LYS OXT    O N N 281 
LYS H      H N N 282 
LYS H2     H N N 283 
LYS HA     H N N 284 
LYS HB2    H N N 285 
LYS HB3    H N N 286 
LYS HG2    H N N 287 
LYS HG3    H N N 288 
LYS HD2    H N N 289 
LYS HD3    H N N 290 
LYS HE2    H N N 291 
LYS HE3    H N N 292 
LYS HZ1    H N N 293 
LYS HZ2    H N N 294 
LYS HZ3    H N N 295 
LYS HXT    H N N 296 
MET N      N N N 297 
MET CA     C N S 298 
MET C      C N N 299 
MET O      O N N 300 
MET CB     C N N 301 
MET CG     C N N 302 
MET SD     S N N 303 
MET CE     C N N 304 
MET OXT    O N N 305 
MET H      H N N 306 
MET H2     H N N 307 
MET HA     H N N 308 
MET HB2    H N N 309 
MET HB3    H N N 310 
MET HG2    H N N 311 
MET HG3    H N N 312 
MET HE1    H N N 313 
MET HE2    H N N 314 
MET HE3    H N N 315 
MET HXT    H N N 316 
PHE N      N N N 317 
PHE CA     C N S 318 
PHE C      C N N 319 
PHE O      O N N 320 
PHE CB     C N N 321 
PHE CG     C Y N 322 
PHE CD1    C Y N 323 
PHE CD2    C Y N 324 
PHE CE1    C Y N 325 
PHE CE2    C Y N 326 
PHE CZ     C Y N 327 
PHE OXT    O N N 328 
PHE H      H N N 329 
PHE H2     H N N 330 
PHE HA     H N N 331 
PHE HB2    H N N 332 
PHE HB3    H N N 333 
PHE HD1    H N N 334 
PHE HD2    H N N 335 
PHE HE1    H N N 336 
PHE HE2    H N N 337 
PHE HZ     H N N 338 
PHE HXT    H N N 339 
PRO N      N N N 340 
PRO CA     C N S 341 
PRO C      C N N 342 
PRO O      O N N 343 
PRO CB     C N N 344 
PRO CG     C N N 345 
PRO CD     C N N 346 
PRO OXT    O N N 347 
PRO H      H N N 348 
PRO HA     H N N 349 
PRO HB2    H N N 350 
PRO HB3    H N N 351 
PRO HG2    H N N 352 
PRO HG3    H N N 353 
PRO HD2    H N N 354 
PRO HD3    H N N 355 
PRO HXT    H N N 356 
SER N      N N N 357 
SER CA     C N S 358 
SER C      C N N 359 
SER O      O N N 360 
SER CB     C N N 361 
SER OG     O N N 362 
SER OXT    O N N 363 
SER H      H N N 364 
SER H2     H N N 365 
SER HA     H N N 366 
SER HB2    H N N 367 
SER HB3    H N N 368 
SER HG     H N N 369 
SER HXT    H N N 370 
THR N      N N N 371 
THR CA     C N S 372 
THR C      C N N 373 
THR O      O N N 374 
THR CB     C N R 375 
THR OG1    O N N 376 
THR CG2    C N N 377 
THR OXT    O N N 378 
THR H      H N N 379 
THR H2     H N N 380 
THR HA     H N N 381 
THR HB     H N N 382 
THR HG1    H N N 383 
THR HG21   H N N 384 
THR HG22   H N N 385 
THR HG23   H N N 386 
THR HXT    H N N 387 
TRP N      N N N 388 
TRP CA     C N S 389 
TRP C      C N N 390 
TRP O      O N N 391 
TRP CB     C N N 392 
TRP CG     C Y N 393 
TRP CD1    C Y N 394 
TRP CD2    C Y N 395 
TRP NE1    N Y N 396 
TRP CE2    C Y N 397 
TRP CE3    C Y N 398 
TRP CZ2    C Y N 399 
TRP CZ3    C Y N 400 
TRP CH2    C Y N 401 
TRP OXT    O N N 402 
TRP H      H N N 403 
TRP H2     H N N 404 
TRP HA     H N N 405 
TRP HB2    H N N 406 
TRP HB3    H N N 407 
TRP HD1    H N N 408 
TRP HE1    H N N 409 
TRP HE3    H N N 410 
TRP HZ2    H N N 411 
TRP HZ3    H N N 412 
TRP HH2    H N N 413 
TRP HXT    H N N 414 
TYR N      N N N 415 
TYR CA     C N S 416 
TYR C      C N N 417 
TYR O      O N N 418 
TYR CB     C N N 419 
TYR CG     C Y N 420 
TYR CD1    C Y N 421 
TYR CD2    C Y N 422 
TYR CE1    C Y N 423 
TYR CE2    C Y N 424 
TYR CZ     C Y N 425 
TYR OH     O N N 426 
TYR OXT    O N N 427 
TYR H      H N N 428 
TYR H2     H N N 429 
TYR HA     H N N 430 
TYR HB2    H N N 431 
TYR HB3    H N N 432 
TYR HD1    H N N 433 
TYR HD2    H N N 434 
TYR HE1    H N N 435 
TYR HE2    H N N 436 
TYR HH     H N N 437 
TYR HXT    H N N 438 
VAL N      N N N 439 
VAL CA     C N S 440 
VAL C      C N N 441 
VAL O      O N N 442 
VAL CB     C N N 443 
VAL CG1    C N N 444 
VAL CG2    C N N 445 
VAL OXT    O N N 446 
VAL H      H N N 447 
VAL H2     H N N 448 
VAL HA     H N N 449 
VAL HB     H N N 450 
VAL HG11   H N N 451 
VAL HG12   H N N 452 
VAL HG13   H N N 453 
VAL HG21   H N N 454 
VAL HG22   H N N 455 
VAL HG23   H N N 456 
VAL HXT    H N N 457 
# 
loop_
_chem_comp_bond.comp_id 
_chem_comp_bond.atom_id_1 
_chem_comp_bond.atom_id_2 
_chem_comp_bond.value_order 
_chem_comp_bond.pdbx_aromatic_flag 
_chem_comp_bond.pdbx_stereo_config 
_chem_comp_bond.pdbx_ordinal 
ALA N     CA     sing N N 1   
ALA N     H      sing N N 2   
ALA N     H2     sing N N 3   
ALA CA    C      sing N N 4   
ALA CA    CB     sing N N 5   
ALA CA    HA     sing N N 6   
ALA C     O      doub N N 7   
ALA C     OXT    sing N N 8   
ALA CB    HB1    sing N N 9   
ALA CB    HB2    sing N N 10  
ALA CB    HB3    sing N N 11  
ALA OXT   HXT    sing N N 12  
ARG N     CA     sing N N 13  
ARG N     H      sing N N 14  
ARG N     H2     sing N N 15  
ARG CA    C      sing N N 16  
ARG CA    CB     sing N N 17  
ARG CA    HA     sing N N 18  
ARG C     O      doub N N 19  
ARG C     OXT    sing N N 20  
ARG CB    CG     sing N N 21  
ARG CB    HB2    sing N N 22  
ARG CB    HB3    sing N N 23  
ARG CG    CD     sing N N 24  
ARG CG    HG2    sing N N 25  
ARG CG    HG3    sing N N 26  
ARG CD    NE     sing N N 27  
ARG CD    HD2    sing N N 28  
ARG CD    HD3    sing N N 29  
ARG NE    CZ     sing N N 30  
ARG NE    HE     sing N N 31  
ARG CZ    NH1    sing N N 32  
ARG CZ    NH2    doub N N 33  
ARG NH1   HH11   sing N N 34  
ARG NH1   HH12   sing N N 35  
ARG NH2   HH21   sing N N 36  
ARG NH2   HH22   sing N N 37  
ARG OXT   HXT    sing N N 38  
ASN N     CA     sing N N 39  
ASN N     H      sing N N 40  
ASN N     H2     sing N N 41  
ASN CA    C      sing N N 42  
ASN CA    CB     sing N N 43  
ASN CA    HA     sing N N 44  
ASN C     O      doub N N 45  
ASN C     OXT    sing N N 46  
ASN CB    CG     sing N N 47  
ASN CB    HB2    sing N N 48  
ASN CB    HB3    sing N N 49  
ASN CG    OD1    doub N N 50  
ASN CG    ND2    sing N N 51  
ASN ND2   HD21   sing N N 52  
ASN ND2   HD22   sing N N 53  
ASN OXT   HXT    sing N N 54  
ASP N     CA     sing N N 55  
ASP N     H      sing N N 56  
ASP N     H2     sing N N 57  
ASP CA    C      sing N N 58  
ASP CA    CB     sing N N 59  
ASP CA    HA     sing N N 60  
ASP C     O      doub N N 61  
ASP C     OXT    sing N N 62  
ASP CB    CG     sing N N 63  
ASP CB    HB2    sing N N 64  
ASP CB    HB3    sing N N 65  
ASP CG    OD1    doub N N 66  
ASP CG    OD2    sing N N 67  
ASP OD2   HD2    sing N N 68  
ASP OXT   HXT    sing N N 69  
CYS N     CA     sing N N 70  
CYS N     H      sing N N 71  
CYS N     H2     sing N N 72  
CYS CA    C      sing N N 73  
CYS CA    CB     sing N N 74  
CYS CA    HA     sing N N 75  
CYS C     O      doub N N 76  
CYS C     OXT    sing N N 77  
CYS CB    SG     sing N N 78  
CYS CB    HB2    sing N N 79  
CYS CB    HB3    sing N N 80  
CYS SG    HG     sing N N 81  
CYS OXT   HXT    sing N N 82  
FMN N1    C2     sing N N 83  
FMN N1    C10    doub N N 84  
FMN C2    O2     doub N N 85  
FMN C2    N3     sing N N 86  
FMN N3    C4     sing N N 87  
FMN N3    HN3    sing N N 88  
FMN C4    O4     doub N N 89  
FMN C4    C4A    sing N N 90  
FMN C4A   N5     doub N N 91  
FMN C4A   C10    sing N N 92  
FMN N5    C5A    sing N N 93  
FMN C5A   C6     doub Y N 94  
FMN C5A   C9A    sing Y N 95  
FMN C6    C7     sing Y N 96  
FMN C6    H6     sing N N 97  
FMN C7    C7M    sing N N 98  
FMN C7    C8     doub Y N 99  
FMN C7M   HM71   sing N N 100 
FMN C7M   HM72   sing N N 101 
FMN C7M   HM73   sing N N 102 
FMN C8    C8M    sing N N 103 
FMN C8    C9     sing Y N 104 
FMN C8M   HM81   sing N N 105 
FMN C8M   HM82   sing N N 106 
FMN C8M   HM83   sing N N 107 
FMN C9    C9A    doub Y N 108 
FMN C9    H9     sing N N 109 
FMN C9A   N10    sing N N 110 
FMN N10   C10    sing N N 111 
FMN N10   "C1'"  sing N N 112 
FMN "C1'" "C2'"  sing N N 113 
FMN "C1'" "H1'1" sing N N 114 
FMN "C1'" "H1'2" sing N N 115 
FMN "C2'" "O2'"  sing N N 116 
FMN "C2'" "C3'"  sing N N 117 
FMN "C2'" "H2'"  sing N N 118 
FMN "O2'" "HO2'" sing N N 119 
FMN "C3'" "O3'"  sing N N 120 
FMN "C3'" "C4'"  sing N N 121 
FMN "C3'" "H3'"  sing N N 122 
FMN "O3'" "HO3'" sing N N 123 
FMN "C4'" "O4'"  sing N N 124 
FMN "C4'" "C5'"  sing N N 125 
FMN "C4'" "H4'"  sing N N 126 
FMN "O4'" "HO4'" sing N N 127 
FMN "C5'" "O5'"  sing N N 128 
FMN "C5'" "H5'1" sing N N 129 
FMN "C5'" "H5'2" sing N N 130 
FMN "O5'" P      sing N N 131 
FMN P     O1P    doub N N 132 
FMN P     O2P    sing N N 133 
FMN P     O3P    sing N N 134 
FMN O2P   HOP2   sing N N 135 
FMN O3P   HOP3   sing N N 136 
GLN N     CA     sing N N 137 
GLN N     H      sing N N 138 
GLN N     H2     sing N N 139 
GLN CA    C      sing N N 140 
GLN CA    CB     sing N N 141 
GLN CA    HA     sing N N 142 
GLN C     O      doub N N 143 
GLN C     OXT    sing N N 144 
GLN CB    CG     sing N N 145 
GLN CB    HB2    sing N N 146 
GLN CB    HB3    sing N N 147 
GLN CG    CD     sing N N 148 
GLN CG    HG2    sing N N 149 
GLN CG    HG3    sing N N 150 
GLN CD    OE1    doub N N 151 
GLN CD    NE2    sing N N 152 
GLN NE2   HE21   sing N N 153 
GLN NE2   HE22   sing N N 154 
GLN OXT   HXT    sing N N 155 
GLU N     CA     sing N N 156 
GLU N     H      sing N N 157 
GLU N     H2     sing N N 158 
GLU CA    C      sing N N 159 
GLU CA    CB     sing N N 160 
GLU CA    HA     sing N N 161 
GLU C     O      doub N N 162 
GLU C     OXT    sing N N 163 
GLU CB    CG     sing N N 164 
GLU CB    HB2    sing N N 165 
GLU CB    HB3    sing N N 166 
GLU CG    CD     sing N N 167 
GLU CG    HG2    sing N N 168 
GLU CG    HG3    sing N N 169 
GLU CD    OE1    doub N N 170 
GLU CD    OE2    sing N N 171 
GLU OE2   HE2    sing N N 172 
GLU OXT   HXT    sing N N 173 
GLY N     CA     sing N N 174 
GLY N     H      sing N N 175 
GLY N     H2     sing N N 176 
GLY CA    C      sing N N 177 
GLY CA    HA2    sing N N 178 
GLY CA    HA3    sing N N 179 
GLY C     O      doub N N 180 
GLY C     OXT    sing N N 181 
GLY OXT   HXT    sing N N 182 
HBA "C1'" "O1'"  doub N N 183 
HBA "C1'" C1     sing N N 184 
HBA "C1'" "H1'"  sing N N 185 
HBA C1    C2     sing Y N 186 
HBA C1    C6     doub Y N 187 
HBA C2    C3     doub Y N 188 
HBA C2    H2     sing N N 189 
HBA C3    C4     sing Y N 190 
HBA C3    H3     sing N N 191 
HBA C4    C5     doub Y N 192 
HBA C4    O4     sing N N 193 
HBA C5    C6     sing Y N 194 
HBA C5    H5     sing N N 195 
HBA C6    H6     sing N N 196 
HBA O4    HO4    sing N N 197 
HIS N     CA     sing N N 198 
HIS N     H      sing N N 199 
HIS N     H2     sing N N 200 
HIS CA    C      sing N N 201 
HIS CA    CB     sing N N 202 
HIS CA    HA     sing N N 203 
HIS C     O      doub N N 204 
HIS C     OXT    sing N N 205 
HIS CB    CG     sing N N 206 
HIS CB    HB2    sing N N 207 
HIS CB    HB3    sing N N 208 
HIS CG    ND1    sing Y N 209 
HIS CG    CD2    doub Y N 210 
HIS ND1   CE1    doub Y N 211 
HIS ND1   HD1    sing N N 212 
HIS CD2   NE2    sing Y N 213 
HIS CD2   HD2    sing N N 214 
HIS CE1   NE2    sing Y N 215 
HIS CE1   HE1    sing N N 216 
HIS NE2   HE2    sing N N 217 
HIS OXT   HXT    sing N N 218 
HOH O     H1     sing N N 219 
HOH O     H2     sing N N 220 
ILE N     CA     sing N N 221 
ILE N     H      sing N N 222 
ILE N     H2     sing N N 223 
ILE CA    C      sing N N 224 
ILE CA    CB     sing N N 225 
ILE CA    HA     sing N N 226 
ILE C     O      doub N N 227 
ILE C     OXT    sing N N 228 
ILE CB    CG1    sing N N 229 
ILE CB    CG2    sing N N 230 
ILE CB    HB     sing N N 231 
ILE CG1   CD1    sing N N 232 
ILE CG1   HG12   sing N N 233 
ILE CG1   HG13   sing N N 234 
ILE CG2   HG21   sing N N 235 
ILE CG2   HG22   sing N N 236 
ILE CG2   HG23   sing N N 237 
ILE CD1   HD11   sing N N 238 
ILE CD1   HD12   sing N N 239 
ILE CD1   HD13   sing N N 240 
ILE OXT   HXT    sing N N 241 
LEU N     CA     sing N N 242 
LEU N     H      sing N N 243 
LEU N     H2     sing N N 244 
LEU CA    C      sing N N 245 
LEU CA    CB     sing N N 246 
LEU CA    HA     sing N N 247 
LEU C     O      doub N N 248 
LEU C     OXT    sing N N 249 
LEU CB    CG     sing N N 250 
LEU CB    HB2    sing N N 251 
LEU CB    HB3    sing N N 252 
LEU CG    CD1    sing N N 253 
LEU CG    CD2    sing N N 254 
LEU CG    HG     sing N N 255 
LEU CD1   HD11   sing N N 256 
LEU CD1   HD12   sing N N 257 
LEU CD1   HD13   sing N N 258 
LEU CD2   HD21   sing N N 259 
LEU CD2   HD22   sing N N 260 
LEU CD2   HD23   sing N N 261 
LEU OXT   HXT    sing N N 262 
LYS N     CA     sing N N 263 
LYS N     H      sing N N 264 
LYS N     H2     sing N N 265 
LYS CA    C      sing N N 266 
LYS CA    CB     sing N N 267 
LYS CA    HA     sing N N 268 
LYS C     O      doub N N 269 
LYS C     OXT    sing N N 270 
LYS CB    CG     sing N N 271 
LYS CB    HB2    sing N N 272 
LYS CB    HB3    sing N N 273 
LYS CG    CD     sing N N 274 
LYS CG    HG2    sing N N 275 
LYS CG    HG3    sing N N 276 
LYS CD    CE     sing N N 277 
LYS CD    HD2    sing N N 278 
LYS CD    HD3    sing N N 279 
LYS CE    NZ     sing N N 280 
LYS CE    HE2    sing N N 281 
LYS CE    HE3    sing N N 282 
LYS NZ    HZ1    sing N N 283 
LYS NZ    HZ2    sing N N 284 
LYS NZ    HZ3    sing N N 285 
LYS OXT   HXT    sing N N 286 
MET N     CA     sing N N 287 
MET N     H      sing N N 288 
MET N     H2     sing N N 289 
MET CA    C      sing N N 290 
MET CA    CB     sing N N 291 
MET CA    HA     sing N N 292 
MET C     O      doub N N 293 
MET C     OXT    sing N N 294 
MET CB    CG     sing N N 295 
MET CB    HB2    sing N N 296 
MET CB    HB3    sing N N 297 
MET CG    SD     sing N N 298 
MET CG    HG2    sing N N 299 
MET CG    HG3    sing N N 300 
MET SD    CE     sing N N 301 
MET CE    HE1    sing N N 302 
MET CE    HE2    sing N N 303 
MET CE    HE3    sing N N 304 
MET OXT   HXT    sing N N 305 
PHE N     CA     sing N N 306 
PHE N     H      sing N N 307 
PHE N     H2     sing N N 308 
PHE CA    C      sing N N 309 
PHE CA    CB     sing N N 310 
PHE CA    HA     sing N N 311 
PHE C     O      doub N N 312 
PHE C     OXT    sing N N 313 
PHE CB    CG     sing N N 314 
PHE CB    HB2    sing N N 315 
PHE CB    HB3    sing N N 316 
PHE CG    CD1    doub Y N 317 
PHE CG    CD2    sing Y N 318 
PHE CD1   CE1    sing Y N 319 
PHE CD1   HD1    sing N N 320 
PHE CD2   CE2    doub Y N 321 
PHE CD2   HD2    sing N N 322 
PHE CE1   CZ     doub Y N 323 
PHE CE1   HE1    sing N N 324 
PHE CE2   CZ     sing Y N 325 
PHE CE2   HE2    sing N N 326 
PHE CZ    HZ     sing N N 327 
PHE OXT   HXT    sing N N 328 
PRO N     CA     sing N N 329 
PRO N     CD     sing N N 330 
PRO N     H      sing N N 331 
PRO CA    C      sing N N 332 
PRO CA    CB     sing N N 333 
PRO CA    HA     sing N N 334 
PRO C     O      doub N N 335 
PRO C     OXT    sing N N 336 
PRO CB    CG     sing N N 337 
PRO CB    HB2    sing N N 338 
PRO CB    HB3    sing N N 339 
PRO CG    CD     sing N N 340 
PRO CG    HG2    sing N N 341 
PRO CG    HG3    sing N N 342 
PRO CD    HD2    sing N N 343 
PRO CD    HD3    sing N N 344 
PRO OXT   HXT    sing N N 345 
SER N     CA     sing N N 346 
SER N     H      sing N N 347 
SER N     H2     sing N N 348 
SER CA    C      sing N N 349 
SER CA    CB     sing N N 350 
SER CA    HA     sing N N 351 
SER C     O      doub N N 352 
SER C     OXT    sing N N 353 
SER CB    OG     sing N N 354 
SER CB    HB2    sing N N 355 
SER CB    HB3    sing N N 356 
SER OG    HG     sing N N 357 
SER OXT   HXT    sing N N 358 
THR N     CA     sing N N 359 
THR N     H      sing N N 360 
THR N     H2     sing N N 361 
THR CA    C      sing N N 362 
THR CA    CB     sing N N 363 
THR CA    HA     sing N N 364 
THR C     O      doub N N 365 
THR C     OXT    sing N N 366 
THR CB    OG1    sing N N 367 
THR CB    CG2    sing N N 368 
THR CB    HB     sing N N 369 
THR OG1   HG1    sing N N 370 
THR CG2   HG21   sing N N 371 
THR CG2   HG22   sing N N 372 
THR CG2   HG23   sing N N 373 
THR OXT   HXT    sing N N 374 
TRP N     CA     sing N N 375 
TRP N     H      sing N N 376 
TRP N     H2     sing N N 377 
TRP CA    C      sing N N 378 
TRP CA    CB     sing N N 379 
TRP CA    HA     sing N N 380 
TRP C     O      doub N N 381 
TRP C     OXT    sing N N 382 
TRP CB    CG     sing N N 383 
TRP CB    HB2    sing N N 384 
TRP CB    HB3    sing N N 385 
TRP CG    CD1    doub Y N 386 
TRP CG    CD2    sing Y N 387 
TRP CD1   NE1    sing Y N 388 
TRP CD1   HD1    sing N N 389 
TRP CD2   CE2    doub Y N 390 
TRP CD2   CE3    sing Y N 391 
TRP NE1   CE2    sing Y N 392 
TRP NE1   HE1    sing N N 393 
TRP CE2   CZ2    sing Y N 394 
TRP CE3   CZ3    doub Y N 395 
TRP CE3   HE3    sing N N 396 
TRP CZ2   CH2    doub Y N 397 
TRP CZ2   HZ2    sing N N 398 
TRP CZ3   CH2    sing Y N 399 
TRP CZ3   HZ3    sing N N 400 
TRP CH2   HH2    sing N N 401 
TRP OXT   HXT    sing N N 402 
TYR N     CA     sing N N 403 
TYR N     H      sing N N 404 
TYR N     H2     sing N N 405 
TYR CA    C      sing N N 406 
TYR CA    CB     sing N N 407 
TYR CA    HA     sing N N 408 
TYR C     O      doub N N 409 
TYR C     OXT    sing N N 410 
TYR CB    CG     sing N N 411 
TYR CB    HB2    sing N N 412 
TYR CB    HB3    sing N N 413 
TYR CG    CD1    doub Y N 414 
TYR CG    CD2    sing Y N 415 
TYR CD1   CE1    sing Y N 416 
TYR CD1   HD1    sing N N 417 
TYR CD2   CE2    doub Y N 418 
TYR CD2   HD2    sing N N 419 
TYR CE1   CZ     doub Y N 420 
TYR CE1   HE1    sing N N 421 
TYR CE2   CZ     sing Y N 422 
TYR CE2   HE2    sing N N 423 
TYR CZ    OH     sing N N 424 
TYR OH    HH     sing N N 425 
TYR OXT   HXT    sing N N 426 
VAL N     CA     sing N N 427 
VAL N     H      sing N N 428 
VAL N     H2     sing N N 429 
VAL CA    C      sing N N 430 
VAL CA    CB     sing N N 431 
VAL CA    HA     sing N N 432 
VAL C     O      doub N N 433 
VAL C     OXT    sing N N 434 
VAL CB    CG1    sing N N 435 
VAL CB    CG2    sing N N 436 
VAL CB    HB     sing N N 437 
VAL CG1   HG11   sing N N 438 
VAL CG1   HG12   sing N N 439 
VAL CG1   HG13   sing N N 440 
VAL CG2   HG21   sing N N 441 
VAL CG2   HG22   sing N N 442 
VAL CG2   HG23   sing N N 443 
VAL OXT   HXT    sing N N 444 
# 
loop_
_pdbx_entity_nonpoly.entity_id 
_pdbx_entity_nonpoly.name 
_pdbx_entity_nonpoly.comp_id 
2 'FLAVIN MONONUCLEOTIDE' FMN 
3 P-HYDROXYBENZALDEHYDE   HBA 
4 water                   HOH 
# 
_pdbx_initial_refinement_model.id               1 
_pdbx_initial_refinement_model.entity_id_list   ? 
_pdbx_initial_refinement_model.type             'experimental model' 
_pdbx_initial_refinement_model.source_name      PDB 
_pdbx_initial_refinement_model.accession_code   2R6V 
_pdbx_initial_refinement_model.details          'PDB ENTRY 2R6V' 
# 
